data_4FZH
#
_entry.id   4FZH
#
_cell.length_a   124.606
_cell.length_b   124.606
_cell.length_c   284.914
_cell.angle_alpha   90.00
_cell.angle_beta   90.00
_cell.angle_gamma   120.00
#
_symmetry.space_group_name_H-M   'P 31 2 1'
#
loop_
_entity.id
_entity.type
_entity.pdbx_description
1 polymer Hemagglutinin-neuraminidase
2 branched 2-acetamido-2-deoxy-beta-D-glucopyranose-(1-4)-2-acetamido-2-deoxy-beta-D-glucopyranose
3 non-polymer 2-acetamido-2-deoxy-beta-D-glucopyranose
#
_entity_poly.entity_id   1
_entity_poly.type   'polypeptide(L)'
_entity_poly.pdbx_seq_one_letter_code
;MGILPSPGMPALLSLVSLLSVLLMGCVAETGHHHHHHLVPRGSGAPIHDPDYIGGIGKELIVDDASDVTSFYPSAFQEHL
NFIPAPTTGSGCTRIPSFDMSATHYCYTHNVILSGCRDHSHSHQYLALGVLRTSATGRVFFSTLHSINLDDTQNRKSCSV
SATPLGCDMLCSKVTETEEEDYNSAVPTSMVHGRLGFDGQYHEKDLDVTTLFEDWVANYPGVGGGSFIDNRVWFPVYGGL
KPNSPSDTAQEGKYVIYKRYNDTCPDEQDYQIRMAKSSYKPGRFGGKRVQQAILSIKVSTSLGEDPVLTVPPNTVTLMGA
EGRVLTVGTSHFLYQRGSSYFSPALLYPMTVSNKTATLHSPYTFDAFTRPGSVPCQASARCPNSCVTGVYTDPYPLVFYR
NHTLRGVFGTMLDDKQARLNPVSAVFDSISRSRITRVSSSSTKAAYTTSTCFKVVKTNKTYCLSIAEISNTLFGEFRIVP
LLVEILKDDGVREARAGRLSQLREGWKDDIVSPIFCDAKNQTEYRRELESYAASWP
;
_entity_poly.pdbx_strand_id   A,B,C,D
#
loop_
_chem_comp.id
_chem_comp.type
_chem_comp.name
_chem_comp.formula
NAG D-saccharide, beta linking 2-acetamido-2-deoxy-beta-D-glucopyranose 'C8 H15 N O6'
#
# COMPACT_ATOMS: atom_id res chain seq x y z
N GLY A 44 11.07 22.52 0.37
CA GLY A 44 10.40 21.29 0.72
C GLY A 44 11.16 20.43 1.72
N ALA A 45 12.46 20.69 1.87
CA ALA A 45 13.31 19.94 2.78
C ALA A 45 13.33 20.53 4.20
N PRO A 46 13.42 19.64 5.22
CA PRO A 46 13.55 19.94 6.65
C PRO A 46 14.92 20.50 7.06
N ILE A 47 15.95 20.10 6.32
CA ILE A 47 17.34 20.48 6.58
C ILE A 47 17.75 20.19 8.02
N HIS A 48 18.56 21.07 8.59
CA HIS A 48 19.11 20.84 9.92
C HIS A 48 19.01 22.17 10.64
N ASP A 49 19.55 22.24 11.85
CA ASP A 49 19.68 23.51 12.54
C ASP A 49 20.85 24.31 11.95
N PRO A 50 20.72 25.64 11.91
CA PRO A 50 21.72 26.51 11.27
C PRO A 50 23.14 26.33 11.79
N ASP A 51 23.31 25.82 13.02
CA ASP A 51 24.64 25.69 13.57
C ASP A 51 25.45 24.57 12.92
N TYR A 52 24.75 23.55 12.43
CA TYR A 52 25.40 22.40 11.82
C TYR A 52 25.76 22.62 10.37
N ILE A 53 25.08 23.57 9.72
CA ILE A 53 25.17 23.71 8.26
C ILE A 53 26.58 24.05 7.74
N GLY A 54 27.09 23.23 6.83
CA GLY A 54 28.43 23.36 6.30
C GLY A 54 29.45 22.32 6.77
N GLY A 55 29.15 21.65 7.89
CA GLY A 55 30.06 20.65 8.44
C GLY A 55 29.77 19.22 8.03
N ILE A 56 28.54 18.96 7.60
CA ILE A 56 28.14 17.61 7.22
C ILE A 56 28.73 17.20 5.88
N GLY A 57 29.00 15.90 5.76
CA GLY A 57 29.42 15.34 4.49
C GLY A 57 30.58 16.06 3.86
N LYS A 58 31.60 16.38 4.67
CA LYS A 58 32.79 17.01 4.12
C LYS A 58 34.03 16.46 4.79
N GLU A 59 35.18 16.96 4.34
CA GLU A 59 36.43 16.57 4.92
C GLU A 59 36.61 17.30 6.24
N LEU A 60 36.80 16.55 7.32
CA LEU A 60 36.84 17.11 8.66
C LEU A 60 38.19 17.71 9.04
N ILE A 61 39.26 17.00 8.70
CA ILE A 61 40.60 17.39 9.15
C ILE A 61 41.66 17.32 8.06
N VAL A 62 42.33 18.44 7.77
CA VAL A 62 43.51 18.39 6.93
C VAL A 62 44.73 19.08 7.54
N ASP A 63 45.69 18.27 7.97
CA ASP A 63 46.98 18.74 8.45
C ASP A 63 48.04 17.77 7.95
N ASP A 64 49.02 18.24 7.19
CA ASP A 64 50.12 17.38 6.79
C ASP A 64 51.18 17.41 7.87
N ALA A 65 51.08 18.39 8.74
CA ALA A 65 52.03 18.63 9.83
C ALA A 65 51.78 17.72 11.04
N SER A 66 50.51 17.60 11.39
CA SER A 66 50.12 16.78 12.53
C SER A 66 50.22 15.30 12.19
N ASP A 67 50.40 14.47 13.22
CA ASP A 67 50.43 13.04 13.05
C ASP A 67 48.99 12.53 13.12
N VAL A 68 48.67 11.53 12.32
CA VAL A 68 47.31 11.06 12.27
C VAL A 68 46.83 10.71 13.67
N THR A 69 47.69 10.00 14.40
CA THR A 69 47.33 9.39 15.68
C THR A 69 47.37 10.40 16.81
N SER A 70 47.61 11.65 16.45
CA SER A 70 47.53 12.74 17.40
C SER A 70 46.08 13.14 17.68
N PHE A 71 45.17 12.69 16.81
CA PHE A 71 43.76 12.97 17.01
C PHE A 71 43.09 11.81 17.70
N TYR A 72 42.32 12.08 18.74
CA TYR A 72 41.71 10.97 19.46
C TYR A 72 40.28 11.28 19.90
N PRO A 73 39.49 10.22 20.11
CA PRO A 73 38.12 10.35 20.59
C PRO A 73 38.08 10.81 22.03
N SER A 74 37.13 11.69 22.32
CA SER A 74 36.90 12.16 23.67
C SER A 74 36.30 11.02 24.45
N ALA A 75 35.93 11.28 25.70
CA ALA A 75 35.07 10.35 26.43
C ALA A 75 33.66 10.45 25.85
N PHE A 76 32.86 9.39 25.98
CA PHE A 76 31.54 9.39 25.35
C PHE A 76 30.65 10.50 25.89
N GLN A 77 29.85 11.07 25.01
CA GLN A 77 29.14 12.30 25.31
C GLN A 77 27.66 12.07 25.59
N GLU A 78 27.10 12.93 26.45
CA GLU A 78 25.68 12.88 26.78
C GLU A 78 24.80 13.52 25.71
N HIS A 79 23.91 12.73 25.13
CA HIS A 79 22.94 13.26 24.18
C HIS A 79 21.65 12.45 24.19
N LEU A 80 20.60 13.03 23.61
CA LEU A 80 19.28 12.44 23.61
C LEU A 80 19.18 11.38 22.52
N ASN A 81 18.89 10.15 22.94
CA ASN A 81 18.98 8.99 22.07
C ASN A 81 17.81 8.84 21.12
N PHE A 82 18.09 8.77 19.83
CA PHE A 82 17.05 8.72 18.80
C PHE A 82 16.73 7.31 18.32
N ILE A 83 17.49 6.33 18.81
CA ILE A 83 17.28 4.95 18.42
C ILE A 83 16.45 4.24 19.48
N PRO A 84 15.24 3.80 19.12
CA PRO A 84 14.38 3.10 20.06
C PRO A 84 15.08 1.90 20.67
N ALA A 85 14.65 1.55 21.87
CA ALA A 85 15.16 0.41 22.59
C ALA A 85 14.01 -0.56 22.75
N PRO A 86 14.32 -1.84 22.99
CA PRO A 86 13.39 -2.97 22.98
C PRO A 86 12.20 -2.83 23.92
N THR A 87 11.17 -3.61 23.63
CA THR A 87 10.02 -3.82 24.52
C THR A 87 9.89 -5.31 24.83
N THR A 88 9.75 -6.12 23.80
CA THR A 88 9.69 -7.56 23.94
C THR A 88 10.83 -8.06 24.78
N GLY A 89 10.50 -8.91 25.74
CA GLY A 89 11.52 -9.56 26.54
C GLY A 89 11.91 -10.86 25.88
N SER A 90 11.70 -10.95 24.57
CA SER A 90 12.00 -12.17 23.82
C SER A 90 12.97 -11.97 22.65
N GLY A 91 12.49 -11.47 21.53
CA GLY A 91 13.32 -11.31 20.35
C GLY A 91 14.30 -10.16 20.47
N CYS A 92 15.34 -10.16 19.64
CA CYS A 92 16.33 -9.09 19.68
C CYS A 92 16.05 -8.01 18.62
N THR A 93 16.87 -6.96 18.62
CA THR A 93 16.87 -5.95 17.54
C THR A 93 18.30 -5.59 17.09
N ARG A 94 18.59 -5.88 15.83
CA ARG A 94 19.96 -5.90 15.30
C ARG A 94 20.11 -5.11 14.02
N ILE A 95 21.34 -5.07 13.54
CA ILE A 95 21.64 -4.73 12.14
C ILE A 95 21.16 -3.36 11.71
N PRO A 96 21.80 -2.29 12.21
CA PRO A 96 21.55 -0.89 11.84
C PRO A 96 22.26 -0.40 10.56
N SER A 97 21.64 0.58 9.90
CA SER A 97 22.27 1.23 8.76
C SER A 97 22.00 2.75 8.81
N PHE A 98 23.03 3.54 8.55
CA PHE A 98 22.95 5.00 8.75
C PHE A 98 23.64 5.81 7.64
N ASP A 99 22.98 6.84 7.11
CA ASP A 99 23.61 7.74 6.12
C ASP A 99 23.21 9.21 6.31
N MET A 100 24.20 10.11 6.32
CA MET A 100 23.97 11.50 6.67
C MET A 100 23.98 12.46 5.48
N SER A 101 22.81 12.98 5.13
CA SER A 101 22.69 13.99 4.09
C SER A 101 23.14 15.34 4.57
N ALA A 102 23.44 16.21 3.61
CA ALA A 102 23.74 17.60 3.92
C ALA A 102 22.48 18.29 4.42
N THR A 103 21.34 17.63 4.25
CA THR A 103 20.10 18.10 4.82
C THR A 103 19.72 17.29 6.06
N HIS A 104 19.44 16.00 5.86
CA HIS A 104 18.91 15.17 6.94
C HIS A 104 19.72 13.89 7.18
N TYR A 105 19.23 13.02 8.06
CA TYR A 105 19.83 11.72 8.24
C TYR A 105 18.82 10.62 8.00
N CYS A 106 19.32 9.40 7.81
CA CYS A 106 18.46 8.23 7.66
C CYS A 106 19.05 7.03 8.38
N TYR A 107 18.27 6.48 9.31
CA TYR A 107 18.70 5.31 10.07
C TYR A 107 17.61 4.23 10.13
N THR A 108 18.02 2.99 10.27
CA THR A 108 17.06 1.91 10.40
C THR A 108 17.64 0.68 11.10
N HIS A 109 16.76 -0.15 11.62
CA HIS A 109 17.19 -1.43 12.16
C HIS A 109 16.10 -2.53 12.10
N ASN A 110 16.53 -3.76 11.86
CA ASN A 110 15.65 -4.92 11.87
C ASN A 110 15.35 -5.38 13.30
N VAL A 111 14.17 -5.98 13.50
CA VAL A 111 13.79 -6.51 14.83
C VAL A 111 13.22 -7.93 14.76
N ILE A 112 13.90 -8.90 15.39
CA ILE A 112 13.40 -10.27 15.37
C ILE A 112 12.30 -10.46 16.41
N LEU A 113 11.11 -10.86 15.97
CA LEU A 113 9.98 -10.97 16.88
C LEU A 113 10.19 -12.03 17.94
N SER A 114 10.80 -13.14 17.55
CA SER A 114 11.13 -14.19 18.51
C SER A 114 12.51 -14.77 18.23
N GLY A 115 13.32 -14.92 19.27
CA GLY A 115 14.65 -15.46 19.08
C GLY A 115 15.45 -14.43 18.32
N CYS A 116 16.75 -14.61 18.23
CA CYS A 116 17.58 -13.67 17.47
C CYS A 116 18.00 -14.24 16.13
N ARG A 117 17.58 -15.48 15.87
CA ARG A 117 18.03 -16.17 14.66
C ARG A 117 17.68 -15.40 13.40
N ASP A 118 18.64 -15.38 12.48
CA ASP A 118 18.55 -14.60 11.25
C ASP A 118 17.19 -14.73 10.55
N HIS A 119 16.92 -15.93 10.04
CA HIS A 119 15.76 -16.18 9.19
C HIS A 119 14.42 -15.71 9.77
N SER A 120 14.31 -15.65 11.10
CA SER A 120 13.02 -15.49 11.76
C SER A 120 12.30 -14.17 11.42
N HIS A 121 10.99 -14.16 11.59
CA HIS A 121 10.15 -13.04 11.17
C HIS A 121 10.57 -11.71 11.81
N SER A 122 10.68 -10.68 10.98
CA SER A 122 11.31 -9.44 11.41
C SER A 122 10.64 -8.15 10.94
N HIS A 123 10.27 -7.29 11.90
CA HIS A 123 9.79 -5.96 11.56
C HIS A 123 10.97 -5.10 11.13
N GLN A 124 10.69 -3.89 10.69
CA GLN A 124 11.73 -2.95 10.36
C GLN A 124 11.28 -1.56 10.76
N TYR A 125 12.08 -0.86 11.55
CA TYR A 125 11.80 0.53 11.89
C TYR A 125 12.75 1.40 11.10
N LEU A 126 12.21 2.35 10.36
CA LEU A 126 13.00 3.28 9.58
C LEU A 126 12.68 4.70 10.05
N ALA A 127 13.70 5.52 10.24
CA ALA A 127 13.42 6.90 10.65
C ALA A 127 14.21 7.88 9.82
N LEU A 128 13.69 9.11 9.75
CA LEU A 128 14.41 10.23 9.16
C LEU A 128 14.35 11.40 10.14
N GLY A 129 15.49 12.05 10.32
CA GLY A 129 15.63 13.02 11.37
C GLY A 129 16.73 13.99 11.03
N VAL A 130 17.10 14.80 12.01
CA VAL A 130 17.89 15.97 11.72
C VAL A 130 18.75 16.34 12.92
N LEU A 131 19.90 16.96 12.68
CA LEU A 131 20.68 17.53 13.76
C LEU A 131 20.02 18.79 14.31
N ARG A 132 19.91 18.88 15.64
CA ARG A 132 19.36 20.07 16.29
C ARG A 132 20.20 20.45 17.49
N THR A 133 20.31 21.75 17.74
CA THR A 133 21.11 22.24 18.87
C THR A 133 20.21 22.90 19.93
N SER A 134 20.29 22.39 21.14
CA SER A 134 19.40 22.79 22.21
C SER A 134 19.74 24.21 22.63
N ALA A 135 19.05 24.72 23.64
CA ALA A 135 19.36 26.05 24.12
C ALA A 135 20.84 26.16 24.48
N THR A 136 21.35 25.12 25.14
CA THR A 136 22.73 25.10 25.66
C THR A 136 23.74 24.73 24.57
N GLY A 137 23.22 24.50 23.36
CA GLY A 137 24.06 24.17 22.23
C GLY A 137 24.43 22.71 22.19
N ARG A 138 24.09 22.00 23.25
CA ARG A 138 24.39 20.57 23.34
C ARG A 138 23.90 19.86 22.09
N VAL A 139 24.76 19.07 21.45
CA VAL A 139 24.39 18.39 20.20
C VAL A 139 23.44 17.23 20.45
N PHE A 140 22.47 17.03 19.58
CA PHE A 140 21.64 15.82 19.64
C PHE A 140 20.94 15.51 18.31
N PHE A 141 20.50 14.27 18.15
CA PHE A 141 19.80 13.86 16.92
C PHE A 141 18.29 13.78 17.10
N SER A 142 17.54 14.34 16.16
CA SER A 142 16.08 14.40 16.26
C SER A 142 15.38 13.61 15.15
N THR A 143 14.36 12.87 15.51
CA THR A 143 13.56 12.13 14.53
C THR A 143 12.34 12.95 14.11
N LEU A 144 12.31 13.34 12.84
CA LEU A 144 11.19 14.12 12.31
C LEU A 144 9.96 13.29 11.93
N HIS A 145 10.18 12.11 11.35
CA HIS A 145 9.08 11.21 11.00
C HIS A 145 9.55 9.78 11.04
N SER A 146 8.64 8.85 11.28
CA SER A 146 9.04 7.45 11.35
C SER A 146 7.96 6.53 10.81
N ILE A 147 8.36 5.37 10.32
CA ILE A 147 7.44 4.33 9.91
C ILE A 147 7.91 2.98 10.44
N ASN A 148 7.01 2.25 11.11
CA ASN A 148 7.33 0.95 11.67
C ASN A 148 6.63 -0.14 10.87
N LEU A 149 7.38 -0.94 10.11
CA LEU A 149 6.74 -1.93 9.24
C LEU A 149 6.59 -3.25 9.97
N ASP A 150 5.35 -3.55 10.36
CA ASP A 150 5.00 -4.77 11.08
C ASP A 150 4.37 -5.83 10.18
N ASP A 151 4.31 -5.56 8.87
CA ASP A 151 3.51 -6.40 7.98
C ASP A 151 4.09 -7.80 7.76
N THR A 152 3.45 -8.55 6.87
CA THR A 152 3.77 -9.94 6.68
C THR A 152 5.06 -10.18 5.88
N GLN A 153 5.46 -9.22 5.06
CA GLN A 153 6.72 -9.34 4.29
C GLN A 153 7.95 -9.25 5.19
N ASN A 154 8.88 -10.18 5.02
CA ASN A 154 10.10 -10.20 5.82
C ASN A 154 11.22 -9.38 5.20
N ARG A 155 11.67 -8.34 5.89
CA ARG A 155 12.75 -7.51 5.35
C ARG A 155 14.06 -7.74 6.12
N LYS A 156 15.09 -8.18 5.39
CA LYS A 156 16.38 -8.47 6.00
C LYS A 156 17.52 -7.73 5.26
N SER A 157 18.66 -7.62 5.94
CA SER A 157 19.86 -6.94 5.43
C SER A 157 19.50 -5.66 4.74
N CYS A 158 18.92 -4.74 5.50
CA CYS A 158 18.38 -3.50 4.97
C CYS A 158 19.40 -2.36 5.00
N SER A 159 19.65 -1.79 3.83
CA SER A 159 20.54 -0.65 3.71
C SER A 159 19.76 0.62 3.38
N VAL A 160 20.25 1.76 3.84
CA VAL A 160 19.54 3.01 3.64
C VAL A 160 20.50 4.09 3.16
N SER A 161 19.94 5.15 2.59
CA SER A 161 20.78 6.24 2.11
C SER A 161 20.01 7.56 2.18
N ALA A 162 20.70 8.62 2.54
CA ALA A 162 20.08 9.93 2.60
C ALA A 162 20.05 10.54 1.20
N THR A 163 18.85 10.88 0.73
CA THR A 163 18.66 11.33 -0.63
C THR A 163 17.81 12.59 -0.60
N PRO A 164 17.81 13.35 -1.72
CA PRO A 164 17.07 14.59 -1.85
C PRO A 164 15.57 14.43 -1.60
N LEU A 165 15.04 13.24 -1.86
CA LEU A 165 13.61 13.03 -1.70
C LEU A 165 13.19 12.53 -0.31
N GLY A 166 14.15 12.10 0.49
CA GLY A 166 13.78 11.42 1.70
C GLY A 166 14.81 10.41 2.15
N CYS A 167 14.29 9.37 2.80
CA CYS A 167 15.07 8.19 3.15
C CYS A 167 14.83 7.01 2.22
N ASP A 168 15.76 6.80 1.29
CA ASP A 168 15.69 5.66 0.40
C ASP A 168 16.36 4.51 1.11
N MET A 169 15.81 3.31 0.96
CA MET A 169 16.44 2.13 1.54
C MET A 169 16.17 0.92 0.69
N LEU A 170 17.06 -0.06 0.78
CA LEU A 170 17.03 -1.25 -0.05
C LEU A 170 17.06 -2.51 0.80
N CYS A 171 15.96 -3.26 0.79
CA CYS A 171 15.84 -4.46 1.61
C CYS A 171 15.54 -5.66 0.73
N SER A 172 16.00 -6.83 1.15
CA SER A 172 15.57 -8.07 0.50
C SER A 172 14.47 -8.65 1.37
N LYS A 173 13.42 -9.15 0.73
CA LYS A 173 12.39 -9.84 1.48
C LYS A 173 12.76 -11.30 1.45
N VAL A 174 12.70 -11.98 2.60
CA VAL A 174 13.12 -13.38 2.64
C VAL A 174 12.01 -14.35 2.99
N THR A 175 11.73 -15.24 2.04
CA THR A 175 10.77 -16.32 2.25
C THR A 175 11.43 -17.47 2.98
N GLU A 176 12.70 -17.70 2.71
CA GLU A 176 13.40 -18.88 3.22
C GLU A 176 14.67 -18.53 4.00
N THR A 177 15.31 -19.54 4.57
CA THR A 177 16.57 -19.38 5.28
C THR A 177 17.66 -19.14 4.27
N GLU A 178 18.78 -18.56 4.69
CA GLU A 178 19.88 -18.34 3.77
C GLU A 178 20.25 -19.65 3.10
N GLU A 179 20.31 -20.71 3.90
CA GLU A 179 20.60 -22.04 3.39
C GLU A 179 19.70 -22.38 2.22
N GLU A 180 18.40 -22.26 2.45
CA GLU A 180 17.41 -22.60 1.45
C GLU A 180 17.60 -21.81 0.15
N ASP A 181 18.04 -20.55 0.27
CA ASP A 181 18.09 -19.65 -0.89
C ASP A 181 19.35 -19.67 -1.75
N TYR A 182 20.43 -20.24 -1.22
CA TYR A 182 21.63 -20.45 -2.03
C TYR A 182 21.46 -21.71 -2.85
N ASN A 183 20.55 -22.56 -2.41
CA ASN A 183 20.07 -23.64 -3.26
C ASN A 183 18.96 -23.15 -4.20
N SER A 184 18.24 -22.10 -3.80
CA SER A 184 17.19 -21.56 -4.64
C SER A 184 17.85 -20.91 -5.85
N ALA A 185 17.52 -21.41 -7.04
CA ALA A 185 18.09 -20.90 -8.27
C ALA A 185 17.58 -19.48 -8.49
N VAL A 186 16.46 -19.18 -7.82
CA VAL A 186 15.88 -17.85 -7.85
C VAL A 186 16.60 -16.84 -6.93
N PRO A 187 16.99 -15.71 -7.50
CA PRO A 187 17.43 -14.50 -6.81
C PRO A 187 16.37 -14.03 -5.81
N THR A 188 16.84 -13.45 -4.70
CA THR A 188 15.97 -13.00 -3.63
C THR A 188 15.17 -11.81 -4.05
N SER A 189 13.90 -11.80 -3.73
CA SER A 189 13.10 -10.61 -3.96
C SER A 189 13.68 -9.46 -3.14
N MET A 190 13.77 -8.30 -3.77
CA MET A 190 14.14 -7.08 -3.07
C MET A 190 13.11 -5.99 -3.32
N VAL A 191 13.04 -5.05 -2.40
CA VAL A 191 12.12 -3.92 -2.50
C VAL A 191 12.86 -2.64 -2.25
N HIS A 192 12.44 -1.58 -2.92
CA HIS A 192 12.99 -0.25 -2.67
C HIS A 192 11.87 0.62 -2.11
N GLY A 193 11.96 0.93 -0.84
CA GLY A 193 11.03 1.87 -0.22
C GLY A 193 11.69 3.22 0.01
N ARG A 194 10.86 4.23 0.25
CA ARG A 194 11.38 5.54 0.64
C ARG A 194 10.45 6.24 1.62
N LEU A 195 10.99 6.76 2.70
CA LEU A 195 10.21 7.55 3.64
C LEU A 195 10.32 9.02 3.29
N GLY A 196 9.23 9.63 2.84
CA GLY A 196 9.23 11.02 2.42
C GLY A 196 9.04 12.01 3.56
N PHE A 197 9.63 13.20 3.42
CA PHE A 197 9.58 14.20 4.48
C PHE A 197 8.15 14.37 4.93
N ASP A 198 7.22 14.07 4.02
CA ASP A 198 5.80 14.12 4.27
C ASP A 198 5.38 13.12 5.36
N GLY A 199 6.29 12.21 5.70
CA GLY A 199 6.03 11.22 6.74
C GLY A 199 5.48 9.91 6.20
N GLN A 200 4.90 9.93 5.00
CA GLN A 200 4.33 8.74 4.38
C GLN A 200 5.40 7.80 3.86
N TYR A 201 5.06 6.52 3.67
CA TYR A 201 6.03 5.56 3.18
C TYR A 201 5.54 4.72 2.01
N HIS A 202 6.36 4.59 0.98
CA HIS A 202 5.97 3.88 -0.23
C HIS A 202 7.03 2.89 -0.64
N GLU A 203 6.58 1.76 -1.17
CA GLU A 203 7.47 0.66 -1.53
C GLU A 203 7.34 0.35 -3.01
N LYS A 204 8.46 0.03 -3.65
CA LYS A 204 8.41 -0.62 -4.94
C LYS A 204 9.35 -1.80 -4.96
N ASP A 205 8.79 -2.99 -5.16
CA ASP A 205 9.57 -4.19 -5.22
C ASP A 205 10.21 -4.26 -6.60
N LEU A 206 11.54 -4.19 -6.64
CA LEU A 206 12.26 -4.15 -7.90
C LEU A 206 12.39 -5.56 -8.44
N ASP A 207 12.50 -5.69 -9.77
CA ASP A 207 12.27 -6.99 -10.41
C ASP A 207 13.54 -7.78 -10.61
N VAL A 208 13.69 -8.80 -9.78
CA VAL A 208 14.99 -9.42 -9.54
C VAL A 208 15.37 -10.42 -10.61
N THR A 209 14.37 -11.10 -11.16
CA THR A 209 14.63 -12.16 -12.12
C THR A 209 15.48 -11.67 -13.28
N THR A 210 15.21 -10.45 -13.71
CA THR A 210 15.98 -9.84 -14.79
C THR A 210 17.28 -9.18 -14.32
N LEU A 211 17.21 -8.42 -13.23
CA LEU A 211 18.34 -7.61 -12.75
C LEU A 211 19.47 -8.43 -12.14
N PHE A 212 19.09 -9.34 -11.25
CA PHE A 212 20.04 -10.18 -10.54
C PHE A 212 20.24 -11.54 -11.22
N GLU A 213 19.72 -11.67 -12.42
CA GLU A 213 19.50 -12.96 -13.06
C GLU A 213 20.61 -13.99 -12.84
N ASP A 214 21.86 -13.54 -12.78
CA ASP A 214 23.00 -14.45 -12.62
C ASP A 214 23.28 -14.80 -11.15
N TRP A 215 22.40 -14.38 -10.26
CA TRP A 215 22.59 -14.61 -8.84
C TRP A 215 21.65 -15.67 -8.27
N VAL A 216 22.19 -16.50 -7.39
CA VAL A 216 21.43 -17.57 -6.74
C VAL A 216 20.65 -16.97 -5.59
N ALA A 217 21.32 -16.06 -4.89
CA ALA A 217 20.75 -15.25 -3.81
C ALA A 217 21.39 -13.86 -3.81
N ASN A 218 20.68 -12.86 -3.30
CA ASN A 218 21.18 -11.49 -3.33
C ASN A 218 20.76 -10.66 -2.11
N TYR A 219 21.71 -9.92 -1.55
CA TYR A 219 21.43 -9.15 -0.36
C TYR A 219 22.09 -7.78 -0.35
N PRO A 220 21.41 -6.81 0.24
CA PRO A 220 21.93 -5.45 0.45
C PRO A 220 22.96 -5.49 1.56
N GLY A 221 23.83 -4.50 1.55
CA GLY A 221 25.05 -4.51 2.33
C GLY A 221 24.91 -3.99 3.74
N VAL A 222 23.69 -4.07 4.29
CA VAL A 222 23.50 -3.56 5.64
C VAL A 222 23.90 -2.08 5.66
N GLY A 223 25.04 -1.76 6.26
CA GLY A 223 25.40 -0.36 6.39
C GLY A 223 25.12 0.38 5.10
N GLY A 224 24.58 1.58 5.23
CA GLY A 224 23.91 2.27 4.14
C GLY A 224 24.73 2.76 2.96
N GLY A 225 24.02 3.06 1.87
CA GLY A 225 24.61 3.66 0.68
C GLY A 225 24.51 5.16 0.76
N SER A 226 25.02 5.85 -0.26
CA SER A 226 24.90 7.30 -0.30
C SER A 226 24.28 7.79 -1.62
N PHE A 227 23.79 9.02 -1.62
CA PHE A 227 23.17 9.59 -2.80
C PHE A 227 24.17 10.33 -3.69
N ILE A 228 24.36 9.86 -4.92
CA ILE A 228 25.34 10.44 -5.82
C ILE A 228 24.79 10.58 -7.24
N ASP A 229 25.09 11.71 -7.88
CA ASP A 229 24.80 11.90 -9.30
C ASP A 229 23.33 11.66 -9.69
N ASN A 230 22.42 12.11 -8.84
CA ASN A 230 20.98 12.00 -9.14
C ASN A 230 20.53 10.55 -9.24
N ARG A 231 21.30 9.68 -8.60
CA ARG A 231 20.89 8.30 -8.39
C ARG A 231 21.54 7.74 -7.13
N VAL A 232 20.81 6.90 -6.42
CA VAL A 232 21.27 6.35 -5.16
C VAL A 232 22.09 5.08 -5.41
N TRP A 233 23.14 4.87 -4.62
CA TRP A 233 24.01 3.70 -4.78
C TRP A 233 24.09 2.84 -3.51
N PHE A 234 23.90 1.53 -3.65
CA PHE A 234 23.89 0.64 -2.50
C PHE A 234 24.98 -0.43 -2.52
N PRO A 235 25.40 -0.89 -1.32
CA PRO A 235 26.22 -2.10 -1.16
C PRO A 235 25.40 -3.38 -1.35
N VAL A 236 25.94 -4.39 -2.02
CA VAL A 236 25.17 -5.60 -2.27
C VAL A 236 26.02 -6.86 -2.41
N TYR A 237 25.54 -7.97 -1.88
CA TYR A 237 26.30 -9.20 -2.02
C TYR A 237 25.41 -10.45 -2.12
N GLY A 238 25.97 -11.54 -2.62
CA GLY A 238 25.25 -12.79 -2.78
C GLY A 238 26.11 -13.80 -3.48
N GLY A 239 25.53 -14.95 -3.83
CA GLY A 239 26.21 -15.94 -4.64
C GLY A 239 25.85 -15.88 -6.11
N LEU A 240 26.73 -16.42 -6.95
CA LEU A 240 26.51 -16.45 -8.40
C LEU A 240 26.21 -17.87 -8.88
N LYS A 241 25.38 -17.97 -9.92
CA LYS A 241 25.12 -19.27 -10.52
C LYS A 241 26.39 -19.77 -11.21
N PRO A 242 26.78 -21.02 -10.93
CA PRO A 242 27.97 -21.62 -11.55
C PRO A 242 27.92 -21.51 -13.07
N ASN A 243 29.03 -21.04 -13.64
CA ASN A 243 29.16 -20.89 -15.08
C ASN A 243 28.17 -19.89 -15.69
N SER A 244 27.73 -18.94 -14.87
CA SER A 244 26.87 -17.86 -15.37
C SER A 244 27.73 -16.79 -16.01
N PRO A 245 27.12 -15.93 -16.84
CA PRO A 245 27.90 -14.86 -17.46
C PRO A 245 28.75 -14.14 -16.43
N SER A 246 28.16 -13.84 -15.28
CA SER A 246 28.95 -13.19 -14.25
C SER A 246 30.03 -14.13 -13.73
N ASP A 247 29.66 -15.37 -13.47
CA ASP A 247 30.60 -16.32 -12.87
C ASP A 247 31.80 -16.52 -13.78
N THR A 248 31.54 -16.75 -15.06
CA THR A 248 32.63 -16.97 -16.01
C THR A 248 33.52 -15.73 -16.07
N ALA A 249 32.91 -14.59 -15.85
CA ALA A 249 33.63 -13.32 -15.89
C ALA A 249 34.65 -13.19 -14.76
N GLN A 250 34.34 -13.83 -13.62
CA GLN A 250 35.20 -13.73 -12.44
C GLN A 250 36.19 -14.88 -12.35
N GLU A 251 36.10 -15.83 -13.28
CA GLU A 251 36.94 -17.01 -13.21
C GLU A 251 38.40 -16.63 -13.42
N GLY A 252 39.25 -17.08 -12.51
CA GLY A 252 40.66 -16.75 -12.54
C GLY A 252 40.96 -15.46 -11.79
N LYS A 253 39.93 -14.64 -11.59
CA LYS A 253 40.11 -13.35 -10.95
C LYS A 253 40.24 -13.49 -9.43
N TYR A 254 41.16 -12.71 -8.85
CA TYR A 254 41.47 -12.76 -7.42
C TYR A 254 42.53 -11.74 -7.05
N VAL A 255 42.69 -11.51 -5.76
CA VAL A 255 43.75 -10.63 -5.26
C VAL A 255 44.18 -11.02 -3.86
N ILE A 256 45.46 -10.87 -3.58
CA ILE A 256 45.93 -11.05 -2.23
C ILE A 256 46.37 -9.71 -1.66
N TYR A 257 45.86 -9.40 -0.48
CA TYR A 257 46.28 -8.20 0.22
C TYR A 257 47.11 -8.63 1.42
N LYS A 258 48.26 -7.98 1.62
CA LYS A 258 49.21 -8.43 2.64
C LYS A 258 49.22 -7.51 3.85
N ARG A 259 49.49 -8.09 5.02
CA ARG A 259 49.59 -7.31 6.25
C ARG A 259 50.90 -6.54 6.29
N TYR A 260 50.92 -5.45 7.06
CA TYR A 260 52.09 -4.57 7.11
C TYR A 260 53.19 -5.07 8.04
N ASN A 261 54.42 -5.08 7.54
CA ASN A 261 55.59 -5.50 8.30
C ASN A 261 55.57 -6.99 8.65
N ASP A 262 54.44 -7.64 8.37
CA ASP A 262 54.30 -9.06 8.62
C ASP A 262 53.93 -9.77 7.32
N THR A 263 54.82 -10.63 6.83
CA THR A 263 54.62 -11.29 5.55
C THR A 263 54.43 -12.80 5.68
N CYS A 264 53.56 -13.35 4.84
CA CYS A 264 53.24 -14.77 4.87
C CYS A 264 54.40 -15.62 4.36
N PRO A 265 54.81 -16.62 5.16
CA PRO A 265 55.90 -17.54 4.85
C PRO A 265 55.53 -18.50 3.74
N ASP A 266 54.25 -18.78 3.60
CA ASP A 266 53.80 -19.72 2.60
C ASP A 266 54.24 -19.27 1.20
N GLU A 267 54.71 -20.23 0.41
CA GLU A 267 55.29 -19.93 -0.90
C GLU A 267 54.26 -19.42 -1.91
N GLN A 268 54.74 -18.75 -2.95
CA GLN A 268 53.87 -18.01 -3.88
C GLN A 268 52.73 -18.82 -4.45
N ASP A 269 53.04 -19.99 -4.99
CA ASP A 269 52.00 -20.84 -5.54
C ASP A 269 50.87 -20.98 -4.56
N TYR A 270 51.18 -21.54 -3.40
CA TYR A 270 50.21 -21.79 -2.34
C TYR A 270 49.28 -20.59 -2.13
N GLN A 271 49.85 -19.44 -1.79
CA GLN A 271 49.05 -18.24 -1.53
C GLN A 271 48.00 -18.02 -2.61
N ILE A 272 48.41 -18.07 -3.87
CA ILE A 272 47.50 -17.92 -5.00
C ILE A 272 46.33 -18.90 -4.92
N ARG A 273 46.65 -20.17 -4.77
CA ARG A 273 45.65 -21.20 -4.63
C ARG A 273 44.69 -20.87 -3.48
N MET A 274 45.26 -20.56 -2.32
CA MET A 274 44.45 -20.24 -1.16
C MET A 274 43.60 -19.03 -1.46
N ALA A 275 44.24 -17.98 -1.94
CA ALA A 275 43.54 -16.75 -2.29
C ALA A 275 42.38 -17.03 -3.22
N LYS A 276 42.66 -17.79 -4.26
CA LYS A 276 41.63 -18.07 -5.24
C LYS A 276 40.45 -18.74 -4.56
N SER A 277 40.73 -19.60 -3.59
CA SER A 277 39.65 -20.30 -2.93
C SER A 277 38.78 -19.38 -2.09
N SER A 278 39.33 -18.26 -1.64
CA SER A 278 38.59 -17.36 -0.75
C SER A 278 37.21 -17.06 -1.31
N TYR A 279 37.13 -16.95 -2.62
CA TYR A 279 35.88 -16.58 -3.26
C TYR A 279 34.84 -17.71 -3.31
N LYS A 280 35.25 -18.94 -2.96
CA LYS A 280 34.32 -20.08 -2.97
C LYS A 280 34.36 -20.89 -1.67
N PRO A 281 34.04 -20.25 -0.54
CA PRO A 281 34.08 -20.89 0.78
C PRO A 281 33.10 -22.02 0.80
N GLY A 282 33.43 -23.08 1.55
CA GLY A 282 32.67 -24.31 1.52
C GLY A 282 31.32 -24.18 2.20
N ARG A 283 31.12 -23.07 2.90
CA ARG A 283 29.84 -22.79 3.52
C ARG A 283 28.79 -22.65 2.44
N PHE A 284 29.20 -22.06 1.32
CA PHE A 284 28.35 -21.85 0.15
C PHE A 284 28.46 -22.85 -1.00
N GLY A 285 29.22 -23.91 -0.79
CA GLY A 285 29.20 -25.05 -1.69
C GLY A 285 29.76 -24.78 -3.07
N GLY A 286 30.86 -24.03 -3.13
CA GLY A 286 31.59 -23.85 -4.37
C GLY A 286 30.92 -22.91 -5.34
N LYS A 287 29.92 -22.18 -4.86
CA LYS A 287 29.39 -21.07 -5.61
C LYS A 287 30.25 -19.87 -5.22
N ARG A 288 30.49 -18.97 -6.17
CA ARG A 288 31.32 -17.80 -5.95
C ARG A 288 30.54 -16.72 -5.17
N VAL A 289 31.15 -16.15 -4.15
CA VAL A 289 30.48 -15.12 -3.33
C VAL A 289 30.94 -13.70 -3.72
N GLN A 290 30.04 -12.92 -4.34
CA GLN A 290 30.43 -11.71 -5.08
C GLN A 290 29.95 -10.37 -4.50
N GLN A 291 30.86 -9.41 -4.40
CA GLN A 291 30.55 -8.06 -3.99
C GLN A 291 29.89 -7.29 -5.14
N ALA A 292 28.88 -6.47 -4.84
CA ALA A 292 28.14 -5.80 -5.91
C ALA A 292 27.66 -4.41 -5.51
N ILE A 293 27.69 -3.47 -6.44
CA ILE A 293 27.07 -2.18 -6.14
C ILE A 293 25.80 -1.95 -6.94
N LEU A 294 24.77 -1.48 -6.26
CA LEU A 294 23.48 -1.24 -6.89
C LEU A 294 23.19 0.24 -6.96
N SER A 295 22.80 0.71 -8.15
CA SER A 295 22.37 2.10 -8.35
C SER A 295 20.95 2.17 -8.89
N ILE A 296 20.11 2.91 -8.18
CA ILE A 296 18.77 3.28 -8.67
C ILE A 296 18.76 4.78 -8.82
N LYS A 297 18.07 5.29 -9.83
CA LYS A 297 17.94 6.73 -9.99
C LYS A 297 16.80 7.19 -9.10
N VAL A 298 17.12 8.06 -8.14
CA VAL A 298 16.11 8.53 -7.21
C VAL A 298 15.12 9.42 -7.93
N SER A 299 13.86 9.04 -7.86
CA SER A 299 12.84 9.66 -8.67
C SER A 299 11.48 9.45 -8.03
N THR A 300 10.50 10.23 -8.48
CA THR A 300 9.14 10.11 -7.97
C THR A 300 8.62 8.68 -8.13
N SER A 301 9.28 7.91 -8.99
CA SER A 301 8.96 6.48 -9.13
C SER A 301 10.06 5.67 -8.46
N LEU A 302 9.68 4.86 -7.47
CA LEU A 302 10.64 4.03 -6.75
C LEU A 302 11.14 2.85 -7.60
N GLY A 303 12.40 2.49 -7.39
CA GLY A 303 13.00 1.36 -8.10
C GLY A 303 13.00 1.47 -9.61
N GLU A 304 13.34 2.64 -10.12
CA GLU A 304 13.34 2.91 -11.55
C GLU A 304 14.76 2.85 -12.10
N ASP A 305 14.93 2.07 -13.17
CA ASP A 305 16.17 2.04 -13.93
C ASP A 305 17.39 1.60 -13.11
N PRO A 306 17.29 0.45 -12.45
CA PRO A 306 18.42 -0.03 -11.66
C PRO A 306 19.61 -0.42 -12.55
N VAL A 307 20.81 -0.31 -12.01
CA VAL A 307 21.99 -0.82 -12.69
C VAL A 307 22.96 -1.48 -11.70
N LEU A 308 23.34 -2.72 -12.03
CA LEU A 308 24.13 -3.55 -11.13
C LEU A 308 25.60 -3.61 -11.54
N THR A 309 26.45 -3.00 -10.73
CA THR A 309 27.88 -2.91 -11.06
C THR A 309 28.67 -3.97 -10.30
N VAL A 310 29.19 -4.96 -11.03
CA VAL A 310 29.99 -6.01 -10.42
C VAL A 310 31.46 -5.80 -10.71
N PRO A 311 32.22 -5.37 -9.70
CA PRO A 311 33.64 -5.06 -9.85
C PRO A 311 34.39 -6.32 -10.20
N PRO A 312 35.62 -6.20 -10.69
CA PRO A 312 36.44 -7.40 -10.92
C PRO A 312 37.02 -7.89 -9.60
N ASN A 313 37.13 -9.20 -9.43
CA ASN A 313 37.70 -9.74 -8.21
C ASN A 313 39.21 -9.59 -8.21
N THR A 314 39.75 -9.13 -9.33
CA THR A 314 41.15 -8.73 -9.40
C THR A 314 41.36 -7.57 -8.45
N VAL A 315 40.24 -7.08 -7.90
CA VAL A 315 40.26 -5.99 -6.95
C VAL A 315 39.57 -6.39 -5.65
N THR A 316 38.26 -6.55 -5.71
CA THR A 316 37.50 -6.87 -4.51
C THR A 316 37.87 -8.24 -3.95
N LEU A 317 37.64 -8.39 -2.65
CA LEU A 317 37.79 -9.69 -2.01
C LEU A 317 36.44 -10.38 -2.02
N MET A 318 36.33 -11.49 -1.28
CA MET A 318 35.10 -12.25 -1.25
C MET A 318 33.95 -11.32 -0.91
N GLY A 319 32.79 -11.56 -1.50
CA GLY A 319 31.62 -10.73 -1.28
C GLY A 319 31.15 -10.65 0.17
N ALA A 320 30.85 -9.43 0.63
CA ALA A 320 30.46 -9.19 2.03
C ALA A 320 29.57 -7.97 2.15
N GLU A 321 29.13 -7.64 3.36
CA GLU A 321 28.35 -6.42 3.54
C GLU A 321 29.26 -5.20 3.45
N GLY A 322 28.69 -4.01 3.59
CA GLY A 322 29.48 -2.80 3.46
C GLY A 322 28.69 -1.49 3.51
N ARG A 323 29.32 -0.43 3.00
CA ARG A 323 28.72 0.88 3.04
C ARG A 323 29.23 1.69 1.86
N VAL A 324 28.36 2.50 1.29
CA VAL A 324 28.78 3.36 0.20
C VAL A 324 28.93 4.75 0.76
N LEU A 325 30.17 5.23 0.84
CA LEU A 325 30.46 6.51 1.47
C LEU A 325 30.70 7.64 0.47
N THR A 326 30.27 8.84 0.84
CA THR A 326 30.62 10.02 0.08
C THR A 326 31.21 11.08 1.01
N VAL A 327 32.50 11.36 0.84
CA VAL A 327 33.16 12.38 1.63
C VAL A 327 33.76 13.46 0.75
N GLY A 328 33.21 14.67 0.82
CA GLY A 328 33.65 15.77 -0.04
C GLY A 328 33.49 15.42 -1.50
N THR A 329 34.58 15.51 -2.25
CA THR A 329 34.60 15.14 -3.66
C THR A 329 35.03 13.69 -3.87
N SER A 330 35.15 12.94 -2.78
CA SER A 330 35.64 11.56 -2.83
C SER A 330 34.57 10.52 -2.43
N HIS A 331 34.71 9.30 -2.94
CA HIS A 331 33.72 8.26 -2.69
C HIS A 331 34.31 6.94 -2.26
N PHE A 332 33.54 6.18 -1.50
CA PHE A 332 34.03 4.96 -0.92
C PHE A 332 33.04 3.82 -0.83
N LEU A 333 33.61 2.63 -0.77
CA LEU A 333 32.87 1.42 -0.54
C LEU A 333 33.56 0.71 0.61
N TYR A 334 32.88 0.59 1.73
CA TYR A 334 33.43 -0.19 2.83
C TYR A 334 33.12 -1.65 2.56
N GLN A 335 34.13 -2.51 2.74
CA GLN A 335 33.92 -3.95 2.65
C GLN A 335 34.29 -4.62 3.96
N ARG A 336 33.37 -5.45 4.46
CA ARG A 336 33.59 -6.20 5.67
C ARG A 336 34.74 -7.19 5.44
N GLY A 337 35.34 -7.62 6.54
CA GLY A 337 36.49 -8.51 6.54
C GLY A 337 36.13 -9.98 6.51
N SER A 338 34.97 -10.29 5.95
CA SER A 338 34.36 -11.59 6.08
C SER A 338 35.24 -12.77 5.62
N SER A 339 36.38 -12.46 5.00
CA SER A 339 37.37 -13.49 4.63
C SER A 339 38.78 -13.15 5.14
N TYR A 340 39.77 -13.81 4.57
CA TYR A 340 41.12 -13.86 5.13
C TYR A 340 41.69 -12.52 5.60
N PHE A 341 41.22 -11.40 5.05
CA PHE A 341 41.92 -10.14 5.33
C PHE A 341 41.40 -9.35 6.51
N SER A 342 42.19 -9.28 7.58
CA SER A 342 41.74 -8.68 8.83
C SER A 342 41.53 -7.16 8.84
N PRO A 343 42.52 -6.37 8.38
CA PRO A 343 42.36 -4.91 8.52
C PRO A 343 41.11 -4.39 7.83
N ALA A 344 40.68 -3.22 8.25
CA ALA A 344 39.54 -2.53 7.62
C ALA A 344 39.85 -2.12 6.17
N LEU A 345 38.81 -2.07 5.33
CA LEU A 345 39.00 -1.71 3.92
C LEU A 345 38.06 -0.63 3.45
N LEU A 346 38.63 0.47 2.97
CA LEU A 346 37.89 1.45 2.17
C LEU A 346 38.34 1.37 0.70
N TYR A 347 37.39 1.15 -0.21
CA TYR A 347 37.70 1.18 -1.64
C TYR A 347 37.41 2.56 -2.27
N PRO A 348 38.45 3.23 -2.80
CA PRO A 348 38.13 4.44 -3.54
C PRO A 348 37.23 4.07 -4.70
N MET A 349 36.10 4.76 -4.83
CA MET A 349 35.11 4.41 -5.82
C MET A 349 34.79 5.57 -6.74
N THR A 350 35.11 5.42 -8.02
CA THR A 350 34.78 6.43 -9.02
C THR A 350 33.50 6.04 -9.75
N VAL A 351 32.64 7.02 -10.02
CA VAL A 351 31.35 6.74 -10.65
C VAL A 351 31.24 7.33 -12.05
N SER A 352 31.13 6.45 -13.04
CA SER A 352 30.97 6.88 -14.42
C SER A 352 30.00 5.95 -15.14
N ASN A 353 28.98 6.55 -15.76
CA ASN A 353 28.02 5.82 -16.56
C ASN A 353 27.14 4.87 -15.75
N LYS A 354 26.72 5.32 -14.58
CA LYS A 354 25.80 4.56 -13.73
C LYS A 354 26.43 3.31 -13.14
N THR A 355 27.61 2.94 -13.66
CA THR A 355 28.37 1.80 -13.16
C THR A 355 29.65 2.30 -12.49
N ALA A 356 29.77 2.02 -11.20
CA ALA A 356 30.92 2.52 -10.47
C ALA A 356 32.17 1.76 -10.88
N THR A 357 33.30 2.16 -10.32
CA THR A 357 34.57 1.49 -10.58
C THR A 357 35.31 1.47 -9.25
N LEU A 358 36.23 0.54 -9.08
CA LEU A 358 36.94 0.45 -7.81
C LEU A 358 38.45 0.34 -8.00
N HIS A 359 39.19 0.78 -6.99
CA HIS A 359 40.64 0.78 -7.04
C HIS A 359 41.23 0.15 -5.78
N SER A 360 42.52 -0.16 -5.84
CA SER A 360 43.20 -0.77 -4.72
C SER A 360 42.83 0.00 -3.48
N PRO A 361 42.45 -0.72 -2.43
CA PRO A 361 41.88 -0.19 -1.20
C PRO A 361 42.90 0.42 -0.25
N TYR A 362 42.48 1.47 0.43
CA TYR A 362 43.20 2.00 1.57
C TYR A 362 43.08 0.94 2.66
N THR A 363 44.13 0.70 3.42
CA THR A 363 43.99 -0.20 4.56
C THR A 363 44.44 0.46 5.87
N PHE A 364 43.87 0.00 6.98
CA PHE A 364 44.33 0.44 8.29
C PHE A 364 44.63 -0.77 9.18
N ASP A 365 45.91 -0.97 9.42
CA ASP A 365 46.41 -2.26 9.87
C ASP A 365 46.15 -2.51 11.34
N ALA A 366 45.88 -1.46 12.09
CA ALA A 366 45.57 -1.63 13.50
C ALA A 366 44.07 -1.62 13.73
N PHE A 367 43.31 -1.46 12.66
CA PHE A 367 41.86 -1.52 12.78
C PHE A 367 41.45 -2.90 12.27
N THR A 368 41.16 -3.78 13.23
CA THR A 368 41.03 -5.19 12.96
C THR A 368 39.62 -5.63 13.26
N ARG A 369 39.36 -6.91 13.07
CA ARG A 369 38.10 -7.46 13.50
C ARG A 369 38.39 -8.84 14.00
N PRO A 370 37.64 -9.26 15.01
CA PRO A 370 37.65 -10.61 15.54
C PRO A 370 37.26 -11.63 14.47
N GLY A 371 37.87 -12.81 14.47
CA GLY A 371 37.57 -13.81 13.48
C GLY A 371 37.88 -15.23 13.93
N SER A 372 37.33 -16.20 13.19
CA SER A 372 37.57 -17.61 13.43
C SER A 372 39.03 -17.88 13.16
N VAL A 373 39.53 -18.99 13.70
CA VAL A 373 40.97 -19.21 13.78
C VAL A 373 41.79 -18.96 12.51
N PRO A 374 41.33 -19.46 11.34
CA PRO A 374 42.12 -19.18 10.14
C PRO A 374 42.22 -17.68 9.90
N CYS A 375 41.12 -16.96 10.03
CA CYS A 375 41.10 -15.52 9.79
C CYS A 375 40.71 -14.73 11.04
N GLN A 376 41.72 -14.22 11.74
CA GLN A 376 41.49 -13.49 12.97
C GLN A 376 42.30 -12.21 12.92
N ALA A 377 42.31 -11.45 14.01
CA ALA A 377 42.98 -10.17 14.01
C ALA A 377 44.35 -10.27 13.38
N SER A 378 45.08 -11.32 13.73
CA SER A 378 46.49 -11.42 13.40
C SER A 378 46.76 -12.01 12.03
N ALA A 379 45.72 -12.51 11.38
CA ALA A 379 45.91 -13.28 10.17
C ALA A 379 46.68 -12.46 9.14
N ARG A 380 47.83 -13.00 8.73
CA ARG A 380 48.62 -12.45 7.64
C ARG A 380 48.46 -13.14 6.26
N CYS A 381 47.88 -14.33 6.22
CA CYS A 381 47.86 -15.07 4.97
C CYS A 381 46.46 -15.16 4.33
N PRO A 382 46.41 -15.66 3.10
CA PRO A 382 45.11 -15.89 2.48
C PRO A 382 44.49 -17.18 3.02
N ASN A 383 43.17 -17.20 3.20
CA ASN A 383 42.50 -18.44 3.58
C ASN A 383 41.04 -18.40 3.20
N SER A 384 40.42 -19.56 3.04
CA SER A 384 38.99 -19.60 2.69
C SER A 384 38.15 -19.75 3.97
N CYS A 385 37.40 -18.70 4.33
CA CYS A 385 36.66 -18.64 5.59
C CYS A 385 35.58 -17.57 5.47
N VAL A 386 34.64 -17.56 6.40
CA VAL A 386 33.61 -16.51 6.42
C VAL A 386 33.39 -16.02 7.86
N THR A 387 33.77 -14.78 8.18
CA THR A 387 33.79 -14.35 9.59
C THR A 387 33.76 -12.86 9.82
N GLY A 388 34.11 -12.48 11.04
CA GLY A 388 34.38 -11.11 11.36
C GLY A 388 33.10 -10.44 11.77
N VAL A 389 33.04 -9.14 11.59
CA VAL A 389 31.85 -8.38 11.90
C VAL A 389 31.84 -7.06 11.14
N TYR A 390 30.66 -6.49 10.97
CA TYR A 390 30.58 -5.23 10.28
C TYR A 390 30.97 -4.14 11.25
N THR A 391 32.12 -3.53 10.99
CA THR A 391 32.48 -2.29 11.65
C THR A 391 33.13 -1.39 10.59
N ASP A 392 32.47 -0.27 10.28
CA ASP A 392 32.97 0.63 9.24
C ASP A 392 33.83 1.76 9.77
N PRO A 393 34.91 2.10 9.05
CA PRO A 393 35.64 3.34 9.27
C PRO A 393 34.93 4.49 8.56
N TYR A 394 35.01 5.68 9.12
CA TYR A 394 34.50 6.88 8.46
C TYR A 394 35.68 7.82 8.18
N PRO A 395 35.89 8.18 6.90
CA PRO A 395 37.13 8.91 6.57
C PRO A 395 37.15 10.20 7.37
N LEU A 396 38.23 10.44 8.11
CA LEU A 396 38.27 11.55 9.07
C LEU A 396 39.28 12.61 8.68
N VAL A 397 40.55 12.21 8.61
CA VAL A 397 41.63 13.12 8.26
C VAL A 397 42.10 12.92 6.81
N PHE A 398 42.41 14.03 6.15
CA PHE A 398 42.89 13.98 4.77
C PHE A 398 44.22 14.70 4.59
N TYR A 399 44.94 14.36 3.53
CA TYR A 399 46.16 15.05 3.17
C TYR A 399 45.85 16.30 2.35
N ARG A 400 46.88 16.93 1.80
CA ARG A 400 46.68 18.15 1.02
C ARG A 400 46.20 17.87 -0.40
N ASN A 401 46.46 16.67 -0.89
CA ASN A 401 45.99 16.27 -2.22
C ASN A 401 44.60 15.61 -2.20
N HIS A 402 43.96 15.63 -1.03
CA HIS A 402 42.58 15.17 -0.88
C HIS A 402 42.50 13.66 -0.67
N THR A 403 43.65 12.99 -0.78
CA THR A 403 43.71 11.56 -0.53
C THR A 403 43.43 11.30 0.94
N LEU A 404 42.98 10.09 1.25
CA LEU A 404 42.67 9.73 2.64
C LEU A 404 43.95 9.39 3.41
N ARG A 405 44.07 9.96 4.61
CA ARG A 405 45.24 9.74 5.45
C ARG A 405 44.90 8.89 6.65
N GLY A 406 43.88 9.29 7.40
CA GLY A 406 43.36 8.49 8.51
C GLY A 406 41.86 8.53 8.78
N VAL A 407 41.37 7.57 9.57
CA VAL A 407 39.93 7.41 9.85
C VAL A 407 39.62 7.26 11.33
N PHE A 408 38.32 7.33 11.64
CA PHE A 408 37.80 7.02 12.98
C PHE A 408 36.78 5.88 12.88
N GLY A 409 36.49 5.23 14.01
CA GLY A 409 35.52 4.15 14.02
C GLY A 409 35.55 3.36 15.32
N THR A 410 34.60 2.45 15.50
CA THR A 410 34.55 1.67 16.74
C THR A 410 34.82 0.18 16.52
N MET A 411 36.00 -0.27 16.95
CA MET A 411 36.46 -1.63 16.66
C MET A 411 36.18 -2.60 17.79
N LEU A 412 35.90 -3.85 17.46
CA LEU A 412 35.72 -4.84 18.50
C LEU A 412 37.07 -5.45 18.75
N ASP A 413 37.64 -5.12 19.90
CA ASP A 413 39.04 -5.35 20.14
C ASP A 413 39.22 -6.71 20.81
N ASP A 414 39.68 -7.66 20.01
CA ASP A 414 39.97 -9.01 20.47
C ASP A 414 40.37 -9.83 19.24
N LYS A 415 41.09 -10.93 19.43
CA LYS A 415 41.60 -11.68 18.30
C LYS A 415 40.54 -12.57 17.71
N GLN A 416 39.74 -13.20 18.56
CA GLN A 416 38.81 -14.23 18.12
C GLN A 416 37.35 -13.79 18.02
N ALA A 417 36.70 -13.61 19.17
CA ALA A 417 35.24 -13.41 19.19
C ALA A 417 34.82 -11.96 19.30
N ARG A 418 33.51 -11.71 19.33
CA ARG A 418 33.01 -10.36 19.27
C ARG A 418 32.92 -9.81 20.68
N LEU A 419 33.85 -8.94 21.03
CA LEU A 419 34.01 -8.50 22.39
C LEU A 419 34.75 -7.17 22.43
N ASN A 420 34.66 -6.45 23.55
CA ASN A 420 35.49 -5.27 23.80
C ASN A 420 35.38 -4.13 22.76
N PRO A 421 34.22 -3.46 22.69
CA PRO A 421 34.14 -2.39 21.69
C PRO A 421 35.01 -1.24 22.10
N VAL A 422 35.73 -0.71 21.14
CA VAL A 422 36.60 0.40 21.38
C VAL A 422 36.47 1.41 20.23
N SER A 423 36.29 2.68 20.58
CA SER A 423 36.32 3.77 19.61
C SER A 423 37.74 4.35 19.55
N ALA A 424 38.16 4.79 18.36
CA ALA A 424 39.52 5.29 18.16
C ALA A 424 39.75 5.85 16.76
N VAL A 425 40.81 6.64 16.62
CA VAL A 425 41.16 7.21 15.33
C VAL A 425 42.27 6.35 14.75
N PHE A 426 42.17 6.03 13.47
CA PHE A 426 43.15 5.14 12.86
C PHE A 426 43.86 5.76 11.68
N ASP A 427 45.13 5.41 11.53
CA ASP A 427 45.82 5.67 10.28
C ASP A 427 46.15 4.31 9.64
N SER A 428 46.85 4.36 8.52
CA SER A 428 47.19 3.15 7.79
C SER A 428 47.83 2.12 8.68
N ILE A 429 48.65 2.57 9.62
CA ILE A 429 49.49 1.67 10.39
C ILE A 429 48.96 1.31 11.78
N SER A 430 48.78 2.30 12.65
CA SER A 430 48.36 2.04 14.03
C SER A 430 47.17 2.90 14.46
N ARG A 431 46.84 2.88 15.76
CA ARG A 431 45.71 3.67 16.26
C ARG A 431 46.01 4.57 17.45
N SER A 432 45.09 5.51 17.67
CA SER A 432 45.24 6.59 18.64
C SER A 432 44.98 6.14 20.07
N ARG A 433 45.05 7.07 21.01
CA ARG A 433 44.58 6.81 22.36
C ARG A 433 43.09 6.58 22.24
N ILE A 434 42.60 5.50 22.84
CA ILE A 434 41.23 5.04 22.59
C ILE A 434 40.27 5.41 23.69
N THR A 435 39.00 5.05 23.50
CA THR A 435 38.03 5.08 24.59
C THR A 435 37.25 3.77 24.57
N ARG A 436 37.04 3.19 25.76
CA ARG A 436 36.38 1.90 25.88
C ARG A 436 34.92 2.07 26.30
N VAL A 437 34.02 1.32 25.68
CA VAL A 437 32.61 1.47 26.04
C VAL A 437 32.40 0.85 27.41
N SER A 438 33.29 -0.05 27.80
CA SER A 438 33.24 -0.59 29.15
C SER A 438 34.59 -1.13 29.59
N SER A 439 34.75 -1.29 30.90
CA SER A 439 35.86 -2.05 31.44
C SER A 439 35.56 -3.50 31.10
N SER A 440 36.48 -4.39 31.46
CA SER A 440 36.35 -5.81 31.11
C SER A 440 36.02 -6.03 29.61
N SER A 441 35.19 -7.02 29.29
CA SER A 441 34.93 -7.29 27.88
C SER A 441 33.47 -7.63 27.62
N THR A 442 32.79 -6.79 26.84
CA THR A 442 31.36 -6.94 26.65
C THR A 442 31.01 -7.46 25.28
N LYS A 443 30.02 -8.35 25.22
CA LYS A 443 29.57 -8.84 23.94
C LYS A 443 29.16 -7.65 23.06
N ALA A 444 29.71 -7.57 21.86
CA ALA A 444 29.30 -6.52 20.92
C ALA A 444 29.09 -7.08 19.52
N ALA A 445 28.77 -6.18 18.59
CA ALA A 445 28.33 -6.52 17.23
C ALA A 445 28.64 -5.37 16.29
N TYR A 446 27.94 -5.30 15.16
CA TYR A 446 28.19 -4.28 14.15
C TYR A 446 28.31 -2.91 14.77
N THR A 447 29.25 -2.12 14.27
CA THR A 447 29.28 -0.69 14.56
C THR A 447 29.29 0.08 13.24
N THR A 448 28.59 1.21 13.21
CA THR A 448 28.62 2.08 12.05
C THR A 448 28.78 3.52 12.52
N SER A 449 29.88 4.13 12.09
CA SER A 449 30.30 5.42 12.61
C SER A 449 30.09 6.49 11.55
N THR A 450 29.83 7.71 11.98
CA THR A 450 29.76 8.85 11.07
C THR A 450 30.29 10.11 11.79
N CYS A 451 31.20 10.84 11.15
CA CYS A 451 31.76 12.05 11.75
C CYS A 451 31.34 13.32 11.02
N PHE A 452 31.06 14.38 11.78
CA PHE A 452 30.62 15.65 11.21
C PHE A 452 31.18 16.83 12.00
N LYS A 453 31.08 18.04 11.44
CA LYS A 453 31.58 19.23 12.14
C LYS A 453 30.51 20.29 12.38
N VAL A 454 30.47 20.80 13.61
CA VAL A 454 29.66 21.97 13.92
C VAL A 454 30.55 23.19 13.76
N VAL A 455 30.29 23.97 12.72
CA VAL A 455 31.21 25.04 12.34
C VAL A 455 31.15 26.18 13.33
N LYS A 456 29.94 26.49 13.80
CA LYS A 456 29.73 27.61 14.70
C LYS A 456 30.77 27.57 15.81
N THR A 457 30.92 26.40 16.43
CA THR A 457 31.92 26.19 17.46
C THR A 457 33.23 25.58 16.95
N ASN A 458 33.25 25.14 15.70
CA ASN A 458 34.44 24.53 15.13
C ASN A 458 34.80 23.18 15.79
N LYS A 459 33.80 22.37 16.13
CA LYS A 459 34.06 21.12 16.84
C LYS A 459 33.65 19.84 16.08
N THR A 460 34.63 19.06 15.68
CA THR A 460 34.39 17.80 15.00
C THR A 460 33.86 16.74 15.96
N TYR A 461 32.71 16.16 15.63
CA TYR A 461 32.12 15.10 16.44
C TYR A 461 31.92 13.82 15.67
N CYS A 462 31.75 12.73 16.40
CA CYS A 462 31.58 11.42 15.76
C CYS A 462 30.51 10.60 16.44
N LEU A 463 29.69 9.94 15.62
CA LEU A 463 28.65 9.08 16.12
C LEU A 463 28.94 7.64 15.68
N SER A 464 28.95 6.73 16.65
CA SER A 464 28.95 5.31 16.36
C SER A 464 27.64 4.72 16.84
N ILE A 465 26.94 4.03 15.94
CA ILE A 465 25.80 3.24 16.35
C ILE A 465 26.30 1.84 16.55
N ALA A 466 26.13 1.34 17.77
CA ALA A 466 26.81 0.12 18.15
C ALA A 466 25.84 -0.95 18.61
N GLU A 467 26.17 -2.20 18.34
CA GLU A 467 25.34 -3.29 18.84
C GLU A 467 25.94 -3.81 20.13
N ILE A 468 25.16 -3.74 21.20
CA ILE A 468 25.66 -4.09 22.51
C ILE A 468 24.71 -5.06 23.21
N SER A 469 25.28 -5.97 24.00
CA SER A 469 24.51 -6.93 24.77
C SER A 469 23.53 -6.25 25.70
N ASN A 470 22.27 -6.67 25.64
CA ASN A 470 21.20 -6.05 26.43
C ASN A 470 20.70 -6.73 27.71
N THR A 471 21.28 -7.86 28.11
CA THR A 471 20.79 -8.65 29.26
C THR A 471 19.31 -8.99 29.16
N LEU A 472 18.50 -8.46 30.08
CA LEU A 472 17.06 -8.61 29.95
C LEU A 472 16.68 -7.90 28.66
N PHE A 473 15.55 -8.24 28.06
CA PHE A 473 15.08 -7.53 26.86
C PHE A 473 15.65 -7.97 25.49
N GLY A 474 16.47 -9.01 25.49
CA GLY A 474 16.90 -9.61 24.23
C GLY A 474 18.33 -9.56 23.69
N GLU A 475 19.30 -9.25 24.54
CA GLU A 475 20.69 -9.61 24.26
C GLU A 475 21.40 -8.70 23.29
N PHE A 476 20.63 -7.88 22.58
CA PHE A 476 21.20 -6.85 21.73
C PHE A 476 20.41 -5.57 21.85
N ARG A 477 21.09 -4.50 22.22
CA ARG A 477 20.47 -3.19 22.25
C ARG A 477 21.32 -2.22 21.43
N ILE A 478 20.74 -1.66 20.38
CA ILE A 478 21.51 -0.78 19.50
C ILE A 478 21.54 0.65 20.01
N VAL A 479 22.75 1.12 20.30
CA VAL A 479 22.95 2.40 20.97
C VAL A 479 23.86 3.31 20.17
N PRO A 480 23.50 4.60 20.12
CA PRO A 480 24.21 5.66 19.42
C PRO A 480 25.20 6.35 20.32
N LEU A 481 26.42 5.83 20.47
CA LEU A 481 27.42 6.57 21.26
C LEU A 481 27.91 7.85 20.55
N LEU A 482 28.20 8.89 21.33
CA LEU A 482 28.62 10.19 20.78
C LEU A 482 29.97 10.60 21.31
N VAL A 483 30.80 11.15 20.43
CA VAL A 483 32.18 11.49 20.76
C VAL A 483 32.65 12.75 20.02
N GLU A 484 33.54 13.50 20.66
CA GLU A 484 34.26 14.59 20.00
C GLU A 484 35.71 14.19 19.73
N ILE A 485 36.30 14.71 18.65
CA ILE A 485 37.69 14.40 18.34
C ILE A 485 38.59 15.50 18.87
N LEU A 486 39.78 15.13 19.34
CA LEU A 486 40.66 16.07 20.04
C LEU A 486 42.12 15.97 19.60
N LYS A 487 42.88 17.05 19.75
CA LYS A 487 44.31 17.02 19.46
C LYS A 487 45.11 16.69 20.73
N ASP A 488 45.93 15.66 20.66
CA ASP A 488 46.61 15.18 21.85
C ASP A 488 47.49 16.26 22.45
N ASP A 489 47.74 17.34 21.71
CA ASP A 489 48.61 18.37 22.26
C ASP A 489 47.88 18.98 23.45
N GLY A 490 48.50 18.84 24.62
CA GLY A 490 47.84 19.19 25.87
C GLY A 490 48.32 18.28 26.99
N VAL A 491 47.50 18.17 28.02
CA VAL A 491 47.80 17.32 29.16
C VAL A 491 46.64 16.37 29.46
N ARG A 498 44.91 12.52 29.35
CA ARG A 498 44.77 12.23 30.77
C ARG A 498 45.45 13.28 31.65
N LEU A 499 44.64 13.98 32.44
CA LEU A 499 45.10 14.97 33.43
C LEU A 499 45.34 14.34 34.80
N SER A 500 45.34 13.00 34.83
CA SER A 500 45.13 12.21 36.04
C SER A 500 43.67 12.26 36.46
N GLN A 501 42.80 12.29 35.46
CA GLN A 501 41.37 12.12 35.64
C GLN A 501 40.93 10.86 34.89
N LEU A 502 40.98 10.93 33.56
CA LEU A 502 40.70 9.78 32.70
C LEU A 502 39.42 8.99 33.02
N ARG A 503 38.27 9.62 32.81
CA ARG A 503 36.96 8.98 32.96
C ARG A 503 36.61 8.17 31.72
N GLU A 504 37.47 8.27 30.70
CA GLU A 504 37.31 7.59 29.43
C GLU A 504 37.93 6.20 29.45
N GLY A 505 38.58 5.88 30.56
CA GLY A 505 39.33 4.64 30.65
C GLY A 505 38.49 3.41 30.42
N TRP A 506 37.46 3.23 31.24
CA TRP A 506 36.66 2.02 31.20
C TRP A 506 35.23 2.39 31.56
N LYS A 507 34.29 1.47 31.35
CA LYS A 507 32.96 1.63 31.92
C LYS A 507 32.43 0.33 32.50
N ASP A 508 31.54 0.46 33.48
CA ASP A 508 31.13 -0.68 34.30
C ASP A 508 30.12 -1.59 33.61
N ASP A 509 30.46 -2.86 33.47
CA ASP A 509 29.51 -3.85 32.97
C ASP A 509 29.18 -4.87 34.06
N ILE A 510 27.89 -5.14 34.28
CA ILE A 510 27.52 -6.10 35.32
C ILE A 510 27.33 -7.52 34.78
N VAL A 511 27.33 -7.66 33.45
CA VAL A 511 26.95 -8.92 32.81
C VAL A 511 28.00 -10.02 33.02
N SER A 512 29.28 -9.66 33.11
CA SER A 512 30.30 -10.59 33.61
C SER A 512 30.40 -10.89 35.16
N PRO A 513 30.63 -9.84 35.97
CA PRO A 513 30.80 -9.93 37.43
C PRO A 513 29.54 -9.92 38.33
N ILE A 514 29.83 -9.57 39.58
CA ILE A 514 28.94 -8.95 40.60
C ILE A 514 28.11 -9.71 41.64
N PHE A 515 27.77 -10.99 41.47
CA PHE A 515 27.60 -11.83 42.65
C PHE A 515 28.66 -12.90 42.83
N CYS A 516 29.46 -13.16 41.80
CA CYS A 516 30.29 -14.34 41.89
C CYS A 516 31.70 -14.21 41.31
N ASP A 517 31.89 -13.61 40.15
CA ASP A 517 33.27 -13.52 39.63
C ASP A 517 33.59 -14.84 38.94
N ALA A 518 32.62 -15.74 38.96
CA ALA A 518 32.71 -17.03 38.32
C ALA A 518 33.87 -17.88 38.80
N LYS A 519 34.47 -18.61 37.87
CA LYS A 519 35.48 -19.59 38.21
C LYS A 519 36.73 -19.22 37.45
N ASN A 520 37.76 -18.82 38.18
CA ASN A 520 38.93 -18.23 37.56
C ASN A 520 39.67 -19.20 36.65
N GLN A 521 39.22 -20.45 36.63
CA GLN A 521 39.85 -21.48 35.81
C GLN A 521 39.85 -21.03 34.36
N THR A 522 39.15 -19.93 34.08
CA THR A 522 39.39 -19.25 32.82
C THR A 522 38.80 -20.07 31.68
N GLU A 523 38.17 -21.17 32.04
CA GLU A 523 37.15 -21.72 31.16
C GLU A 523 36.11 -20.63 30.99
N TYR A 524 36.24 -19.58 31.81
CA TYR A 524 35.53 -18.34 31.60
C TYR A 524 35.75 -17.87 30.17
N ARG A 525 37.01 -17.80 29.75
CA ARG A 525 37.30 -17.46 28.37
C ARG A 525 36.47 -18.32 27.43
N ARG A 526 36.46 -19.63 27.63
CA ARG A 526 35.68 -20.51 26.76
C ARG A 526 34.23 -20.06 26.67
N GLU A 527 33.58 -19.94 27.81
CA GLU A 527 32.18 -19.51 27.88
C GLU A 527 32.02 -18.11 27.31
N LEU A 528 32.99 -17.27 27.59
CA LEU A 528 32.93 -15.90 27.10
C LEU A 528 32.92 -15.87 25.57
N GLU A 529 33.67 -16.78 24.96
CA GLU A 529 33.74 -16.82 23.50
C GLU A 529 32.43 -17.33 22.94
N SER A 530 31.70 -18.10 23.74
CA SER A 530 30.35 -18.54 23.38
C SER A 530 29.31 -17.44 23.58
N TYR A 531 29.59 -16.50 24.47
CA TYR A 531 28.69 -15.39 24.67
C TYR A 531 28.59 -14.56 23.39
N ALA A 532 29.37 -14.91 22.38
CA ALA A 532 29.23 -14.23 21.10
C ALA A 532 28.46 -14.99 19.99
N ALA A 533 27.39 -14.36 19.49
CA ALA A 533 26.58 -14.87 18.38
C ALA A 533 26.59 -13.94 17.16
N SER A 534 26.31 -14.56 16.02
CA SER A 534 26.94 -14.17 14.77
C SER A 534 26.25 -14.77 13.53
N TRP A 535 26.91 -14.75 12.36
CA TRP A 535 26.41 -15.36 11.13
C TRP A 535 27.48 -16.14 10.46
N GLY B 44 -6.79 23.12 17.94
CA GLY B 44 -5.52 22.97 17.27
C GLY B 44 -4.76 21.71 17.65
N ALA B 45 -5.18 21.06 18.74
CA ALA B 45 -4.52 19.85 19.22
C ALA B 45 -4.48 18.76 18.16
N PRO B 46 -3.50 17.84 18.27
CA PRO B 46 -3.28 16.68 17.39
C PRO B 46 -4.33 15.56 17.48
N ILE B 47 -5.10 15.52 18.57
CA ILE B 47 -6.02 14.41 18.86
C ILE B 47 -5.28 13.08 18.82
N HIS B 48 -5.93 12.03 18.30
CA HIS B 48 -5.37 10.68 18.30
C HIS B 48 -5.70 10.07 16.97
N ASP B 49 -5.44 8.78 16.83
CA ASP B 49 -5.96 8.09 15.67
C ASP B 49 -7.39 7.67 15.94
N PRO B 50 -8.22 7.78 14.91
CA PRO B 50 -9.68 7.64 14.97
C PRO B 50 -10.13 6.36 15.66
N ASP B 51 -9.26 5.35 15.65
CA ASP B 51 -9.66 4.05 16.17
C ASP B 51 -9.75 4.00 17.69
N TYR B 52 -9.02 4.88 18.38
CA TYR B 52 -9.11 5.01 19.84
C TYR B 52 -10.27 5.85 20.37
N ILE B 53 -10.66 6.90 19.65
CA ILE B 53 -11.52 7.93 20.24
C ILE B 53 -12.74 7.33 20.91
N GLY B 54 -12.94 7.70 22.17
CA GLY B 54 -14.01 7.14 22.96
C GLY B 54 -13.52 6.09 23.95
N GLY B 55 -12.25 5.70 23.81
CA GLY B 55 -11.68 4.69 24.68
C GLY B 55 -10.65 5.22 25.66
N ILE B 56 -10.56 6.54 25.76
CA ILE B 56 -9.56 7.17 26.60
C ILE B 56 -10.17 7.85 27.83
N GLY B 57 -9.69 7.45 29.00
CA GLY B 57 -10.05 8.09 30.25
C GLY B 57 -11.46 7.82 30.74
N LYS B 58 -11.89 6.58 30.63
CA LYS B 58 -13.25 6.20 31.06
C LYS B 58 -13.20 4.85 31.75
N GLU B 59 -14.30 4.46 32.39
CA GLU B 59 -14.33 3.16 33.05
C GLU B 59 -14.28 2.11 31.95
N LEU B 60 -13.25 1.29 31.97
CA LEU B 60 -13.02 0.36 30.88
C LEU B 60 -13.85 -0.91 31.01
N ILE B 61 -13.90 -1.44 32.23
CA ILE B 61 -14.59 -2.69 32.50
C ILE B 61 -15.71 -2.48 33.51
N VAL B 62 -16.96 -2.68 33.09
CA VAL B 62 -18.06 -2.80 34.05
C VAL B 62 -18.87 -4.08 33.82
N ASP B 63 -18.70 -5.03 34.74
CA ASP B 63 -19.54 -6.22 34.82
C ASP B 63 -19.79 -6.54 36.29
N ASP B 64 -21.04 -6.48 36.73
CA ASP B 64 -21.32 -6.81 38.12
C ASP B 64 -21.36 -8.33 38.31
N ALA B 65 -21.40 -9.05 37.20
CA ALA B 65 -21.37 -10.50 37.21
C ALA B 65 -19.97 -11.07 37.39
N SER B 66 -19.01 -10.50 36.67
CA SER B 66 -17.65 -11.05 36.65
C SER B 66 -16.93 -10.87 37.99
N ASP B 67 -15.99 -11.78 38.25
CA ASP B 67 -15.13 -11.67 39.42
C ASP B 67 -13.97 -10.76 39.04
N VAL B 68 -13.54 -9.91 39.97
CA VAL B 68 -12.50 -8.96 39.64
C VAL B 68 -11.22 -9.65 39.23
N THR B 69 -10.90 -10.77 39.88
CA THR B 69 -9.65 -11.47 39.63
C THR B 69 -9.75 -12.41 38.41
N SER B 70 -10.90 -12.36 37.75
CA SER B 70 -11.08 -13.08 36.49
C SER B 70 -10.54 -12.27 35.31
N PHE B 71 -10.27 -10.99 35.54
CA PHE B 71 -9.61 -10.17 34.53
C PHE B 71 -8.12 -10.10 34.85
N TYR B 72 -7.28 -10.60 33.95
CA TYR B 72 -5.85 -10.65 34.24
C TYR B 72 -5.05 -10.10 33.05
N PRO B 73 -3.79 -9.72 33.29
CA PRO B 73 -3.02 -9.12 32.20
C PRO B 73 -2.59 -10.15 31.17
N SER B 74 -2.19 -9.69 29.99
CA SER B 74 -1.66 -10.58 28.96
C SER B 74 -0.18 -10.78 29.20
N ALA B 75 0.46 -11.57 28.36
CA ALA B 75 1.92 -11.55 28.33
C ALA B 75 2.29 -10.22 27.71
N PHE B 76 3.52 -9.76 27.93
CA PHE B 76 3.84 -8.43 27.47
C PHE B 76 3.80 -8.32 25.95
N GLN B 77 3.42 -7.14 25.46
CA GLN B 77 3.09 -6.96 24.06
C GLN B 77 4.17 -6.25 23.27
N GLU B 78 4.42 -6.71 22.06
CA GLU B 78 5.43 -6.05 21.24
C GLU B 78 4.90 -4.73 20.67
N HIS B 79 5.61 -3.65 20.98
CA HIS B 79 5.28 -2.35 20.42
C HIS B 79 6.53 -1.47 20.27
N LEU B 80 6.32 -0.26 19.75
CA LEU B 80 7.43 0.66 19.51
C LEU B 80 7.66 1.63 20.68
N ASN B 81 8.84 1.54 21.28
CA ASN B 81 9.19 2.30 22.49
C ASN B 81 9.45 3.78 22.23
N PHE B 82 8.66 4.64 22.86
CA PHE B 82 8.75 6.08 22.64
C PHE B 82 9.62 6.83 23.64
N ILE B 83 10.05 6.12 24.69
CA ILE B 83 10.88 6.71 25.72
C ILE B 83 12.33 6.50 25.37
N PRO B 84 13.15 7.54 25.53
CA PRO B 84 14.59 7.57 25.20
C PRO B 84 15.38 6.50 25.92
N ALA B 85 16.53 6.14 25.37
CA ALA B 85 17.40 5.17 26.01
C ALA B 85 18.77 5.78 26.25
N PRO B 86 19.35 5.51 27.42
CA PRO B 86 20.62 6.07 27.85
C PRO B 86 21.70 5.99 26.80
N THR B 87 22.55 7.02 26.74
CA THR B 87 23.78 6.98 25.96
C THR B 87 24.97 6.97 26.91
N THR B 88 25.08 7.99 27.75
CA THR B 88 26.11 8.01 28.78
C THR B 88 26.11 6.77 29.66
N GLY B 89 27.31 6.25 29.91
CA GLY B 89 27.50 5.08 30.73
C GLY B 89 27.87 5.47 32.14
N SER B 90 27.40 6.63 32.57
CA SER B 90 27.71 7.10 33.92
C SER B 90 26.45 7.31 34.77
N GLY B 91 25.72 8.40 34.50
CA GLY B 91 24.54 8.74 35.28
C GLY B 91 23.30 7.96 34.89
N CYS B 92 22.34 7.87 35.81
CA CYS B 92 21.12 7.10 35.55
C CYS B 92 20.00 7.98 34.99
N THR B 93 18.86 7.38 34.65
CA THR B 93 17.66 8.12 34.22
C THR B 93 16.40 7.62 34.94
N ARG B 94 15.72 8.52 35.64
CA ARG B 94 14.75 8.13 36.66
C ARG B 94 13.45 8.92 36.73
N ILE B 95 12.54 8.39 37.53
CA ILE B 95 11.37 9.13 37.97
C ILE B 95 10.42 9.56 36.85
N PRO B 96 9.78 8.58 36.20
CA PRO B 96 8.80 8.79 35.14
C PRO B 96 7.42 9.26 35.64
N SER B 97 6.83 10.22 34.93
CA SER B 97 5.49 10.71 35.25
C SER B 97 4.64 10.64 33.98
N PHE B 98 3.34 10.42 34.13
CA PHE B 98 2.47 10.26 32.96
C PHE B 98 0.99 10.68 33.20
N ASP B 99 0.36 11.35 32.23
CA ASP B 99 -1.09 11.60 32.27
C ASP B 99 -1.69 11.59 30.86
N MET B 100 -2.81 10.88 30.68
CA MET B 100 -3.37 10.72 29.36
C MET B 100 -4.74 11.37 29.16
N SER B 101 -4.77 12.49 28.45
CA SER B 101 -6.02 13.15 28.04
C SER B 101 -6.57 12.51 26.77
N ALA B 102 -7.87 12.62 26.56
CA ALA B 102 -8.50 12.03 25.37
C ALA B 102 -7.91 12.61 24.08
N THR B 103 -7.25 13.75 24.20
CA THR B 103 -6.56 14.37 23.07
C THR B 103 -5.17 13.79 22.89
N HIS B 104 -4.31 13.99 23.88
CA HIS B 104 -2.93 13.54 23.78
C HIS B 104 -2.41 12.89 25.06
N TYR B 105 -1.13 12.55 25.08
CA TYR B 105 -0.50 12.09 26.31
C TYR B 105 0.69 12.98 26.64
N CYS B 106 1.12 12.93 27.90
CA CYS B 106 2.29 13.68 28.34
C CYS B 106 3.20 12.80 29.18
N TYR B 107 4.46 12.71 28.81
CA TYR B 107 5.40 11.93 29.60
C TYR B 107 6.69 12.68 29.83
N THR B 108 7.27 12.49 31.00
CA THR B 108 8.55 13.08 31.27
C THR B 108 9.37 12.17 32.19
N HIS B 109 10.67 12.39 32.23
CA HIS B 109 11.53 11.68 33.15
C HIS B 109 12.80 12.48 33.37
N ASN B 110 13.47 12.21 34.48
CA ASN B 110 14.66 12.97 34.86
C ASN B 110 15.93 12.25 34.45
N VAL B 111 16.94 13.01 34.05
CA VAL B 111 18.23 12.44 33.65
C VAL B 111 19.38 12.95 34.50
N ILE B 112 19.96 12.09 35.33
CA ILE B 112 21.10 12.49 36.15
C ILE B 112 22.36 12.32 35.34
N LEU B 113 23.26 13.28 35.43
CA LEU B 113 24.44 13.28 34.58
C LEU B 113 25.54 12.32 35.03
N SER B 114 25.82 12.31 36.33
CA SER B 114 26.81 11.39 36.89
C SER B 114 26.30 10.90 38.23
N GLY B 115 26.37 9.60 38.45
CA GLY B 115 25.90 9.06 39.71
C GLY B 115 24.39 9.09 39.66
N CYS B 116 23.75 8.32 40.51
CA CYS B 116 22.29 8.28 40.52
C CYS B 116 21.73 9.11 41.67
N ARG B 117 22.62 9.70 42.46
CA ARG B 117 22.22 10.46 43.65
C ARG B 117 21.20 11.54 43.34
N ASP B 118 20.20 11.67 44.19
CA ASP B 118 19.07 12.55 43.92
C ASP B 118 19.48 13.97 43.52
N HIS B 119 20.11 14.66 44.46
CA HIS B 119 20.48 16.07 44.34
C HIS B 119 21.36 16.42 43.14
N SER B 120 22.06 15.43 42.57
CA SER B 120 23.02 15.66 41.49
C SER B 120 22.41 16.42 40.30
N HIS B 121 23.20 17.32 39.70
CA HIS B 121 22.69 18.11 38.59
C HIS B 121 22.20 17.19 37.51
N SER B 122 21.02 17.49 36.97
CA SER B 122 20.30 16.54 36.13
C SER B 122 19.46 17.24 35.07
N HIS B 123 19.38 16.64 33.87
CA HIS B 123 18.48 17.11 32.80
C HIS B 123 17.03 16.61 32.97
N GLN B 124 16.09 17.33 32.36
CA GLN B 124 14.70 16.92 32.36
C GLN B 124 14.17 16.75 30.93
N TYR B 125 13.54 15.60 30.65
CA TYR B 125 12.98 15.34 29.33
C TYR B 125 11.46 15.34 29.36
N LEU B 126 10.87 16.05 28.41
CA LEU B 126 9.44 16.17 28.33
C LEU B 126 9.00 16.07 26.89
N ALA B 127 7.96 15.26 26.67
CA ALA B 127 7.43 15.05 25.34
C ALA B 127 5.95 14.72 25.40
N LEU B 128 5.22 15.11 24.35
CA LEU B 128 3.81 14.78 24.22
C LEU B 128 3.55 14.02 22.93
N GLY B 129 2.53 13.20 22.93
CA GLY B 129 2.33 12.31 21.81
C GLY B 129 0.91 11.84 21.64
N VAL B 130 0.70 11.06 20.60
CA VAL B 130 -0.62 10.69 20.13
C VAL B 130 -0.66 9.22 19.77
N LEU B 131 -1.58 8.48 20.37
CA LEU B 131 -1.80 7.08 20.03
C LEU B 131 -2.11 6.92 18.53
N ARG B 132 -1.38 6.04 17.86
CA ARG B 132 -1.64 5.72 16.48
C ARG B 132 -1.74 4.21 16.35
N THR B 133 -2.44 3.73 15.33
CA THR B 133 -2.38 2.31 15.01
C THR B 133 -1.71 2.10 13.66
N SER B 134 -1.03 0.97 13.51
CA SER B 134 -0.22 0.70 12.33
C SER B 134 -1.04 0.19 11.15
N ALA B 135 -0.33 -0.21 10.09
CA ALA B 135 -0.97 -0.83 8.94
C ALA B 135 -1.78 -2.04 9.38
N THR B 136 -1.24 -2.81 10.31
CA THR B 136 -1.92 -4.01 10.80
C THR B 136 -2.73 -3.74 12.06
N GLY B 137 -2.75 -2.48 12.47
CA GLY B 137 -3.59 -2.07 13.59
C GLY B 137 -2.97 -2.27 14.96
N ARG B 138 -1.65 -2.40 15.00
CA ARG B 138 -0.92 -2.58 16.25
C ARG B 138 -0.90 -1.29 17.07
N VAL B 139 -1.28 -1.39 18.33
CA VAL B 139 -1.17 -0.27 19.25
C VAL B 139 0.30 0.10 19.39
N PHE B 140 0.63 1.37 19.17
CA PHE B 140 1.94 1.92 19.53
C PHE B 140 1.81 3.41 19.84
N PHE B 141 2.50 3.91 20.87
CA PHE B 141 2.48 5.34 21.19
C PHE B 141 3.47 6.12 20.33
N SER B 142 3.20 7.40 20.11
CA SER B 142 4.16 8.26 19.39
C SER B 142 4.38 9.61 20.05
N THR B 143 5.65 9.99 20.17
CA THR B 143 5.98 11.31 20.65
C THR B 143 5.82 12.32 19.51
N LEU B 144 4.93 13.29 19.71
CA LEU B 144 4.70 14.35 18.73
C LEU B 144 5.67 15.54 18.83
N HIS B 145 6.04 15.89 20.06
CA HIS B 145 6.92 17.03 20.30
C HIS B 145 7.73 16.82 21.57
N SER B 146 8.98 17.27 21.56
CA SER B 146 9.80 17.07 22.73
C SER B 146 10.81 18.19 22.91
N ILE B 147 11.09 18.48 24.17
CA ILE B 147 12.16 19.40 24.52
C ILE B 147 12.97 18.76 25.64
N ASN B 148 14.28 18.96 25.57
CA ASN B 148 15.22 18.40 26.52
C ASN B 148 15.91 19.54 27.21
N LEU B 149 15.66 19.71 28.50
CA LEU B 149 16.13 20.90 29.20
C LEU B 149 17.50 20.69 29.81
N ASP B 150 18.50 21.35 29.22
CA ASP B 150 19.89 21.23 29.67
C ASP B 150 20.40 22.37 30.56
N ASP B 151 19.52 23.29 30.96
CA ASP B 151 19.97 24.50 31.62
C ASP B 151 20.56 24.25 33.01
N THR B 152 20.99 25.32 33.66
CA THR B 152 21.65 25.23 34.96
C THR B 152 20.66 24.93 36.09
N GLN B 153 19.38 25.17 35.84
CA GLN B 153 18.37 24.83 36.82
C GLN B 153 18.28 23.31 36.97
N ASN B 154 17.79 22.87 38.11
CA ASN B 154 17.58 21.45 38.34
C ASN B 154 16.12 21.20 38.56
N ARG B 155 15.52 20.35 37.76
CA ARG B 155 14.12 20.04 37.98
C ARG B 155 13.98 18.65 38.57
N LYS B 156 13.48 18.59 39.80
CA LYS B 156 13.34 17.31 40.53
C LYS B 156 11.88 17.01 40.86
N SER B 157 11.56 15.73 41.04
CA SER B 157 10.20 15.31 41.36
C SER B 157 9.24 16.09 40.51
N CYS B 158 9.34 15.89 39.20
CA CYS B 158 8.54 16.59 38.21
C CYS B 158 7.25 15.83 37.89
N SER B 159 6.13 16.49 38.08
CA SER B 159 4.82 15.94 37.73
C SER B 159 4.32 16.59 36.45
N VAL B 160 3.53 15.84 35.68
CA VAL B 160 3.06 16.34 34.40
C VAL B 160 1.61 15.99 34.12
N SER B 161 0.87 16.95 33.61
CA SER B 161 -0.54 16.75 33.31
C SER B 161 -0.91 17.26 31.93
N ALA B 162 -1.52 16.37 31.15
CA ALA B 162 -2.02 16.74 29.83
C ALA B 162 -3.22 17.61 30.02
N THR B 163 -3.21 18.79 29.40
CA THR B 163 -4.31 19.75 29.52
C THR B 163 -4.78 20.18 28.13
N PRO B 164 -5.77 21.06 28.07
CA PRO B 164 -6.28 21.59 26.79
C PRO B 164 -5.22 22.37 26.03
N LEU B 165 -4.31 23.00 26.74
CA LEU B 165 -3.30 23.83 26.09
C LEU B 165 -2.00 23.10 25.76
N GLY B 166 -1.81 21.88 26.24
CA GLY B 166 -0.55 21.21 26.03
C GLY B 166 -0.15 20.19 27.08
N CYS B 167 1.16 20.02 27.24
CA CYS B 167 1.73 19.32 28.38
C CYS B 167 2.13 20.28 29.49
N ASP B 168 1.33 20.30 30.55
CA ASP B 168 1.62 21.17 31.68
C ASP B 168 2.39 20.36 32.71
N MET B 169 3.64 20.73 32.98
CA MET B 169 4.38 20.04 34.03
C MET B 169 4.77 20.98 35.17
N LEU B 170 4.99 20.39 36.34
CA LEU B 170 5.30 21.16 37.55
C LEU B 170 6.50 20.55 38.26
N CYS B 171 7.54 21.34 38.37
CA CYS B 171 8.80 20.86 38.90
C CYS B 171 9.30 21.78 40.01
N SER B 172 10.18 21.27 40.87
CA SER B 172 10.85 22.13 41.84
C SER B 172 12.26 22.38 41.36
N LYS B 173 12.77 23.60 41.54
CA LYS B 173 14.15 23.88 41.20
C LYS B 173 15.01 23.83 42.45
N VAL B 174 15.86 22.81 42.52
CA VAL B 174 16.58 22.49 43.74
C VAL B 174 18.02 22.97 43.74
N THR B 175 18.29 23.94 44.60
CA THR B 175 19.63 24.45 44.83
C THR B 175 20.39 23.55 45.80
N GLU B 176 19.68 23.06 46.80
CA GLU B 176 20.27 22.29 47.88
C GLU B 176 19.80 20.83 47.90
N THR B 177 20.27 20.08 48.89
CA THR B 177 19.89 18.68 49.03
C THR B 177 18.55 18.56 49.72
N GLU B 178 18.09 17.33 49.95
CA GLU B 178 16.87 17.11 50.71
C GLU B 178 17.04 17.59 52.14
N GLU B 179 18.15 17.20 52.76
CA GLU B 179 18.52 17.72 54.08
C GLU B 179 18.55 19.24 54.05
N GLU B 180 19.47 19.77 53.24
CA GLU B 180 19.73 21.19 53.19
C GLU B 180 18.43 21.98 53.01
N ASP B 181 17.45 21.35 52.39
CA ASP B 181 16.18 22.01 52.07
C ASP B 181 15.23 22.10 53.25
N TYR B 182 15.17 21.04 54.06
CA TYR B 182 14.27 20.99 55.20
C TYR B 182 14.85 21.73 56.38
N ASN B 183 16.12 22.13 56.24
CA ASN B 183 16.74 23.07 57.17
C ASN B 183 16.68 24.48 56.56
N SER B 184 16.16 24.56 55.34
CA SER B 184 16.04 25.83 54.64
C SER B 184 14.66 26.38 54.96
N ALA B 185 14.63 27.44 55.76
CA ALA B 185 13.37 28.01 56.21
C ALA B 185 12.51 28.37 55.01
N VAL B 186 13.17 28.58 53.88
CA VAL B 186 12.49 29.00 52.67
C VAL B 186 11.91 27.80 51.92
N PRO B 187 10.67 27.97 51.43
CA PRO B 187 9.97 26.98 50.60
C PRO B 187 10.76 26.65 49.33
N THR B 188 10.62 25.41 48.85
CA THR B 188 11.30 24.97 47.64
C THR B 188 10.82 25.75 46.44
N SER B 189 11.76 26.34 45.70
CA SER B 189 11.41 27.01 44.47
C SER B 189 10.80 26.01 43.47
N MET B 190 9.62 26.32 42.95
CA MET B 190 8.95 25.49 41.96
C MET B 190 8.72 26.23 40.65
N VAL B 191 8.16 25.53 39.66
CA VAL B 191 7.99 26.11 38.34
C VAL B 191 6.84 25.50 37.55
N HIS B 192 6.34 26.27 36.59
CA HIS B 192 5.28 25.80 35.70
C HIS B 192 5.80 25.83 34.26
N GLY B 193 6.01 24.66 33.70
CA GLY B 193 6.30 24.54 32.28
C GLY B 193 5.11 24.11 31.43
N ARG B 194 5.16 24.41 30.14
CA ARG B 194 4.21 23.85 29.20
C ARG B 194 4.81 23.61 27.83
N LEU B 195 4.52 22.44 27.27
CA LEU B 195 4.99 22.11 25.94
C LEU B 195 3.81 22.16 24.97
N GLY B 196 3.87 23.12 24.06
CA GLY B 196 2.76 23.37 23.14
C GLY B 196 2.85 22.62 21.84
N PHE B 197 1.72 22.53 21.15
CA PHE B 197 1.63 21.79 19.90
C PHE B 197 2.49 22.43 18.81
N ASP B 198 2.72 23.73 18.94
CA ASP B 198 3.57 24.47 18.02
C ASP B 198 5.01 24.00 18.14
N GLY B 199 5.32 23.38 19.28
CA GLY B 199 6.61 22.77 19.50
C GLY B 199 7.54 23.44 20.49
N GLN B 200 7.25 24.68 20.87
CA GLN B 200 8.12 25.36 21.83
C GLN B 200 7.66 25.18 23.28
N TYR B 201 8.45 25.68 24.22
CA TYR B 201 8.20 25.43 25.64
C TYR B 201 8.46 26.70 26.43
N HIS B 202 7.52 27.06 27.30
CA HIS B 202 7.69 28.25 28.11
C HIS B 202 7.61 27.88 29.56
N GLU B 203 8.08 28.79 30.42
CA GLU B 203 8.19 28.50 31.84
C GLU B 203 7.92 29.77 32.64
N LYS B 204 7.25 29.60 33.78
CA LYS B 204 7.05 30.71 34.72
C LYS B 204 7.20 30.21 36.15
N ASP B 205 8.04 30.90 36.93
CA ASP B 205 8.23 30.54 38.32
C ASP B 205 7.13 31.14 39.19
N LEU B 206 6.39 30.27 39.86
CA LEU B 206 5.29 30.69 40.72
C LEU B 206 5.81 31.12 42.08
N ASP B 207 5.09 32.04 42.72
CA ASP B 207 5.60 32.60 43.95
C ASP B 207 5.32 31.63 45.09
N VAL B 208 6.39 31.03 45.60
CA VAL B 208 6.28 30.02 46.64
C VAL B 208 6.19 30.65 48.03
N THR B 209 7.00 31.68 48.24
CA THR B 209 6.98 32.41 49.50
C THR B 209 5.54 32.78 49.83
N THR B 210 4.80 33.23 48.82
CA THR B 210 3.40 33.62 49.01
C THR B 210 2.48 32.40 49.10
N LEU B 211 2.71 31.42 48.23
CA LEU B 211 1.85 30.24 48.17
C LEU B 211 2.14 29.21 49.26
N PHE B 212 3.42 28.91 49.46
CA PHE B 212 3.86 27.85 50.35
C PHE B 212 4.23 28.31 51.76
N GLU B 213 3.89 29.54 52.08
CA GLU B 213 4.51 30.22 53.20
C GLU B 213 4.73 29.30 54.40
N ASP B 214 3.77 28.41 54.69
CA ASP B 214 3.85 27.58 55.89
C ASP B 214 4.81 26.38 55.80
N TRP B 215 5.39 26.14 54.62
CA TRP B 215 6.24 24.95 54.40
C TRP B 215 7.73 25.26 54.47
N VAL B 216 8.51 24.29 54.91
CA VAL B 216 9.96 24.36 54.85
C VAL B 216 10.48 23.96 53.46
N ALA B 217 9.81 22.96 52.88
CA ALA B 217 10.18 22.42 51.58
C ALA B 217 8.98 21.84 50.86
N ASN B 218 8.97 21.94 49.54
CA ASN B 218 7.86 21.47 48.72
C ASN B 218 8.26 20.89 47.35
N TYR B 219 7.77 19.70 47.03
CA TYR B 219 8.07 19.06 45.75
C TYR B 219 6.80 18.54 45.12
N PRO B 220 6.74 18.52 43.78
CA PRO B 220 5.62 17.88 43.08
C PRO B 220 5.59 16.37 43.35
N GLY B 221 4.44 15.76 43.16
CA GLY B 221 4.22 14.38 43.56
C GLY B 221 4.74 13.31 42.62
N VAL B 222 5.69 13.67 41.75
CA VAL B 222 6.11 12.76 40.70
C VAL B 222 4.92 12.48 39.79
N GLY B 223 4.39 11.26 39.85
CA GLY B 223 3.40 10.85 38.87
C GLY B 223 2.36 11.93 38.63
N GLY B 224 2.00 12.11 37.36
CA GLY B 224 1.23 13.26 36.95
C GLY B 224 -0.20 13.32 37.45
N GLY B 225 -0.66 14.56 37.68
CA GLY B 225 -2.05 14.83 38.01
C GLY B 225 -2.79 15.19 36.75
N SER B 226 -4.07 15.48 36.86
CA SER B 226 -4.90 15.70 35.67
C SER B 226 -5.70 17.02 35.65
N PHE B 227 -6.20 17.36 34.48
CA PHE B 227 -6.92 18.62 34.30
C PHE B 227 -8.39 18.47 34.66
N ILE B 228 -8.92 19.46 35.36
CA ILE B 228 -10.34 19.53 35.68
C ILE B 228 -10.81 20.98 35.67
N ASP B 229 -11.97 21.23 35.08
CA ASP B 229 -12.63 22.53 35.11
C ASP B 229 -11.70 23.74 34.88
N ASN B 230 -11.09 23.80 33.70
CA ASN B 230 -10.29 24.94 33.29
C ASN B 230 -9.13 25.26 34.24
N ARG B 231 -8.73 24.29 35.05
CA ARG B 231 -7.53 24.41 35.87
C ARG B 231 -6.91 23.05 36.19
N VAL B 232 -5.58 22.99 36.17
CA VAL B 232 -4.86 21.74 36.42
C VAL B 232 -4.69 21.45 37.92
N TRP B 233 -4.53 20.17 38.26
CA TRP B 233 -4.31 19.73 39.66
C TRP B 233 -3.08 18.81 39.81
N PHE B 234 -2.13 19.19 40.67
CA PHE B 234 -0.94 18.36 40.89
C PHE B 234 -0.85 17.82 42.31
N PRO B 235 -0.31 16.61 42.46
CA PRO B 235 0.05 16.04 43.74
C PRO B 235 1.30 16.71 44.30
N VAL B 236 1.28 17.06 45.58
CA VAL B 236 2.46 17.65 46.21
C VAL B 236 2.56 17.18 47.65
N TYR B 237 3.78 16.91 48.08
CA TYR B 237 4.04 16.67 49.48
C TYR B 237 5.18 17.60 49.93
N GLY B 238 5.53 17.54 51.22
CA GLY B 238 6.61 18.36 51.75
C GLY B 238 6.57 18.53 53.25
N GLY B 239 7.33 19.50 53.76
CA GLY B 239 7.34 19.83 55.18
C GLY B 239 6.59 21.09 55.58
N LEU B 240 6.39 21.26 56.89
CA LEU B 240 5.63 22.39 57.43
C LEU B 240 6.39 23.12 58.52
N LYS B 241 6.38 24.45 58.46
CA LYS B 241 7.03 25.24 59.49
C LYS B 241 6.30 25.03 60.80
N PRO B 242 7.04 24.71 61.86
CA PRO B 242 6.51 24.49 63.22
C PRO B 242 5.63 25.64 63.73
N ASN B 243 4.47 25.28 64.25
CA ASN B 243 3.55 26.25 64.84
C ASN B 243 3.10 27.32 63.85
N SER B 244 3.18 26.99 62.57
CA SER B 244 2.61 27.82 61.51
C SER B 244 1.14 27.45 61.40
N PRO B 245 0.35 28.28 60.69
CA PRO B 245 -1.07 27.95 60.56
C PRO B 245 -1.31 26.54 60.02
N SER B 246 -0.63 26.17 58.94
CA SER B 246 -0.85 24.86 58.33
C SER B 246 -0.52 23.74 59.29
N ASP B 247 0.54 23.94 60.08
CA ASP B 247 1.04 22.92 61.01
C ASP B 247 0.13 22.76 62.23
N THR B 248 -0.20 23.87 62.88
CA THR B 248 -1.05 23.83 64.07
C THR B 248 -2.44 23.32 63.72
N ALA B 249 -2.78 23.36 62.43
CA ALA B 249 -4.06 22.84 61.98
C ALA B 249 -4.05 21.32 62.01
N GLN B 250 -2.98 20.74 61.48
CA GLN B 250 -2.90 19.30 61.29
C GLN B 250 -2.50 18.60 62.57
N GLU B 251 -2.31 19.40 63.62
CA GLU B 251 -1.90 18.89 64.93
C GLU B 251 -3.01 18.07 65.58
N GLY B 252 -2.66 16.90 66.12
CA GLY B 252 -3.61 16.06 66.79
C GLY B 252 -4.55 15.28 65.87
N LYS B 253 -4.41 15.52 64.57
CA LYS B 253 -5.22 14.81 63.57
C LYS B 253 -4.43 13.63 63.01
N TYR B 254 -5.08 12.47 62.93
CA TYR B 254 -4.45 11.23 62.50
C TYR B 254 -5.48 10.23 62.02
N VAL B 255 -5.01 9.22 61.28
CA VAL B 255 -5.90 8.17 60.79
C VAL B 255 -5.24 6.79 60.86
N ILE B 256 -6.01 5.79 61.27
CA ILE B 256 -5.52 4.42 61.36
C ILE B 256 -6.19 3.53 60.32
N TYR B 257 -5.42 3.07 59.34
CA TYR B 257 -5.99 2.20 58.32
C TYR B 257 -5.54 0.75 58.52
N LYS B 258 -6.50 -0.15 58.75
CA LYS B 258 -6.21 -1.55 59.05
C LYS B 258 -6.21 -2.39 57.78
N ARG B 259 -5.19 -3.23 57.63
CA ARG B 259 -5.02 -4.00 56.40
C ARG B 259 -6.23 -4.87 56.06
N TYR B 260 -6.39 -5.96 56.80
CA TYR B 260 -7.37 -6.99 56.48
C TYR B 260 -7.62 -7.97 57.63
N ASN B 261 -8.14 -9.14 57.29
CA ASN B 261 -8.47 -10.19 58.23
C ASN B 261 -7.36 -10.36 59.26
N ASP B 262 -6.14 -9.97 58.90
CA ASP B 262 -5.07 -9.84 59.88
C ASP B 262 -5.11 -8.43 60.47
N THR B 263 -5.42 -8.33 61.75
CA THR B 263 -5.49 -7.04 62.43
C THR B 263 -4.29 -6.80 63.35
N CYS B 264 -4.25 -5.62 63.98
CA CYS B 264 -3.12 -5.25 64.83
C CYS B 264 -3.43 -5.44 66.32
N PRO B 265 -2.69 -6.34 66.98
CA PRO B 265 -2.91 -6.72 68.38
C PRO B 265 -2.54 -5.66 69.40
N ASP B 266 -1.73 -4.67 69.03
CA ASP B 266 -1.34 -3.62 69.98
C ASP B 266 -2.60 -2.96 70.54
N GLU B 267 -2.53 -2.47 71.77
CA GLU B 267 -3.71 -1.87 72.36
C GLU B 267 -4.04 -0.54 71.71
N GLN B 268 -5.08 0.14 72.18
CA GLN B 268 -5.62 1.28 71.45
C GLN B 268 -4.76 2.52 71.56
N ASP B 269 -4.28 2.82 72.77
CA ASP B 269 -3.46 4.01 72.95
C ASP B 269 -2.14 3.89 72.22
N TYR B 270 -1.55 2.70 72.25
CA TYR B 270 -0.29 2.46 71.56
C TYR B 270 -0.46 2.69 70.06
N GLN B 271 -1.62 2.30 69.51
CA GLN B 271 -1.88 2.51 68.08
C GLN B 271 -2.09 3.99 67.78
N ILE B 272 -3.02 4.61 68.49
CA ILE B 272 -3.30 6.03 68.33
C ILE B 272 -2.02 6.87 68.39
N ARG B 273 -1.17 6.57 69.35
CA ARG B 273 0.09 7.27 69.54
C ARG B 273 1.06 7.13 68.36
N MET B 274 1.19 5.92 67.82
CA MET B 274 2.05 5.70 66.65
C MET B 274 1.43 6.31 65.40
N ALA B 275 0.12 6.20 65.30
CA ALA B 275 -0.59 6.76 64.14
C ALA B 275 -0.26 8.23 64.06
N LYS B 276 -0.24 8.89 65.22
CA LYS B 276 0.11 10.30 65.30
C LYS B 276 1.58 10.52 64.93
N SER B 277 2.46 9.76 65.57
CA SER B 277 3.89 9.84 65.29
C SER B 277 4.17 9.65 63.80
N SER B 278 3.23 9.01 63.12
CA SER B 278 3.35 8.72 61.71
C SER B 278 3.65 9.96 60.88
N TYR B 279 3.30 11.14 61.37
CA TYR B 279 3.48 12.35 60.59
C TYR B 279 4.75 13.11 60.92
N LYS B 280 5.54 12.57 61.85
CA LYS B 280 6.78 13.21 62.26
C LYS B 280 7.92 12.21 62.24
N PRO B 281 8.22 11.68 61.05
CA PRO B 281 9.31 10.71 60.93
C PRO B 281 10.63 11.37 61.26
N GLY B 282 11.55 10.59 61.80
CA GLY B 282 12.85 11.09 62.20
C GLY B 282 13.61 11.75 61.07
N ARG B 283 13.45 11.24 59.86
CA ARG B 283 14.21 11.75 58.72
C ARG B 283 14.15 13.26 58.67
N PHE B 284 12.98 13.81 58.97
CA PHE B 284 12.76 15.25 58.87
C PHE B 284 12.88 16.00 60.21
N GLY B 285 13.21 15.26 61.26
CA GLY B 285 13.54 15.85 62.55
C GLY B 285 12.38 16.52 63.26
N GLY B 286 11.27 15.81 63.35
CA GLY B 286 10.11 16.33 64.07
C GLY B 286 9.36 17.41 63.30
N LYS B 287 9.61 17.49 62.00
CA LYS B 287 8.81 18.36 61.15
C LYS B 287 7.70 17.49 60.58
N ARG B 288 6.54 18.09 60.40
CA ARG B 288 5.36 17.33 59.98
C ARG B 288 5.28 17.21 58.47
N VAL B 289 5.38 15.99 57.95
CA VAL B 289 5.28 15.80 56.53
C VAL B 289 3.81 15.83 56.16
N GLN B 290 3.45 16.71 55.24
CA GLN B 290 2.06 16.88 54.85
C GLN B 290 1.81 16.52 53.39
N GLN B 291 0.59 16.07 53.10
CA GLN B 291 0.13 15.91 51.72
C GLN B 291 -0.52 17.21 51.26
N ALA B 292 -0.31 17.59 50.00
CA ALA B 292 -0.95 18.79 49.48
C ALA B 292 -1.21 18.72 47.98
N ILE B 293 -2.35 19.27 47.55
CA ILE B 293 -2.72 19.30 46.13
C ILE B 293 -2.63 20.72 45.55
N LEU B 294 -1.96 20.85 44.41
CA LEU B 294 -1.77 22.16 43.80
C LEU B 294 -2.67 22.38 42.59
N SER B 295 -3.42 23.48 42.63
CA SER B 295 -4.31 23.89 41.55
C SER B 295 -3.93 25.25 40.94
N ILE B 296 -3.56 25.22 39.66
CA ILE B 296 -3.22 26.42 38.92
C ILE B 296 -4.25 26.56 37.80
N LYS B 297 -4.49 27.79 37.36
CA LYS B 297 -5.40 27.96 36.22
C LYS B 297 -4.64 27.67 34.94
N VAL B 298 -5.30 26.95 34.03
CA VAL B 298 -4.70 26.61 32.75
C VAL B 298 -5.10 27.63 31.68
N SER B 299 -4.14 28.44 31.28
CA SER B 299 -4.41 29.57 30.41
C SER B 299 -3.20 29.83 29.51
N THR B 300 -3.22 30.94 28.80
CA THR B 300 -2.11 31.35 27.96
C THR B 300 -0.96 31.86 28.82
N SER B 301 -1.29 32.32 30.03
CA SER B 301 -0.32 32.91 30.94
C SER B 301 -0.02 31.95 32.08
N LEU B 302 1.18 31.38 32.06
CA LEU B 302 1.52 30.34 33.03
C LEU B 302 1.60 30.88 34.45
N GLY B 303 1.12 30.08 35.41
CA GLY B 303 1.19 30.45 36.81
C GLY B 303 0.00 31.25 37.32
N GLU B 304 -0.96 31.51 36.44
CA GLU B 304 -2.08 32.34 36.83
C GLU B 304 -2.98 31.63 37.83
N ASP B 305 -3.17 32.27 38.98
CA ASP B 305 -4.09 31.83 40.04
C ASP B 305 -3.80 30.45 40.64
N PRO B 306 -2.64 30.29 41.28
CA PRO B 306 -2.27 29.04 41.96
C PRO B 306 -3.05 28.85 43.25
N VAL B 307 -3.46 27.62 43.58
CA VAL B 307 -4.15 27.36 44.84
C VAL B 307 -3.72 26.05 45.48
N LEU B 308 -3.51 26.09 46.79
CA LEU B 308 -3.02 24.93 47.54
C LEU B 308 -4.09 24.34 48.47
N THR B 309 -4.51 23.11 48.17
CA THR B 309 -5.49 22.42 48.99
C THR B 309 -4.79 21.42 49.89
N VAL B 310 -4.91 21.59 51.21
CA VAL B 310 -4.32 20.64 52.12
C VAL B 310 -5.38 19.89 52.94
N PRO B 311 -5.57 18.59 52.65
CA PRO B 311 -6.57 17.75 53.29
C PRO B 311 -6.16 17.38 54.71
N PRO B 312 -7.15 17.12 55.59
CA PRO B 312 -6.91 16.86 57.01
C PRO B 312 -6.24 15.52 57.25
N ASN B 313 -5.39 15.46 58.28
CA ASN B 313 -4.66 14.25 58.62
C ASN B 313 -5.55 13.20 59.28
N THR B 314 -6.80 13.59 59.55
CA THR B 314 -7.81 12.67 60.05
C THR B 314 -8.22 11.75 58.92
N VAL B 315 -7.72 12.05 57.73
CA VAL B 315 -8.05 11.29 56.52
C VAL B 315 -6.78 10.71 55.91
N THR B 316 -5.96 11.58 55.34
CA THR B 316 -4.71 11.16 54.71
C THR B 316 -3.65 10.72 55.71
N LEU B 317 -2.81 9.78 55.28
CA LEU B 317 -1.68 9.35 56.09
C LEU B 317 -0.56 10.36 55.94
N MET B 318 0.64 9.98 56.36
CA MET B 318 1.81 10.84 56.18
C MET B 318 1.92 11.31 54.72
N GLY B 319 2.29 12.57 54.51
CA GLY B 319 2.38 13.13 53.17
C GLY B 319 3.52 12.55 52.35
N ALA B 320 3.29 12.37 51.05
CA ALA B 320 4.33 11.84 50.16
C ALA B 320 3.94 11.95 48.69
N GLU B 321 4.82 11.49 47.81
CA GLU B 321 4.55 11.58 46.37
C GLU B 321 3.37 10.68 45.98
N GLY B 322 2.74 10.98 44.85
CA GLY B 322 1.48 10.39 44.51
C GLY B 322 1.06 10.74 43.09
N ARG B 323 -0.24 10.60 42.81
CA ARG B 323 -0.75 10.88 41.47
C ARG B 323 -2.20 11.30 41.53
N VAL B 324 -2.65 12.10 40.56
CA VAL B 324 -4.05 12.49 40.52
C VAL B 324 -4.72 11.97 39.24
N LEU B 325 -5.76 11.16 39.42
CA LEU B 325 -6.36 10.43 38.30
C LEU B 325 -7.79 10.84 38.10
N THR B 326 -8.08 11.41 36.93
CA THR B 326 -9.48 11.58 36.54
C THR B 326 -9.82 10.47 35.56
N VAL B 327 -10.65 9.55 36.01
CA VAL B 327 -11.16 8.51 35.14
C VAL B 327 -12.66 8.70 34.96
N GLY B 328 -13.06 9.14 33.77
CA GLY B 328 -14.45 9.40 33.49
C GLY B 328 -15.03 10.52 34.34
N THR B 329 -16.09 10.19 35.07
CA THR B 329 -16.82 11.16 35.87
C THR B 329 -16.35 11.23 37.33
N SER B 330 -15.29 10.48 37.64
CA SER B 330 -14.79 10.38 39.01
C SER B 330 -13.36 10.90 39.12
N HIS B 331 -12.93 11.19 40.34
CA HIS B 331 -11.59 11.69 40.60
C HIS B 331 -10.90 10.94 41.74
N PHE B 332 -9.62 10.63 41.55
CA PHE B 332 -8.84 9.95 42.57
C PHE B 332 -7.50 10.63 42.83
N LEU B 333 -6.92 10.26 43.96
CA LEU B 333 -5.58 10.65 44.31
C LEU B 333 -4.90 9.41 44.87
N TYR B 334 -3.78 9.01 44.27
CA TYR B 334 -2.96 7.90 44.77
C TYR B 334 -1.81 8.40 45.66
N GLN B 335 -1.90 8.07 46.95
CA GLN B 335 -0.83 8.37 47.88
C GLN B 335 0.15 7.20 47.85
N ARG B 336 1.44 7.50 47.77
CA ARG B 336 2.45 6.45 47.80
C ARG B 336 2.38 5.78 49.17
N GLY B 337 2.93 4.58 49.27
CA GLY B 337 2.87 3.82 50.51
C GLY B 337 3.89 4.28 51.52
N SER B 338 4.39 5.49 51.34
CA SER B 338 5.63 5.96 52.01
C SER B 338 5.57 5.81 53.52
N SER B 339 4.38 5.46 54.02
CA SER B 339 4.14 5.24 55.44
C SER B 339 3.81 3.78 55.76
N TYR B 340 3.43 3.52 57.00
CA TYR B 340 3.19 2.17 57.48
C TYR B 340 2.11 1.41 56.70
N PHE B 341 1.38 2.07 55.81
CA PHE B 341 0.31 1.36 55.11
C PHE B 341 0.79 0.74 53.79
N SER B 342 0.82 -0.60 53.76
CA SER B 342 1.34 -1.37 52.63
C SER B 342 0.50 -1.36 51.35
N PRO B 343 -0.80 -1.68 51.46
CA PRO B 343 -1.66 -1.73 50.27
C PRO B 343 -1.68 -0.41 49.52
N ALA B 344 -1.99 -0.47 48.24
CA ALA B 344 -2.10 0.75 47.45
C ALA B 344 -3.29 1.56 47.96
N LEU B 345 -3.32 2.85 47.63
CA LEU B 345 -4.36 3.76 48.11
C LEU B 345 -4.91 4.72 47.04
N LEU B 346 -6.23 4.71 46.87
CA LEU B 346 -6.92 5.69 46.02
C LEU B 346 -7.95 6.45 46.84
N TYR B 347 -7.70 7.73 47.05
CA TYR B 347 -8.60 8.56 47.84
C TYR B 347 -9.68 9.12 46.93
N PRO B 348 -10.95 8.79 47.20
CA PRO B 348 -11.98 9.50 46.43
C PRO B 348 -11.83 11.01 46.65
N MET B 349 -11.82 11.74 45.54
CA MET B 349 -11.50 13.17 45.56
C MET B 349 -12.54 14.03 44.81
N THR B 350 -13.18 14.94 45.55
CA THR B 350 -14.16 15.84 44.97
C THR B 350 -13.63 17.27 44.96
N VAL B 351 -14.08 18.07 44.01
CA VAL B 351 -13.55 19.42 43.84
C VAL B 351 -14.63 20.50 43.88
N SER B 352 -14.49 21.42 44.83
CA SER B 352 -15.37 22.57 44.91
C SER B 352 -14.59 23.79 45.39
N ASN B 353 -14.84 24.92 44.74
CA ASN B 353 -14.23 26.19 45.12
C ASN B 353 -12.73 26.24 44.87
N LYS B 354 -12.30 25.66 43.75
CA LYS B 354 -10.89 25.67 43.35
C LYS B 354 -10.00 24.91 44.33
N THR B 355 -10.58 24.54 45.47
CA THR B 355 -9.88 23.75 46.48
C THR B 355 -10.41 22.32 46.48
N ALA B 356 -9.50 21.35 46.50
CA ALA B 356 -9.92 19.95 46.41
C ALA B 356 -10.48 19.46 47.73
N THR B 357 -10.98 18.22 47.72
CA THR B 357 -11.43 17.51 48.91
C THR B 357 -11.26 16.01 48.72
N LEU B 358 -10.89 15.30 49.79
CA LEU B 358 -10.66 13.86 49.71
C LEU B 358 -11.74 13.07 50.49
N HIS B 359 -11.64 11.75 50.47
CA HIS B 359 -12.57 10.92 51.22
C HIS B 359 -11.90 9.65 51.69
N SER B 360 -12.64 8.84 52.42
CA SER B 360 -12.11 7.58 52.94
C SER B 360 -11.64 6.69 51.78
N PRO B 361 -10.36 6.32 51.77
CA PRO B 361 -9.65 5.75 50.62
C PRO B 361 -10.10 4.34 50.20
N TYR B 362 -9.81 3.98 48.95
CA TYR B 362 -9.99 2.62 48.48
C TYR B 362 -8.74 1.82 48.78
N THR B 363 -8.89 0.73 49.54
CA THR B 363 -7.76 -0.16 49.79
C THR B 363 -7.79 -1.37 48.86
N PHE B 364 -6.61 -1.71 48.34
CA PHE B 364 -6.41 -2.98 47.63
C PHE B 364 -5.30 -3.70 48.37
N ASP B 365 -5.65 -4.79 49.03
CA ASP B 365 -4.73 -5.43 49.97
C ASP B 365 -3.69 -6.30 49.27
N ALA B 366 -4.06 -6.79 48.09
CA ALA B 366 -3.18 -7.66 47.30
C ALA B 366 -2.01 -6.90 46.76
N PHE B 367 -2.25 -5.63 46.44
CA PHE B 367 -1.26 -4.81 45.76
C PHE B 367 -0.51 -4.13 46.88
N THR B 368 0.72 -4.56 47.10
CA THR B 368 1.49 -4.05 48.21
C THR B 368 2.75 -3.40 47.66
N ARG B 369 3.60 -2.95 48.57
CA ARG B 369 4.90 -2.43 48.18
C ARG B 369 5.87 -2.86 49.26
N PRO B 370 7.15 -3.02 48.89
CA PRO B 370 8.21 -3.35 49.85
C PRO B 370 8.69 -2.11 50.58
N GLY B 371 9.25 -2.28 51.77
CA GLY B 371 9.81 -1.16 52.50
C GLY B 371 10.74 -1.57 53.62
N SER B 372 11.11 -0.61 54.45
CA SER B 372 11.97 -0.90 55.57
C SER B 372 11.24 -1.76 56.58
N VAL B 373 12.01 -2.38 57.46
CA VAL B 373 11.53 -3.42 58.34
C VAL B 373 10.18 -3.14 59.02
N PRO B 374 10.09 -2.04 59.79
CA PRO B 374 8.79 -1.80 60.46
C PRO B 374 7.60 -1.74 59.51
N CYS B 375 7.78 -1.12 58.34
CA CYS B 375 6.71 -1.05 57.34
C CYS B 375 7.06 -1.75 56.03
N GLN B 376 6.67 -2.99 55.89
CA GLN B 376 7.02 -3.77 54.71
C GLN B 376 5.73 -4.17 54.05
N ALA B 377 5.83 -5.03 53.05
CA ALA B 377 4.63 -5.51 52.40
C ALA B 377 3.62 -5.96 53.46
N SER B 378 4.13 -6.50 54.56
CA SER B 378 3.30 -7.19 55.56
C SER B 378 2.83 -6.39 56.80
N ALA B 379 3.08 -5.09 56.84
CA ALA B 379 2.87 -4.35 58.09
C ALA B 379 1.39 -4.05 58.34
N ARG B 380 0.87 -4.64 59.42
CA ARG B 380 -0.53 -4.44 59.81
C ARG B 380 -0.74 -3.33 60.82
N CYS B 381 0.33 -2.89 61.47
CA CYS B 381 0.18 -1.85 62.47
C CYS B 381 0.65 -0.49 61.97
N PRO B 382 0.40 0.58 62.76
CA PRO B 382 0.88 1.91 62.39
C PRO B 382 2.35 2.03 62.77
N ASN B 383 3.12 2.86 62.07
CA ASN B 383 4.49 3.14 62.49
C ASN B 383 5.10 4.42 61.90
N SER B 384 6.12 4.95 62.57
CA SER B 384 6.83 6.09 62.05
C SER B 384 8.01 5.57 61.24
N CYS B 385 7.91 5.68 59.92
CA CYS B 385 8.97 5.22 59.01
C CYS B 385 8.83 5.93 57.68
N VAL B 386 9.90 5.86 56.87
CA VAL B 386 9.89 6.42 55.52
C VAL B 386 10.54 5.41 54.56
N THR B 387 9.73 4.82 53.69
CA THR B 387 10.19 3.90 52.65
C THR B 387 9.16 3.79 51.56
N GLY B 388 9.30 2.72 50.78
CA GLY B 388 8.29 2.36 49.82
C GLY B 388 8.73 2.84 48.46
N VAL B 389 7.82 2.79 47.51
CA VAL B 389 8.13 3.18 46.16
C VAL B 389 6.85 3.56 45.45
N TYR B 390 6.96 4.24 44.32
CA TYR B 390 5.77 4.64 43.63
C TYR B 390 5.42 3.53 42.68
N THR B 391 4.36 2.79 43.02
CA THR B 391 3.71 1.90 42.07
C THR B 391 2.21 2.17 42.15
N ASP B 392 1.66 2.81 41.11
CA ASP B 392 0.26 3.26 41.17
C ASP B 392 -0.74 2.26 40.54
N PRO B 393 -1.92 2.11 41.17
CA PRO B 393 -3.07 1.40 40.62
C PRO B 393 -3.80 2.27 39.59
N TYR B 394 -4.21 1.70 38.49
CA TYR B 394 -5.04 2.45 37.58
C TYR B 394 -6.45 1.89 37.66
N PRO B 395 -7.44 2.75 37.94
CA PRO B 395 -8.83 2.29 38.03
C PRO B 395 -9.21 1.51 36.79
N LEU B 396 -9.78 0.32 36.99
CA LEU B 396 -10.03 -0.58 35.88
C LEU B 396 -11.47 -1.11 35.86
N VAL B 397 -11.86 -1.85 36.89
CA VAL B 397 -13.19 -2.41 36.95
C VAL B 397 -14.08 -1.62 37.90
N PHE B 398 -15.36 -1.50 37.55
CA PHE B 398 -16.30 -0.73 38.34
C PHE B 398 -17.66 -1.43 38.49
N TYR B 399 -18.56 -0.79 39.23
CA TYR B 399 -19.93 -1.27 39.39
C TYR B 399 -20.90 -0.42 38.57
N ARG B 400 -22.19 -0.71 38.71
CA ARG B 400 -23.23 0.05 38.02
C ARG B 400 -23.43 1.43 38.63
N ASN B 401 -23.17 1.54 39.93
CA ASN B 401 -23.33 2.80 40.64
C ASN B 401 -22.11 3.72 40.52
N HIS B 402 -21.16 3.29 39.72
CA HIS B 402 -19.93 4.06 39.46
C HIS B 402 -19.04 4.15 40.70
N THR B 403 -18.97 3.06 41.46
CA THR B 403 -18.02 2.96 42.56
C THR B 403 -16.92 1.97 42.17
N LEU B 404 -15.70 2.23 42.63
CA LEU B 404 -14.56 1.42 42.22
C LEU B 404 -14.58 0.02 42.84
N ARG B 405 -14.15 -0.97 42.05
CA ARG B 405 -14.15 -2.37 42.47
C ARG B 405 -12.79 -3.07 42.40
N GLY B 406 -12.15 -3.03 41.24
CA GLY B 406 -10.75 -3.44 41.15
C GLY B 406 -9.91 -2.62 40.18
N VAL B 407 -8.58 -2.65 40.34
CA VAL B 407 -7.68 -1.83 39.53
C VAL B 407 -6.63 -2.67 38.86
N PHE B 408 -5.78 -2.02 38.06
CA PHE B 408 -4.60 -2.69 37.50
C PHE B 408 -3.31 -2.01 37.95
N GLY B 409 -2.20 -2.73 37.90
CA GLY B 409 -0.90 -2.14 38.19
C GLY B 409 0.29 -3.10 38.15
N THR B 410 1.48 -2.53 38.00
CA THR B 410 2.70 -3.34 38.07
C THR B 410 3.37 -3.12 39.43
N MET B 411 3.37 -4.16 40.24
CA MET B 411 3.86 -4.08 41.60
C MET B 411 5.23 -4.71 41.75
N LEU B 412 6.01 -4.22 42.70
CA LEU B 412 7.26 -4.89 43.04
C LEU B 412 6.91 -5.91 44.10
N ASP B 413 7.05 -7.18 43.76
CA ASP B 413 6.60 -8.22 44.66
C ASP B 413 7.77 -8.66 45.54
N ASP B 414 7.71 -8.26 46.80
CA ASP B 414 8.70 -8.66 47.79
C ASP B 414 8.34 -7.92 49.07
N LYS B 415 8.79 -8.43 50.21
CA LYS B 415 8.45 -7.84 51.49
C LYS B 415 9.34 -6.67 51.82
N GLN B 416 10.64 -6.83 51.56
CA GLN B 416 11.63 -5.85 52.04
C GLN B 416 12.18 -4.87 51.01
N ALA B 417 12.86 -5.38 49.97
CA ALA B 417 13.51 -4.50 49.01
C ALA B 417 12.74 -4.42 47.71
N ARG B 418 13.26 -3.62 46.77
CA ARG B 418 12.56 -3.34 45.52
C ARG B 418 12.97 -4.38 44.49
N LEU B 419 12.06 -5.29 44.21
CA LEU B 419 12.40 -6.46 43.44
C LEU B 419 11.16 -7.06 42.78
N ASN B 420 11.41 -7.88 41.76
CA ASN B 420 10.37 -8.64 41.06
C ASN B 420 9.16 -7.84 40.58
N PRO B 421 9.35 -7.01 39.55
CA PRO B 421 8.20 -6.35 38.92
C PRO B 421 7.18 -7.39 38.46
N VAL B 422 5.91 -7.15 38.75
CA VAL B 422 4.83 -8.02 38.32
C VAL B 422 3.58 -7.20 37.99
N SER B 423 2.88 -7.57 36.92
CA SER B 423 1.65 -6.91 36.54
C SER B 423 0.45 -7.81 36.83
N ALA B 424 -0.56 -7.25 37.48
CA ALA B 424 -1.72 -8.03 37.86
C ALA B 424 -2.94 -7.13 38.05
N VAL B 425 -4.11 -7.73 38.04
CA VAL B 425 -5.34 -6.99 38.28
C VAL B 425 -5.88 -7.27 39.67
N PHE B 426 -6.16 -6.20 40.41
CA PHE B 426 -6.46 -6.31 41.81
C PHE B 426 -7.90 -5.90 42.10
N ASP B 427 -8.43 -6.41 43.21
CA ASP B 427 -9.71 -5.99 43.76
C ASP B 427 -9.44 -5.65 45.21
N SER B 428 -10.50 -5.45 45.98
CA SER B 428 -10.35 -5.10 47.39
C SER B 428 -9.33 -5.99 48.10
N ILE B 429 -9.40 -7.30 47.92
CA ILE B 429 -8.61 -8.22 48.72
C ILE B 429 -7.44 -8.89 48.01
N SER B 430 -7.71 -9.66 46.98
CA SER B 430 -6.67 -10.45 46.34
C SER B 430 -6.36 -10.01 44.91
N ARG B 431 -5.46 -10.73 44.25
CA ARG B 431 -5.07 -10.35 42.89
C ARG B 431 -5.14 -11.49 41.91
N SER B 432 -5.24 -11.11 40.64
CA SER B 432 -5.44 -12.04 39.55
C SER B 432 -4.16 -12.77 39.23
N ARG B 433 -4.21 -13.52 38.13
CA ARG B 433 -3.02 -14.13 37.59
C ARG B 433 -2.14 -12.98 37.17
N ILE B 434 -0.84 -13.20 37.14
CA ILE B 434 0.10 -12.11 37.01
C ILE B 434 1.08 -12.29 35.87
N THR B 435 1.69 -11.17 35.45
CA THR B 435 2.75 -11.21 34.46
C THR B 435 4.06 -10.73 35.08
N ARG B 436 5.08 -11.58 34.97
CA ARG B 436 6.41 -11.30 35.52
C ARG B 436 7.29 -10.66 34.44
N VAL B 437 7.81 -9.46 34.72
CA VAL B 437 8.67 -8.82 33.73
C VAL B 437 9.92 -9.62 33.54
N SER B 438 10.27 -10.43 34.54
CA SER B 438 11.40 -11.35 34.39
C SER B 438 11.30 -12.53 35.34
N SER B 439 12.05 -13.57 35.03
CA SER B 439 12.26 -14.65 35.99
C SER B 439 13.16 -14.07 37.06
N SER B 440 13.48 -14.89 38.04
CA SER B 440 14.34 -14.44 39.13
C SER B 440 13.88 -13.12 39.73
N SER B 441 14.83 -12.29 40.13
CA SER B 441 14.47 -11.07 40.81
C SER B 441 15.30 -9.92 40.24
N THR B 442 14.64 -9.00 39.57
CA THR B 442 15.37 -7.97 38.87
C THR B 442 15.13 -6.63 39.51
N LYS B 443 16.21 -5.89 39.72
CA LYS B 443 16.15 -4.60 40.42
C LYS B 443 15.09 -3.73 39.75
N ALA B 444 14.24 -3.11 40.57
CA ALA B 444 13.18 -2.26 40.03
C ALA B 444 12.84 -1.07 40.91
N ALA B 445 11.89 -0.27 40.44
CA ALA B 445 11.64 1.07 40.96
C ALA B 445 10.22 1.51 40.63
N TYR B 446 10.01 2.83 40.63
CA TYR B 446 8.69 3.38 40.36
C TYR B 446 8.04 2.73 39.15
N THR B 447 6.75 2.50 39.26
CA THR B 447 5.94 2.10 38.13
C THR B 447 4.69 2.96 38.12
N THR B 448 4.48 3.68 37.01
CA THR B 448 3.19 4.33 36.77
C THR B 448 2.49 3.64 35.62
N SER B 449 1.19 3.46 35.74
CA SER B 449 0.46 2.69 34.75
C SER B 449 -0.89 3.33 34.42
N THR B 450 -1.31 3.23 33.17
CA THR B 450 -2.63 3.73 32.75
C THR B 450 -3.25 2.77 31.73
N CYS B 451 -4.58 2.63 31.78
CA CYS B 451 -5.28 1.66 30.94
C CYS B 451 -6.24 2.37 30.00
N PHE B 452 -6.28 1.95 28.74
CA PHE B 452 -7.18 2.55 27.75
C PHE B 452 -7.86 1.45 26.94
N LYS B 453 -8.88 1.81 26.17
CA LYS B 453 -9.49 0.82 25.28
C LYS B 453 -9.37 1.24 23.81
N VAL B 454 -9.20 0.25 22.94
CA VAL B 454 -9.29 0.47 21.51
C VAL B 454 -10.72 0.15 21.09
N VAL B 455 -11.46 1.17 20.70
CA VAL B 455 -12.89 1.02 20.40
C VAL B 455 -13.16 0.13 19.18
N LYS B 456 -12.47 0.41 18.08
CA LYS B 456 -12.71 -0.33 16.84
C LYS B 456 -12.58 -1.84 17.06
N THR B 457 -11.42 -2.27 17.55
CA THR B 457 -11.21 -3.68 17.79
C THR B 457 -11.86 -4.09 19.11
N ASN B 458 -12.32 -3.09 19.86
CA ASN B 458 -12.87 -3.29 21.19
C ASN B 458 -12.01 -4.19 22.08
N LYS B 459 -10.84 -3.68 22.46
CA LYS B 459 -9.88 -4.39 23.29
C LYS B 459 -9.28 -3.42 24.29
N THR B 460 -9.15 -3.85 25.54
CA THR B 460 -8.65 -2.97 26.58
C THR B 460 -7.19 -3.27 26.89
N TYR B 461 -6.35 -2.24 26.77
CA TYR B 461 -4.95 -2.42 27.00
C TYR B 461 -4.51 -1.67 28.24
N CYS B 462 -3.26 -1.86 28.62
CA CYS B 462 -2.68 -1.18 29.77
C CYS B 462 -1.19 -0.92 29.60
N LEU B 463 -0.77 0.30 29.89
CA LEU B 463 0.63 0.66 29.76
C LEU B 463 1.24 0.92 31.13
N SER B 464 2.27 0.13 31.46
CA SER B 464 3.01 0.29 32.70
C SER B 464 4.37 0.86 32.38
N ILE B 465 4.63 2.08 32.87
CA ILE B 465 5.96 2.66 32.75
C ILE B 465 6.72 2.42 34.04
N ALA B 466 7.86 1.76 33.92
CA ALA B 466 8.52 1.16 35.06
C ALA B 466 10.05 1.24 34.99
N GLU B 467 10.69 1.35 36.16
CA GLU B 467 12.14 1.46 36.24
C GLU B 467 12.82 0.12 36.50
N ILE B 468 13.76 -0.26 35.63
CA ILE B 468 14.39 -1.57 35.75
C ILE B 468 15.92 -1.53 35.57
N SER B 469 16.61 -2.36 36.34
CA SER B 469 18.08 -2.35 36.42
C SER B 469 18.76 -2.51 35.07
N ASN B 470 19.64 -1.56 34.74
CA ASN B 470 20.25 -1.48 33.42
C ASN B 470 21.68 -1.98 33.20
N THR B 471 22.37 -2.44 34.24
CA THR B 471 23.80 -2.76 34.11
C THR B 471 24.55 -1.70 33.31
N LEU B 472 25.22 -2.11 32.24
CA LEU B 472 25.96 -1.16 31.42
C LEU B 472 25.01 -0.06 31.00
N PHE B 473 25.53 1.16 30.86
CA PHE B 473 24.72 2.33 30.54
C PHE B 473 23.77 2.79 31.65
N GLY B 474 24.24 2.82 32.88
CA GLY B 474 23.60 3.64 33.90
C GLY B 474 22.75 3.10 35.05
N GLU B 475 22.65 1.78 35.20
CA GLU B 475 22.01 1.19 36.39
C GLU B 475 20.49 1.37 36.50
N PHE B 476 19.89 2.22 35.66
CA PHE B 476 18.42 2.29 35.55
C PHE B 476 17.95 2.62 34.14
N ARG B 477 16.86 1.98 33.71
CA ARG B 477 16.26 2.25 32.40
C ARG B 477 14.74 2.23 32.45
N ILE B 478 14.13 3.31 31.96
CA ILE B 478 12.67 3.41 32.01
C ILE B 478 12.05 2.90 30.72
N VAL B 479 11.09 1.99 30.87
CA VAL B 479 10.59 1.23 29.73
C VAL B 479 9.09 1.27 29.62
N PRO B 480 8.59 1.38 28.38
CA PRO B 480 7.17 1.38 28.05
C PRO B 480 6.58 -0.02 27.93
N LEU B 481 6.31 -0.65 29.07
CA LEU B 481 5.74 -2.00 29.11
C LEU B 481 4.25 -2.07 28.73
N LEU B 482 3.91 -2.94 27.77
CA LEU B 482 2.55 -2.97 27.21
C LEU B 482 1.81 -4.30 27.42
N VAL B 483 0.49 -4.23 27.64
CA VAL B 483 -0.25 -5.44 27.96
C VAL B 483 -1.70 -5.33 27.53
N GLU B 484 -2.37 -6.47 27.33
CA GLU B 484 -3.82 -6.48 27.08
C GLU B 484 -4.57 -7.30 28.12
N ILE B 485 -5.69 -6.76 28.60
CA ILE B 485 -6.47 -7.42 29.65
C ILE B 485 -7.31 -8.55 29.07
N LEU B 486 -7.54 -9.60 29.86
CA LEU B 486 -8.15 -10.81 29.33
C LEU B 486 -9.27 -11.38 30.18
N LYS B 487 -10.11 -12.21 29.56
CA LYS B 487 -11.20 -12.89 30.27
C LYS B 487 -10.71 -14.23 30.78
N ASP B 488 -10.90 -14.48 32.07
CA ASP B 488 -10.39 -15.69 32.69
C ASP B 488 -11.16 -16.90 32.19
N ASP B 489 -12.21 -16.67 31.40
CA ASP B 489 -13.04 -17.77 30.92
C ASP B 489 -12.33 -18.50 29.79
N GLY B 490 -12.00 -19.76 30.03
CA GLY B 490 -11.25 -20.54 29.09
C GLY B 490 -10.32 -21.49 29.84
N VAL B 491 -9.35 -22.04 29.12
CA VAL B 491 -8.34 -22.91 29.70
C VAL B 491 -6.94 -22.50 29.26
N ARG B 498 -2.76 -20.19 31.31
CA ARG B 498 -2.79 -21.56 31.81
C ARG B 498 -3.39 -22.50 30.77
N LEU B 499 -2.92 -22.37 29.53
CA LEU B 499 -3.33 -23.24 28.43
C LEU B 499 -2.31 -24.35 28.22
N SER B 500 -1.31 -24.37 29.09
CA SER B 500 -0.12 -25.23 28.96
C SER B 500 0.98 -24.56 28.12
N GLN B 501 0.66 -23.40 27.54
CA GLN B 501 1.66 -22.57 26.88
C GLN B 501 1.78 -21.21 27.58
N LEU B 502 2.88 -21.00 28.30
CA LEU B 502 3.05 -19.75 29.03
C LEU B 502 4.32 -18.95 28.68
N ARG B 503 4.15 -17.83 28.00
CA ARG B 503 5.26 -16.89 27.79
C ARG B 503 5.25 -15.79 28.85
N GLU B 504 4.15 -15.71 29.61
CA GLU B 504 4.04 -14.76 30.69
C GLU B 504 4.57 -15.42 31.94
N GLY B 505 4.88 -16.72 31.82
CA GLY B 505 5.33 -17.50 32.96
C GLY B 505 6.43 -16.73 33.66
N TRP B 506 7.45 -16.35 32.90
CA TRP B 506 8.60 -15.68 33.47
C TRP B 506 9.21 -14.76 32.42
N LYS B 507 10.40 -14.23 32.69
CA LYS B 507 11.26 -13.65 31.65
C LYS B 507 12.72 -13.63 32.07
N ASP B 508 13.63 -13.57 31.10
CA ASP B 508 15.04 -13.86 31.34
C ASP B 508 15.96 -12.68 31.73
N ASP B 509 16.49 -12.69 32.94
CA ASP B 509 17.46 -11.67 33.36
C ASP B 509 18.85 -12.26 33.53
N ILE B 510 19.86 -11.56 33.03
CA ILE B 510 21.21 -12.12 33.08
C ILE B 510 22.09 -11.64 34.26
N VAL B 511 21.60 -10.68 35.04
CA VAL B 511 22.47 -10.02 36.04
C VAL B 511 22.73 -10.76 37.35
N SER B 512 21.79 -11.59 37.79
CA SER B 512 22.11 -12.62 38.79
C SER B 512 22.87 -13.90 38.25
N PRO B 513 22.25 -14.59 37.30
CA PRO B 513 22.79 -15.83 36.71
C PRO B 513 24.00 -15.69 35.77
N ILE B 514 24.19 -16.75 34.99
CA ILE B 514 24.87 -16.73 33.67
C ILE B 514 26.38 -17.00 33.55
N PHE B 515 27.07 -17.17 34.66
CA PHE B 515 28.33 -17.91 34.63
C PHE B 515 28.41 -18.94 35.77
N CYS B 516 28.34 -18.36 36.95
CA CYS B 516 28.84 -18.88 38.21
C CYS B 516 27.81 -19.27 39.27
N ASP B 517 26.54 -19.08 38.98
CA ASP B 517 25.50 -19.53 39.90
C ASP B 517 25.66 -18.88 41.27
N ALA B 518 26.38 -17.76 41.31
CA ALA B 518 26.64 -17.07 42.57
C ALA B 518 27.15 -18.06 43.60
N LYS B 519 26.69 -17.90 44.83
CA LYS B 519 26.96 -18.85 45.91
C LYS B 519 25.65 -19.04 46.64
N ASN B 520 25.32 -20.27 46.97
CA ASN B 520 23.94 -20.59 47.28
C ASN B 520 23.51 -20.39 48.74
N GLN B 521 24.38 -19.85 49.59
CA GLN B 521 24.03 -19.75 51.01
C GLN B 521 23.10 -18.58 51.25
N THR B 522 22.76 -17.89 50.17
CA THR B 522 21.73 -16.87 50.24
C THR B 522 22.12 -15.72 51.17
N GLU B 523 23.42 -15.40 51.13
CA GLU B 523 23.88 -14.07 51.46
C GLU B 523 23.58 -13.34 50.17
N TYR B 524 23.21 -14.14 49.18
CA TYR B 524 22.70 -13.64 47.92
C TYR B 524 21.45 -12.78 48.16
N ARG B 525 20.47 -13.31 48.87
CA ARG B 525 19.29 -12.54 49.22
C ARG B 525 19.74 -11.24 49.88
N ARG B 526 20.86 -11.32 50.57
CA ARG B 526 21.41 -10.16 51.28
C ARG B 526 22.06 -9.19 50.31
N GLU B 527 22.94 -9.70 49.46
CA GLU B 527 23.60 -8.86 48.47
C GLU B 527 22.57 -8.31 47.49
N LEU B 528 21.54 -9.11 47.22
CA LEU B 528 20.42 -8.68 46.39
C LEU B 528 19.67 -7.51 47.02
N GLU B 529 19.18 -7.74 48.24
CA GLU B 529 18.45 -6.70 48.93
C GLU B 529 19.35 -5.48 49.13
N SER B 530 20.65 -5.68 48.87
CA SER B 530 21.60 -4.58 48.85
C SER B 530 21.82 -4.04 47.43
N TYR B 531 21.23 -4.68 46.43
CA TYR B 531 21.36 -4.25 45.05
C TYR B 531 20.20 -3.32 44.70
N ALA B 532 19.39 -2.98 45.71
CA ALA B 532 18.26 -2.07 45.50
C ALA B 532 18.49 -0.73 46.18
N ALA B 533 18.38 0.35 45.40
CA ALA B 533 18.61 1.69 45.95
C ALA B 533 17.45 2.63 45.64
N SER B 534 17.07 3.40 46.64
CA SER B 534 15.93 4.30 46.50
C SER B 534 16.11 5.76 46.90
N TRP B 535 15.96 6.02 48.20
CA TRP B 535 15.62 7.36 48.72
C TRP B 535 15.64 7.42 50.22
N GLY C 44 8.34 15.69 -19.07
CA GLY C 44 7.90 14.47 -18.40
C GLY C 44 6.48 14.09 -18.75
N ALA C 45 5.59 15.07 -18.79
CA ALA C 45 4.17 14.82 -19.09
C ALA C 45 3.95 14.47 -20.55
N PRO C 46 2.97 13.60 -20.82
CA PRO C 46 2.59 13.12 -22.16
C PRO C 46 2.00 14.21 -23.07
N ILE C 47 1.43 15.27 -22.49
CA ILE C 47 0.75 16.30 -23.27
C ILE C 47 -0.31 15.67 -24.17
N HIS C 48 -0.38 16.13 -25.41
CA HIS C 48 -1.31 15.58 -26.38
C HIS C 48 -0.59 15.51 -27.72
N ASP C 49 -1.33 15.18 -28.77
CA ASP C 49 -0.80 15.28 -30.11
C ASP C 49 -0.53 16.75 -30.38
N PRO C 50 0.27 17.04 -31.42
CA PRO C 50 0.49 18.43 -31.86
C PRO C 50 -0.82 19.02 -32.39
N ASP C 51 -1.75 18.13 -32.73
CA ASP C 51 -3.02 18.53 -33.31
C ASP C 51 -3.94 19.19 -32.29
N TYR C 52 -4.09 18.53 -31.14
CA TYR C 52 -5.05 18.94 -30.12
C TYR C 52 -4.65 20.14 -29.27
N ILE C 53 -3.35 20.34 -29.11
CA ILE C 53 -2.85 21.48 -28.33
C ILE C 53 -3.44 22.80 -28.84
N GLY C 54 -3.99 23.59 -27.91
CA GLY C 54 -4.58 24.88 -28.21
C GLY C 54 -6.11 24.92 -28.22
N GLY C 55 -6.73 23.76 -28.45
CA GLY C 55 -8.18 23.68 -28.43
C GLY C 55 -8.72 22.91 -27.25
N ILE C 56 -7.84 22.52 -26.34
CA ILE C 56 -8.25 21.69 -25.21
C ILE C 56 -8.64 22.52 -23.99
N GLY C 57 -9.86 22.34 -23.52
CA GLY C 57 -10.33 22.98 -22.31
C GLY C 57 -10.42 24.48 -22.41
N LYS C 58 -11.17 24.96 -23.39
CA LYS C 58 -11.29 26.40 -23.62
C LYS C 58 -12.69 26.69 -24.12
N GLU C 59 -12.91 27.91 -24.58
CA GLU C 59 -14.19 28.25 -25.19
C GLU C 59 -14.09 27.96 -26.68
N LEU C 60 -14.84 26.95 -27.12
CA LEU C 60 -14.73 26.45 -28.49
C LEU C 60 -15.38 27.38 -29.50
N ILE C 61 -16.46 28.04 -29.07
CA ILE C 61 -17.25 28.91 -29.96
C ILE C 61 -17.67 30.21 -29.30
N VAL C 62 -17.21 31.34 -29.85
CA VAL C 62 -17.69 32.65 -29.40
C VAL C 62 -18.17 33.48 -30.57
N ASP C 63 -19.48 33.69 -30.62
CA ASP C 63 -20.09 34.55 -31.62
C ASP C 63 -21.29 35.26 -31.01
N ASP C 64 -21.39 36.58 -31.17
CA ASP C 64 -22.57 37.28 -30.69
C ASP C 64 -23.65 37.37 -31.76
N ALA C 65 -23.24 37.12 -33.01
CA ALA C 65 -24.13 37.25 -34.17
C ALA C 65 -24.73 35.91 -34.58
N SER C 66 -24.43 34.87 -33.81
CA SER C 66 -24.98 33.55 -34.09
C SER C 66 -26.06 33.22 -33.07
N ASP C 67 -27.16 32.64 -33.55
CA ASP C 67 -28.19 32.13 -32.67
C ASP C 67 -27.72 30.81 -32.05
N VAL C 68 -28.09 30.58 -30.80
CA VAL C 68 -27.60 29.43 -30.07
C VAL C 68 -28.00 28.10 -30.71
N THR C 69 -29.30 27.90 -30.85
CA THR C 69 -29.81 26.61 -31.31
C THR C 69 -29.37 26.31 -32.74
N SER C 70 -28.71 27.27 -33.38
CA SER C 70 -28.30 27.13 -34.78
C SER C 70 -27.00 26.33 -34.95
N PHE C 71 -26.43 25.88 -33.85
CA PHE C 71 -25.35 24.88 -33.91
C PHE C 71 -25.99 23.53 -33.62
N TYR C 72 -25.20 22.46 -33.68
CA TYR C 72 -25.78 21.15 -33.42
C TYR C 72 -24.78 20.01 -33.49
N PRO C 73 -25.16 18.88 -32.89
CA PRO C 73 -24.32 17.67 -32.85
C PRO C 73 -24.37 16.95 -34.17
N SER C 74 -23.37 16.13 -34.42
CA SER C 74 -23.36 15.24 -35.57
C SER C 74 -23.96 13.90 -35.18
N ALA C 75 -24.04 12.98 -36.14
CA ALA C 75 -24.34 11.59 -35.83
C ALA C 75 -23.12 11.08 -35.08
N PHE C 76 -23.26 9.97 -34.39
CA PHE C 76 -22.15 9.47 -33.59
C PHE C 76 -20.99 9.00 -34.46
N GLN C 77 -19.83 9.60 -34.24
CA GLN C 77 -18.62 9.29 -35.01
C GLN C 77 -17.92 8.03 -34.52
N GLU C 78 -17.17 7.40 -35.43
CA GLU C 78 -16.46 6.16 -35.12
C GLU C 78 -15.04 6.43 -34.60
N HIS C 79 -14.72 5.72 -33.52
CA HIS C 79 -13.46 5.90 -32.81
C HIS C 79 -13.20 4.61 -32.04
N LEU C 80 -11.97 4.42 -31.59
CA LEU C 80 -11.66 3.25 -30.77
C LEU C 80 -12.09 3.52 -29.34
N ASN C 81 -12.75 2.54 -28.74
CA ASN C 81 -13.26 2.67 -27.38
C ASN C 81 -12.16 2.45 -26.34
N PHE C 82 -11.93 3.49 -25.53
CA PHE C 82 -10.89 3.44 -24.50
C PHE C 82 -11.44 2.92 -23.19
N ILE C 83 -12.71 2.54 -23.21
CA ILE C 83 -13.42 2.12 -22.01
C ILE C 83 -13.68 0.62 -21.97
N PRO C 84 -13.18 -0.05 -20.92
CA PRO C 84 -13.35 -1.49 -20.72
C PRO C 84 -14.80 -1.92 -20.67
N ALA C 85 -15.07 -3.12 -21.17
CA ALA C 85 -16.42 -3.66 -21.22
C ALA C 85 -16.53 -4.86 -20.28
N PRO C 86 -17.74 -5.16 -19.81
CA PRO C 86 -17.87 -6.21 -18.80
C PRO C 86 -17.43 -7.58 -19.31
N THR C 87 -16.53 -8.22 -18.58
CA THR C 87 -16.29 -9.64 -18.77
C THR C 87 -17.33 -10.39 -17.96
N THR C 88 -17.58 -9.89 -16.77
CA THR C 88 -18.46 -10.54 -15.81
C THR C 88 -19.90 -10.62 -16.29
N GLY C 89 -20.48 -11.81 -16.15
CA GLY C 89 -21.89 -12.01 -16.47
C GLY C 89 -22.75 -11.96 -15.23
N SER C 90 -22.25 -11.31 -14.17
CA SER C 90 -22.96 -11.21 -12.89
C SER C 90 -23.26 -9.76 -12.47
N GLY C 91 -22.24 -9.04 -12.00
CA GLY C 91 -22.41 -7.66 -11.58
C GLY C 91 -22.33 -6.65 -12.72
N CYS C 92 -22.69 -5.40 -12.45
CA CYS C 92 -22.71 -4.35 -13.48
C CYS C 92 -21.48 -3.44 -13.40
N THR C 93 -21.42 -2.48 -14.33
CA THR C 93 -20.35 -1.48 -14.35
C THR C 93 -20.97 -0.09 -14.41
N ARG C 94 -20.74 0.70 -13.36
CA ARG C 94 -21.46 1.96 -13.17
C ARG C 94 -20.63 3.14 -12.67
N ILE C 95 -21.30 4.28 -12.53
CA ILE C 95 -20.70 5.50 -12.01
C ILE C 95 -19.38 5.90 -12.65
N PRO C 96 -19.42 6.36 -13.89
CA PRO C 96 -18.26 6.85 -14.63
C PRO C 96 -17.91 8.28 -14.27
N SER C 97 -16.65 8.67 -14.49
CA SER C 97 -16.22 10.04 -14.28
C SER C 97 -15.08 10.44 -15.23
N PHE C 98 -15.04 11.73 -15.56
CA PHE C 98 -14.14 12.22 -16.59
C PHE C 98 -13.69 13.66 -16.33
N ASP C 99 -12.48 13.99 -16.76
CA ASP C 99 -11.94 15.35 -16.71
C ASP C 99 -10.94 15.50 -17.86
N MET C 100 -10.83 16.70 -18.43
CA MET C 100 -9.88 16.92 -19.52
C MET C 100 -8.84 17.98 -19.15
N SER C 101 -7.61 17.56 -18.94
CA SER C 101 -6.52 18.48 -18.64
C SER C 101 -6.10 19.16 -19.93
N ALA C 102 -5.46 20.33 -19.82
CA ALA C 102 -4.86 20.96 -20.98
C ALA C 102 -3.87 19.98 -21.61
N THR C 103 -3.34 19.08 -20.79
CA THR C 103 -2.40 18.06 -21.25
C THR C 103 -3.09 16.72 -21.56
N HIS C 104 -3.68 16.09 -20.54
CA HIS C 104 -4.21 14.74 -20.66
C HIS C 104 -5.64 14.59 -20.13
N TYR C 105 -6.14 13.36 -20.14
CA TYR C 105 -7.47 13.08 -19.62
C TYR C 105 -7.42 11.99 -18.55
N CYS C 106 -8.37 12.07 -17.62
CA CYS C 106 -8.49 11.10 -16.53
C CYS C 106 -9.89 10.49 -16.47
N TYR C 107 -9.97 9.16 -16.37
CA TYR C 107 -11.26 8.49 -16.31
C TYR C 107 -11.31 7.25 -15.44
N THR C 108 -12.48 6.98 -14.87
CA THR C 108 -12.66 5.84 -13.97
C THR C 108 -14.10 5.35 -13.98
N HIS C 109 -14.30 4.09 -13.65
CA HIS C 109 -15.64 3.56 -13.43
C HIS C 109 -15.60 2.38 -12.48
N ASN C 110 -16.64 2.26 -11.66
CA ASN C 110 -16.70 1.25 -10.60
C ASN C 110 -17.41 -0.02 -11.06
N VAL C 111 -16.90 -1.17 -10.61
CA VAL C 111 -17.44 -2.46 -11.02
C VAL C 111 -17.89 -3.31 -9.85
N ILE C 112 -19.20 -3.54 -9.75
CA ILE C 112 -19.75 -4.37 -8.69
C ILE C 112 -19.58 -5.84 -9.05
N LEU C 113 -19.10 -6.64 -8.11
CA LEU C 113 -18.85 -8.06 -8.37
C LEU C 113 -20.11 -8.94 -8.31
N SER C 114 -21.07 -8.55 -7.46
CA SER C 114 -22.32 -9.30 -7.34
C SER C 114 -23.51 -8.36 -7.40
N GLY C 115 -24.33 -8.46 -8.45
CA GLY C 115 -25.50 -7.61 -8.57
C GLY C 115 -25.12 -6.17 -8.84
N CYS C 116 -26.11 -5.32 -9.09
CA CYS C 116 -25.85 -3.90 -9.36
C CYS C 116 -26.12 -3.01 -8.13
N ARG C 117 -26.47 -3.61 -7.00
CA ARG C 117 -26.82 -2.85 -5.80
C ARG C 117 -25.73 -1.89 -5.34
N ASP C 118 -26.15 -0.75 -4.78
CA ASP C 118 -25.21 0.32 -4.43
C ASP C 118 -24.16 -0.06 -3.39
N HIS C 119 -24.61 -0.64 -2.28
CA HIS C 119 -23.72 -0.97 -1.17
C HIS C 119 -22.74 -2.09 -1.51
N SER C 120 -23.11 -2.95 -2.46
CA SER C 120 -22.39 -4.21 -2.69
C SER C 120 -20.91 -4.04 -3.03
N HIS C 121 -20.12 -5.07 -2.72
CA HIS C 121 -18.67 -5.02 -2.91
C HIS C 121 -18.26 -4.88 -4.37
N SER C 122 -17.32 -3.96 -4.63
CA SER C 122 -16.95 -3.63 -6.00
C SER C 122 -15.48 -3.26 -6.20
N HIS C 123 -14.93 -3.72 -7.32
CA HIS C 123 -13.64 -3.28 -7.82
C HIS C 123 -13.81 -1.94 -8.53
N GLN C 124 -12.75 -1.15 -8.54
CA GLN C 124 -12.74 0.11 -9.27
C GLN C 124 -11.74 0.00 -10.42
N TYR C 125 -11.97 0.75 -11.49
CA TYR C 125 -11.03 0.83 -12.60
C TYR C 125 -10.79 2.28 -12.99
N LEU C 126 -9.53 2.72 -12.91
CA LEU C 126 -9.12 4.08 -13.25
C LEU C 126 -8.10 4.02 -14.39
N ALA C 127 -7.97 5.11 -15.13
CA ALA C 127 -6.97 5.16 -16.19
C ALA C 127 -6.60 6.59 -16.54
N LEU C 128 -5.44 6.78 -17.15
CA LEU C 128 -5.07 8.07 -17.70
C LEU C 128 -4.74 7.85 -19.16
N GLY C 129 -5.02 8.85 -19.98
CA GLY C 129 -4.76 8.74 -21.39
C GLY C 129 -4.52 10.08 -22.06
N VAL C 130 -4.31 10.04 -23.37
CA VAL C 130 -3.98 11.23 -24.14
C VAL C 130 -4.91 11.31 -25.35
N LEU C 131 -4.95 12.48 -25.97
CA LEU C 131 -5.69 12.69 -27.22
C LEU C 131 -4.77 12.70 -28.42
N ARG C 132 -4.91 11.69 -29.27
CA ARG C 132 -4.00 11.50 -30.39
C ARG C 132 -4.74 11.51 -31.71
N THR C 133 -3.99 11.72 -32.80
CA THR C 133 -4.55 11.67 -34.14
C THR C 133 -3.83 10.62 -34.97
N SER C 134 -4.59 9.69 -35.54
CA SER C 134 -4.02 8.60 -36.32
C SER C 134 -3.50 9.11 -37.66
N ALA C 135 -3.00 8.21 -38.50
CA ALA C 135 -2.39 8.59 -39.77
C ALA C 135 -3.36 9.35 -40.68
N THR C 136 -4.65 9.02 -40.59
CA THR C 136 -5.67 9.66 -41.43
C THR C 136 -6.13 10.97 -40.83
N GLY C 137 -5.81 11.21 -39.56
CA GLY C 137 -6.23 12.42 -38.88
C GLY C 137 -7.47 12.19 -38.04
N ARG C 138 -7.86 10.93 -37.90
CA ARG C 138 -9.06 10.56 -37.15
C ARG C 138 -8.91 10.84 -35.66
N VAL C 139 -10.04 10.94 -34.98
CA VAL C 139 -10.07 11.32 -33.56
C VAL C 139 -10.32 10.12 -32.63
N PHE C 140 -9.37 9.87 -31.73
CA PHE C 140 -9.51 8.80 -30.73
C PHE C 140 -8.93 9.18 -29.37
N PHE C 141 -9.30 8.41 -28.35
CA PHE C 141 -8.77 8.60 -27.00
C PHE C 141 -8.04 7.35 -26.52
N SER C 142 -6.72 7.46 -26.33
CA SER C 142 -5.90 6.32 -25.97
C SER C 142 -5.61 6.31 -24.49
N THR C 143 -5.80 5.15 -23.85
CA THR C 143 -5.44 4.99 -22.45
C THR C 143 -3.96 4.62 -22.36
N LEU C 144 -3.16 5.45 -21.68
CA LEU C 144 -1.74 5.15 -21.50
C LEU C 144 -1.46 4.16 -20.37
N HIS C 145 -2.04 4.43 -19.20
CA HIS C 145 -1.83 3.61 -18.03
C HIS C 145 -3.12 3.47 -17.23
N SER C 146 -3.51 2.22 -16.97
CA SER C 146 -4.73 1.98 -16.23
C SER C 146 -4.44 1.14 -15.00
N ILE C 147 -5.19 1.40 -13.94
CA ILE C 147 -5.07 0.62 -12.73
C ILE C 147 -6.40 -0.02 -12.41
N ASN C 148 -6.36 -1.22 -11.85
CA ASN C 148 -7.58 -1.96 -11.56
C ASN C 148 -7.57 -2.43 -10.12
N LEU C 149 -8.46 -1.89 -9.29
CA LEU C 149 -8.34 -2.08 -7.85
C LEU C 149 -9.13 -3.28 -7.35
N ASP C 150 -8.41 -4.33 -6.98
CA ASP C 150 -9.02 -5.58 -6.54
C ASP C 150 -9.06 -5.79 -5.02
N ASP C 151 -8.54 -4.82 -4.27
CA ASP C 151 -8.32 -5.02 -2.85
C ASP C 151 -9.60 -5.15 -2.06
N THR C 152 -9.46 -5.28 -0.74
CA THR C 152 -10.61 -5.46 0.14
C THR C 152 -11.36 -4.15 0.39
N GLN C 153 -10.79 -3.03 -0.01
CA GLN C 153 -11.46 -1.74 0.16
C GLN C 153 -12.55 -1.53 -0.88
N ASN C 154 -13.73 -1.15 -0.41
CA ASN C 154 -14.89 -0.97 -1.28
C ASN C 154 -15.14 0.51 -1.53
N ARG C 155 -14.89 0.97 -2.76
CA ARG C 155 -14.95 2.40 -3.07
C ARG C 155 -16.24 2.81 -3.80
N LYS C 156 -16.91 3.84 -3.30
CA LYS C 156 -18.15 4.31 -3.91
C LYS C 156 -17.97 5.73 -4.47
N SER C 157 -18.78 6.06 -5.48
CA SER C 157 -18.92 7.44 -5.96
C SER C 157 -17.59 8.19 -6.03
N CYS C 158 -16.77 7.79 -6.99
CA CYS C 158 -15.38 8.24 -7.11
C CYS C 158 -15.27 9.40 -8.07
N SER C 159 -14.76 10.52 -7.56
CA SER C 159 -14.58 11.72 -8.38
C SER C 159 -13.11 11.85 -8.74
N VAL C 160 -12.85 12.24 -9.98
CA VAL C 160 -11.49 12.27 -10.50
C VAL C 160 -11.21 13.57 -11.26
N SER C 161 -9.97 14.03 -11.21
CA SER C 161 -9.55 15.22 -11.95
C SER C 161 -8.19 15.01 -12.61
N ALA C 162 -8.00 15.63 -13.77
CA ALA C 162 -6.70 15.59 -14.43
C ALA C 162 -5.80 16.71 -13.91
N THR C 163 -4.67 16.32 -13.34
CA THR C 163 -3.77 17.26 -12.68
C THR C 163 -2.35 17.10 -13.22
N PRO C 164 -1.52 18.17 -13.11
CA PRO C 164 -0.14 18.15 -13.58
C PRO C 164 0.64 16.94 -13.07
N LEU C 165 0.39 16.53 -11.84
CA LEU C 165 1.14 15.43 -11.23
C LEU C 165 0.56 14.06 -11.56
N GLY C 166 -0.62 14.06 -12.16
CA GLY C 166 -1.24 12.82 -12.60
C GLY C 166 -2.75 12.87 -12.55
N CYS C 167 -3.36 11.69 -12.51
CA CYS C 167 -4.78 11.55 -12.25
C CYS C 167 -5.07 11.53 -10.75
N ASP C 168 -5.77 12.55 -10.28
CA ASP C 168 -6.21 12.62 -8.89
C ASP C 168 -7.66 12.15 -8.74
N MET C 169 -7.88 11.23 -7.80
CA MET C 169 -9.20 10.63 -7.60
C MET C 169 -9.65 10.78 -6.17
N LEU C 170 -10.89 11.22 -5.99
CA LEU C 170 -11.49 11.29 -4.67
C LEU C 170 -12.54 10.20 -4.53
N CYS C 171 -12.32 9.27 -3.61
CA CYS C 171 -13.27 8.19 -3.41
C CYS C 171 -13.67 7.99 -1.95
N SER C 172 -14.89 7.48 -1.76
CA SER C 172 -15.31 7.06 -0.45
C SER C 172 -15.18 5.56 -0.31
N LYS C 173 -14.47 5.11 0.72
CA LYS C 173 -14.47 3.71 1.10
C LYS C 173 -15.69 3.52 1.99
N VAL C 174 -16.47 2.49 1.72
CA VAL C 174 -17.72 2.33 2.46
C VAL C 174 -17.79 1.01 3.22
N THR C 175 -17.84 1.12 4.53
CA THR C 175 -18.03 -0.03 5.38
C THR C 175 -19.50 -0.43 5.37
N GLU C 176 -20.38 0.57 5.39
CA GLU C 176 -21.80 0.30 5.53
C GLU C 176 -22.64 0.84 4.38
N THR C 177 -23.93 0.56 4.46
CA THR C 177 -24.87 0.96 3.44
C THR C 177 -25.22 2.43 3.59
N GLU C 178 -26.11 2.93 2.74
CA GLU C 178 -26.50 4.33 2.79
C GLU C 178 -27.20 4.68 4.10
N GLU C 179 -28.29 3.99 4.39
CA GLU C 179 -29.07 4.29 5.57
C GLU C 179 -28.19 4.11 6.79
N GLU C 180 -27.45 3.01 6.81
CA GLU C 180 -26.61 2.69 7.95
C GLU C 180 -25.60 3.79 8.28
N ASP C 181 -25.10 4.48 7.27
CA ASP C 181 -24.10 5.55 7.51
C ASP C 181 -24.71 6.89 7.89
N TYR C 182 -25.97 7.09 7.53
CA TYR C 182 -26.68 8.27 7.97
C TYR C 182 -27.09 8.07 9.41
N ASN C 183 -26.99 6.82 9.87
CA ASN C 183 -27.17 6.48 11.27
C ASN C 183 -25.80 6.50 11.97
N SER C 184 -24.74 6.63 11.18
CA SER C 184 -23.40 6.74 11.70
C SER C 184 -23.07 8.22 11.82
N ALA C 185 -23.06 8.73 13.05
CA ALA C 185 -22.70 10.11 13.30
C ALA C 185 -21.25 10.29 12.89
N VAL C 186 -20.58 9.18 12.63
CA VAL C 186 -19.24 9.21 12.10
C VAL C 186 -19.26 9.39 10.58
N PRO C 187 -18.55 10.43 10.12
CA PRO C 187 -18.40 10.78 8.70
C PRO C 187 -17.82 9.61 7.92
N THR C 188 -18.15 9.54 6.64
CA THR C 188 -17.68 8.45 5.81
C THR C 188 -16.17 8.45 5.74
N SER C 189 -15.57 7.27 5.62
CA SER C 189 -14.14 7.18 5.40
C SER C 189 -13.84 7.38 3.92
N MET C 190 -12.80 8.17 3.61
CA MET C 190 -12.47 8.49 2.22
C MET C 190 -10.99 8.32 1.92
N VAL C 191 -10.62 8.57 0.65
CA VAL C 191 -9.25 8.44 0.18
C VAL C 191 -8.95 9.46 -0.89
N HIS C 192 -7.67 9.81 -1.04
CA HIS C 192 -7.22 10.62 -2.16
C HIS C 192 -6.02 9.95 -2.83
N GLY C 193 -6.23 9.48 -4.07
CA GLY C 193 -5.19 8.83 -4.84
C GLY C 193 -4.66 9.63 -6.01
N ARG C 194 -3.55 9.19 -6.58
CA ARG C 194 -3.07 9.75 -7.84
C ARG C 194 -2.42 8.67 -8.70
N LEU C 195 -2.83 8.57 -9.97
CA LEU C 195 -2.19 7.64 -10.88
C LEU C 195 -1.08 8.36 -11.63
N GLY C 196 0.17 7.96 -11.38
CA GLY C 196 1.31 8.63 -11.97
C GLY C 196 1.41 8.44 -13.47
N PHE C 197 2.16 9.32 -14.13
CA PHE C 197 2.47 9.15 -15.53
C PHE C 197 3.44 7.99 -15.65
N ASP C 198 4.05 7.63 -14.52
CA ASP C 198 4.99 6.53 -14.47
C ASP C 198 4.24 5.19 -14.35
N GLY C 199 2.93 5.28 -14.18
CA GLY C 199 2.08 4.10 -14.17
C GLY C 199 1.72 3.57 -12.79
N GLN C 200 2.53 3.92 -11.80
CA GLN C 200 2.30 3.43 -10.44
C GLN C 200 1.33 4.35 -9.71
N TYR C 201 0.42 3.74 -8.96
CA TYR C 201 -0.68 4.47 -8.35
C TYR C 201 -0.58 4.52 -6.83
N HIS C 202 -0.66 5.73 -6.27
CA HIS C 202 -0.53 5.91 -4.82
C HIS C 202 -1.83 6.39 -4.21
N GLU C 203 -2.01 6.11 -2.92
CA GLU C 203 -3.24 6.48 -2.25
C GLU C 203 -2.97 6.86 -0.79
N LYS C 204 -3.68 7.89 -0.31
CA LYS C 204 -3.66 8.24 1.11
C LYS C 204 -5.08 8.32 1.66
N ASP C 205 -5.23 7.98 2.94
CA ASP C 205 -6.51 8.12 3.62
C ASP C 205 -6.53 9.48 4.33
N LEU C 206 -7.35 10.40 3.84
CA LEU C 206 -7.43 11.75 4.40
C LEU C 206 -8.25 11.76 5.68
N ASP C 207 -8.08 12.77 6.51
CA ASP C 207 -8.65 12.71 7.85
C ASP C 207 -10.05 13.29 7.92
N VAL C 208 -11.02 12.39 8.06
CA VAL C 208 -12.45 12.71 8.00
C VAL C 208 -13.04 13.25 9.31
N THR C 209 -12.64 12.63 10.41
CA THR C 209 -13.15 12.98 11.73
C THR C 209 -12.94 14.45 12.06
N THR C 210 -11.80 14.99 11.63
CA THR C 210 -11.49 16.40 11.85
C THR C 210 -12.22 17.31 10.86
N LEU C 211 -12.13 16.95 9.58
CA LEU C 211 -12.62 17.82 8.49
C LEU C 211 -14.12 17.74 8.25
N PHE C 212 -14.64 16.52 8.26
CA PHE C 212 -16.04 16.24 8.01
C PHE C 212 -16.84 16.19 9.31
N GLU C 213 -16.23 16.65 10.38
CA GLU C 213 -16.74 16.46 11.74
C GLU C 213 -18.24 16.66 11.90
N ASP C 214 -18.81 17.65 11.20
CA ASP C 214 -20.25 17.96 11.34
C ASP C 214 -21.16 17.09 10.48
N TRP C 215 -20.55 16.13 9.79
CA TRP C 215 -21.26 15.27 8.84
C TRP C 215 -21.56 13.88 9.37
N VAL C 216 -22.73 13.36 9.00
CA VAL C 216 -23.09 11.99 9.26
C VAL C 216 -22.49 11.06 8.20
N ALA C 217 -22.55 11.54 6.95
CA ALA C 217 -22.02 10.85 5.76
C ALA C 217 -21.54 11.84 4.70
N ASN C 218 -20.52 11.44 3.94
CA ASN C 218 -19.93 12.32 2.94
C ASN C 218 -19.56 11.60 1.65
N TYR C 219 -20.10 12.04 0.53
CA TYR C 219 -19.81 11.35 -0.73
C TYR C 219 -19.31 12.28 -1.82
N PRO C 220 -18.32 11.81 -2.60
CA PRO C 220 -17.82 12.56 -3.74
C PRO C 220 -18.92 12.73 -4.76
N GLY C 221 -18.76 13.71 -5.64
CA GLY C 221 -19.80 14.10 -6.58
C GLY C 221 -19.75 13.37 -7.90
N VAL C 222 -19.18 12.17 -7.92
CA VAL C 222 -19.04 11.43 -9.17
C VAL C 222 -18.22 12.25 -10.15
N GLY C 223 -18.83 12.68 -11.25
CA GLY C 223 -18.09 13.37 -12.29
C GLY C 223 -17.20 14.40 -11.65
N GLY C 224 -15.93 14.36 -12.02
CA GLY C 224 -14.88 14.96 -11.23
C GLY C 224 -14.66 16.45 -11.35
N GLY C 225 -14.17 17.05 -10.27
CA GLY C 225 -13.80 18.45 -10.25
C GLY C 225 -12.50 18.65 -10.99
N SER C 226 -12.01 19.88 -11.03
CA SER C 226 -10.86 20.20 -11.89
C SER C 226 -9.69 20.91 -11.20
N PHE C 227 -8.67 21.23 -12.00
CA PHE C 227 -7.43 21.78 -11.49
C PHE C 227 -7.40 23.32 -11.55
N ILE C 228 -7.45 23.95 -10.37
CA ILE C 228 -7.46 25.41 -10.28
C ILE C 228 -6.51 25.92 -9.21
N ASP C 229 -5.67 26.87 -9.58
CA ASP C 229 -4.79 27.56 -8.62
C ASP C 229 -3.91 26.61 -7.80
N ASN C 230 -3.20 25.72 -8.47
CA ASN C 230 -2.27 24.80 -7.81
C ASN C 230 -2.91 23.98 -6.69
N ARG C 231 -4.21 23.75 -6.83
CA ARG C 231 -4.91 22.79 -6.00
C ARG C 231 -6.13 22.30 -6.77
N VAL C 232 -6.59 21.10 -6.43
CA VAL C 232 -7.71 20.50 -7.15
C VAL C 232 -8.99 20.58 -6.32
N TRP C 233 -10.12 20.77 -6.99
CA TRP C 233 -11.40 20.95 -6.29
C TRP C 233 -12.42 19.88 -6.71
N PHE C 234 -12.97 19.18 -5.73
CA PHE C 234 -13.95 18.13 -6.04
C PHE C 234 -15.32 18.48 -5.47
N PRO C 235 -16.38 18.01 -6.15
CA PRO C 235 -17.76 18.10 -5.66
C PRO C 235 -18.08 17.05 -4.60
N VAL C 236 -18.80 17.44 -3.55
CA VAL C 236 -19.17 16.51 -2.50
C VAL C 236 -20.51 16.85 -1.87
N TYR C 237 -21.32 15.83 -1.60
CA TYR C 237 -22.60 16.03 -0.94
C TYR C 237 -22.70 14.99 0.17
N GLY C 238 -23.69 15.15 1.04
CA GLY C 238 -23.86 14.24 2.17
C GLY C 238 -24.71 14.82 3.28
N GLY C 239 -24.89 14.04 4.35
CA GLY C 239 -25.71 14.45 5.49
C GLY C 239 -25.00 15.12 6.65
N LEU C 240 -25.73 15.95 7.39
CA LEU C 240 -25.16 16.76 8.45
C LEU C 240 -25.59 16.32 9.84
N LYS C 241 -24.75 16.57 10.83
CA LYS C 241 -25.15 16.37 12.22
C LYS C 241 -26.11 17.48 12.67
N PRO C 242 -27.36 17.12 12.99
CA PRO C 242 -28.41 18.07 13.35
C PRO C 242 -27.96 19.07 14.40
N ASN C 243 -28.30 20.33 14.18
CA ASN C 243 -27.88 21.41 15.07
C ASN C 243 -26.40 21.34 15.41
N SER C 244 -25.57 21.22 14.38
CA SER C 244 -24.13 21.33 14.52
C SER C 244 -23.72 22.74 14.06
N PRO C 245 -22.40 23.03 14.03
CA PRO C 245 -21.95 24.33 13.52
C PRO C 245 -22.49 24.65 12.12
N SER C 246 -22.41 23.66 11.23
CA SER C 246 -22.85 23.84 9.85
C SER C 246 -24.37 23.74 9.71
N ASP C 247 -24.98 22.77 10.40
CA ASP C 247 -26.42 22.56 10.38
C ASP C 247 -27.14 23.82 10.89
N THR C 248 -26.51 24.50 11.84
CA THR C 248 -27.04 25.75 12.34
C THR C 248 -26.75 26.88 11.37
N ALA C 249 -25.81 26.64 10.47
CA ALA C 249 -25.41 27.63 9.45
C ALA C 249 -26.40 27.70 8.28
N GLN C 250 -26.83 26.55 7.80
CA GLN C 250 -27.77 26.47 6.67
C GLN C 250 -29.22 26.47 7.16
N GLU C 251 -29.41 26.68 8.46
CA GLU C 251 -30.73 26.65 9.08
C GLU C 251 -31.50 27.93 8.75
N GLY C 252 -32.67 27.77 8.13
CA GLY C 252 -33.45 28.91 7.69
C GLY C 252 -33.05 29.42 6.32
N LYS C 253 -31.84 29.04 5.89
CA LYS C 253 -31.33 29.40 4.57
C LYS C 253 -31.92 28.50 3.49
N TYR C 254 -32.37 29.10 2.40
CA TYR C 254 -32.91 28.35 1.25
C TYR C 254 -32.84 29.20 0.01
N VAL C 255 -33.21 28.62 -1.13
CA VAL C 255 -33.42 29.41 -2.33
C VAL C 255 -34.40 28.72 -3.28
N ILE C 256 -35.25 29.48 -3.94
CA ILE C 256 -36.21 28.92 -4.90
C ILE C 256 -35.88 29.34 -6.32
N TYR C 257 -35.86 28.37 -7.22
CA TYR C 257 -35.51 28.63 -8.61
C TYR C 257 -36.67 28.27 -9.51
N LYS C 258 -37.19 29.26 -10.25
CA LYS C 258 -38.38 29.02 -11.05
C LYS C 258 -38.01 28.57 -12.47
N ARG C 259 -39.03 28.32 -13.28
CA ARG C 259 -38.84 27.89 -14.66
C ARG C 259 -39.25 29.01 -15.62
N TYR C 260 -38.59 29.07 -16.77
CA TYR C 260 -38.86 30.13 -17.74
C TYR C 260 -40.28 30.12 -18.27
N ASN C 261 -40.94 31.28 -18.19
CA ASN C 261 -42.26 31.48 -18.78
C ASN C 261 -43.36 30.66 -18.11
N ASP C 262 -42.96 29.77 -17.21
CA ASP C 262 -43.91 28.96 -16.46
C ASP C 262 -43.77 29.23 -14.97
N THR C 263 -44.81 29.79 -14.36
CA THR C 263 -44.76 30.17 -12.96
C THR C 263 -45.68 29.28 -12.10
N CYS C 264 -45.28 29.09 -10.84
CA CYS C 264 -46.04 28.24 -9.94
C CYS C 264 -47.29 28.93 -9.40
N PRO C 265 -48.44 28.25 -9.49
CA PRO C 265 -49.76 28.73 -9.08
C PRO C 265 -49.90 28.85 -7.57
N ASP C 266 -49.00 28.19 -6.84
CA ASP C 266 -49.08 28.12 -5.39
C ASP C 266 -48.77 29.46 -4.72
N GLU C 267 -49.27 29.64 -3.50
CA GLU C 267 -49.08 30.88 -2.74
C GLU C 267 -47.64 31.14 -2.35
N GLN C 268 -47.34 32.39 -2.05
CA GLN C 268 -45.97 32.82 -1.75
C GLN C 268 -45.37 32.13 -0.54
N ASP C 269 -46.06 32.20 0.58
CA ASP C 269 -45.60 31.54 1.80
C ASP C 269 -45.40 30.04 1.56
N TYR C 270 -46.36 29.42 0.88
CA TYR C 270 -46.33 27.99 0.64
C TYR C 270 -45.01 27.59 0.02
N GLN C 271 -44.67 28.21 -1.11
CA GLN C 271 -43.44 27.91 -1.84
C GLN C 271 -42.21 27.94 -0.93
N ILE C 272 -42.15 28.96 -0.08
CA ILE C 272 -41.07 29.07 0.87
C ILE C 272 -41.15 27.87 1.81
N ARG C 273 -42.33 27.61 2.34
CA ARG C 273 -42.51 26.48 3.24
C ARG C 273 -41.98 25.20 2.63
N MET C 274 -42.39 24.90 1.40
CA MET C 274 -41.86 23.74 0.69
C MET C 274 -40.34 23.82 0.61
N ALA C 275 -39.85 24.79 -0.15
CA ALA C 275 -38.43 24.88 -0.52
C ALA C 275 -37.52 24.69 0.69
N LYS C 276 -37.94 25.24 1.81
CA LYS C 276 -37.25 24.96 3.05
C LYS C 276 -37.20 23.46 3.27
N SER C 277 -38.36 22.82 3.29
CA SER C 277 -38.43 21.39 3.58
C SER C 277 -37.69 20.57 2.53
N SER C 278 -37.32 21.22 1.43
CA SER C 278 -36.60 20.56 0.35
C SER C 278 -35.25 20.00 0.79
N TYR C 279 -34.63 20.65 1.77
CA TYR C 279 -33.29 20.28 2.23
C TYR C 279 -33.34 19.17 3.27
N LYS C 280 -34.52 18.88 3.78
CA LYS C 280 -34.69 17.81 4.75
C LYS C 280 -35.68 16.77 4.25
N PRO C 281 -35.31 16.04 3.18
CA PRO C 281 -36.15 15.02 2.56
C PRO C 281 -36.43 13.83 3.48
N GLY C 282 -37.54 13.15 3.21
CA GLY C 282 -38.03 12.13 4.10
C GLY C 282 -37.12 10.95 4.25
N ARG C 283 -36.42 10.60 3.18
CA ARG C 283 -35.58 9.41 3.16
C ARG C 283 -34.52 9.45 4.24
N PHE C 284 -34.06 10.65 4.56
CA PHE C 284 -32.99 10.84 5.54
C PHE C 284 -33.40 11.28 6.95
N GLY C 285 -34.71 11.43 7.19
CA GLY C 285 -35.21 11.62 8.54
C GLY C 285 -34.85 12.89 9.29
N GLY C 286 -35.21 14.04 8.73
CA GLY C 286 -35.06 15.31 9.43
C GLY C 286 -33.66 15.88 9.32
N LYS C 287 -32.72 15.05 8.89
CA LYS C 287 -31.35 15.51 8.67
C LYS C 287 -31.31 16.39 7.44
N ARG C 288 -30.33 17.27 7.39
CA ARG C 288 -30.21 18.26 6.34
C ARG C 288 -29.13 17.87 5.32
N VAL C 289 -29.54 17.62 4.07
CA VAL C 289 -28.63 17.15 3.03
C VAL C 289 -27.93 18.31 2.32
N GLN C 290 -26.60 18.38 2.45
CA GLN C 290 -25.87 19.61 2.08
C GLN C 290 -24.89 19.48 0.90
N GLN C 291 -24.70 20.58 0.18
CA GLN C 291 -23.78 20.60 -0.93
C GLN C 291 -22.40 21.08 -0.49
N ALA C 292 -21.36 20.51 -1.11
CA ALA C 292 -19.97 20.88 -0.78
C ALA C 292 -19.00 20.71 -1.96
N ILE C 293 -17.88 21.42 -1.87
CA ILE C 293 -16.76 21.29 -2.81
C ILE C 293 -15.43 21.22 -2.05
N LEU C 294 -14.63 20.20 -2.34
CA LEU C 294 -13.40 19.95 -1.58
C LEU C 294 -12.13 20.39 -2.32
N SER C 295 -11.32 21.19 -1.64
CA SER C 295 -10.06 21.69 -2.18
C SER C 295 -8.86 21.07 -1.47
N ILE C 296 -8.05 20.35 -2.23
CA ILE C 296 -6.80 19.76 -1.75
C ILE C 296 -5.65 20.34 -2.56
N LYS C 297 -4.55 20.71 -1.90
CA LYS C 297 -3.42 21.27 -2.63
C LYS C 297 -2.62 20.17 -3.31
N VAL C 298 -2.57 20.23 -4.64
CA VAL C 298 -1.84 19.24 -5.39
C VAL C 298 -0.39 19.32 -4.99
N SER C 299 0.13 18.20 -4.50
CA SER C 299 1.53 18.13 -4.14
C SER C 299 1.97 16.68 -4.16
N THR C 300 3.28 16.49 -4.18
CA THR C 300 3.86 15.16 -4.16
C THR C 300 3.21 14.34 -3.03
N SER C 301 2.98 14.98 -1.88
CA SER C 301 2.24 14.35 -0.79
C SER C 301 0.76 14.40 -1.11
N LEU C 302 0.06 13.30 -0.88
CA LEU C 302 -1.34 13.20 -1.27
C LEU C 302 -2.30 13.69 -0.18
N GLY C 303 -3.14 14.66 -0.54
CA GLY C 303 -4.14 15.18 0.36
C GLY C 303 -3.64 16.35 1.18
N GLU C 304 -2.49 16.89 0.79
CA GLU C 304 -1.88 17.96 1.57
C GLU C 304 -2.91 19.06 1.78
N ASP C 305 -3.12 19.42 3.04
CA ASP C 305 -3.95 20.57 3.38
C ASP C 305 -5.33 20.61 2.70
N PRO C 306 -6.24 19.74 3.16
CA PRO C 306 -7.66 19.72 2.77
C PRO C 306 -8.42 20.95 3.27
N VAL C 307 -9.22 21.57 2.41
CA VAL C 307 -10.07 22.69 2.84
C VAL C 307 -11.49 22.54 2.29
N LEU C 308 -12.47 22.41 3.18
CA LEU C 308 -13.87 22.17 2.82
C LEU C 308 -14.68 23.45 2.65
N THR C 309 -15.22 23.64 1.45
CA THR C 309 -15.93 24.86 1.13
C THR C 309 -17.43 24.65 1.21
N VAL C 310 -18.07 25.23 2.22
CA VAL C 310 -19.52 25.10 2.35
C VAL C 310 -20.23 26.40 2.02
N PRO C 311 -21.03 26.38 0.94
CA PRO C 311 -21.84 27.50 0.46
C PRO C 311 -23.09 27.67 1.29
N PRO C 312 -23.69 28.87 1.26
CA PRO C 312 -25.00 29.02 1.90
C PRO C 312 -26.08 28.41 1.01
N ASN C 313 -27.14 27.88 1.61
CA ASN C 313 -28.24 27.30 0.87
C ASN C 313 -29.11 28.39 0.28
N THR C 314 -28.77 29.63 0.63
CA THR C 314 -29.35 30.80 -0.02
C THR C 314 -28.99 30.76 -1.50
N VAL C 315 -28.15 29.78 -1.85
CA VAL C 315 -27.64 29.63 -3.21
C VAL C 315 -27.84 28.23 -3.78
N THR C 316 -27.23 27.25 -3.15
CA THR C 316 -27.32 25.87 -3.60
C THR C 316 -28.63 25.21 -3.18
N LEU C 317 -29.06 24.24 -3.96
CA LEU C 317 -30.22 23.44 -3.59
C LEU C 317 -29.75 22.30 -2.73
N MET C 318 -30.64 21.35 -2.51
CA MET C 318 -30.31 20.17 -1.73
C MET C 318 -29.04 19.55 -2.28
N GLY C 319 -28.10 19.24 -1.39
CA GLY C 319 -26.82 18.66 -1.81
C GLY C 319 -26.99 17.39 -2.63
N ALA C 320 -26.30 17.31 -3.75
CA ALA C 320 -26.32 16.13 -4.59
C ALA C 320 -25.06 16.11 -5.42
N GLU C 321 -24.89 15.07 -6.23
CA GLU C 321 -23.64 14.90 -6.96
C GLU C 321 -23.52 15.88 -8.11
N GLY C 322 -22.30 16.04 -8.60
CA GLY C 322 -22.02 17.05 -9.60
C GLY C 322 -20.62 17.02 -10.17
N ARG C 323 -20.21 18.14 -10.74
CA ARG C 323 -18.89 18.22 -11.36
C ARG C 323 -18.35 19.64 -11.29
N VAL C 324 -17.04 19.74 -11.12
CA VAL C 324 -16.38 21.03 -11.20
C VAL C 324 -15.65 21.17 -12.53
N LEU C 325 -16.05 22.17 -13.31
CA LEU C 325 -15.53 22.33 -14.66
C LEU C 325 -14.79 23.65 -14.80
N THR C 326 -13.74 23.65 -15.61
CA THR C 326 -12.99 24.86 -15.89
C THR C 326 -12.86 25.09 -17.39
N VAL C 327 -13.42 26.19 -17.87
CA VAL C 327 -13.38 26.48 -19.30
C VAL C 327 -12.96 27.93 -19.57
N GLY C 328 -11.81 28.11 -20.23
CA GLY C 328 -11.23 29.43 -20.40
C GLY C 328 -10.80 29.99 -19.06
N THR C 329 -11.31 31.17 -18.71
CA THR C 329 -11.11 31.75 -17.39
C THR C 329 -12.30 31.43 -16.49
N SER C 330 -13.22 30.64 -17.03
CA SER C 330 -14.51 30.40 -16.41
C SER C 330 -14.54 29.11 -15.60
N HIS C 331 -14.94 29.22 -14.34
CA HIS C 331 -15.09 28.05 -13.48
C HIS C 331 -16.57 27.77 -13.29
N PHE C 332 -16.95 26.50 -13.36
CA PHE C 332 -18.35 26.13 -13.18
C PHE C 332 -18.51 24.88 -12.33
N LEU C 333 -19.59 24.83 -11.56
CA LEU C 333 -19.89 23.67 -10.74
C LEU C 333 -21.29 23.16 -11.04
N TYR C 334 -21.37 21.94 -11.58
CA TYR C 334 -22.65 21.35 -11.91
C TYR C 334 -23.24 20.69 -10.68
N GLN C 335 -24.55 20.84 -10.51
CA GLN C 335 -25.26 20.11 -9.49
C GLN C 335 -26.29 19.26 -10.18
N ARG C 336 -26.28 17.98 -9.88
CA ARG C 336 -27.35 17.12 -10.35
C ARG C 336 -28.68 17.63 -9.76
N GLY C 337 -29.77 17.34 -10.44
CA GLY C 337 -31.06 17.92 -10.17
C GLY C 337 -31.84 17.14 -9.13
N SER C 338 -31.10 16.49 -8.23
CA SER C 338 -31.66 15.48 -7.32
C SER C 338 -32.86 15.94 -6.45
N SER C 339 -33.10 17.25 -6.41
CA SER C 339 -34.32 17.80 -5.80
C SER C 339 -35.18 18.47 -6.88
N TYR C 340 -36.22 19.20 -6.47
CA TYR C 340 -37.30 19.62 -7.38
C TYR C 340 -36.90 20.17 -8.75
N PHE C 341 -35.82 20.95 -8.83
CA PHE C 341 -35.54 21.71 -10.05
C PHE C 341 -34.93 20.85 -11.14
N SER C 342 -35.68 20.67 -12.24
CA SER C 342 -35.24 19.83 -13.35
C SER C 342 -34.12 20.39 -14.22
N PRO C 343 -34.30 21.63 -14.71
CA PRO C 343 -33.35 22.18 -15.69
C PRO C 343 -31.93 22.06 -15.20
N ALA C 344 -31.02 21.70 -16.11
CA ALA C 344 -29.61 21.60 -15.79
C ALA C 344 -29.10 22.88 -15.15
N LEU C 345 -28.20 22.74 -14.17
CA LEU C 345 -27.72 23.91 -13.43
C LEU C 345 -26.19 24.02 -13.49
N LEU C 346 -25.70 25.12 -14.06
CA LEU C 346 -24.27 25.42 -14.00
C LEU C 346 -24.00 26.62 -13.11
N TYR C 347 -23.38 26.36 -11.97
CA TYR C 347 -23.08 27.39 -10.99
C TYR C 347 -21.69 27.98 -11.28
N PRO C 348 -21.65 29.24 -11.70
CA PRO C 348 -20.34 29.89 -11.92
C PRO C 348 -19.61 29.96 -10.59
N MET C 349 -18.29 29.82 -10.61
CA MET C 349 -17.54 29.66 -9.38
C MET C 349 -16.27 30.49 -9.33
N THR C 350 -16.03 31.13 -8.18
CA THR C 350 -14.81 31.91 -7.97
C THR C 350 -13.95 31.25 -6.91
N VAL C 351 -12.65 31.49 -6.98
CA VAL C 351 -11.71 30.82 -6.08
C VAL C 351 -10.71 31.78 -5.42
N SER C 352 -10.77 31.86 -4.10
CA SER C 352 -9.80 32.62 -3.32
C SER C 352 -9.63 32.03 -1.93
N ASN C 353 -8.40 32.06 -1.41
CA ASN C 353 -8.12 31.59 -0.06
C ASN C 353 -8.45 30.12 0.16
N LYS C 354 -8.13 29.30 -0.85
CA LYS C 354 -8.31 27.85 -0.76
C LYS C 354 -9.77 27.41 -0.67
N THR C 355 -10.67 28.37 -0.49
CA THR C 355 -12.09 28.09 -0.49
C THR C 355 -12.71 28.60 -1.80
N ALA C 356 -14.01 28.42 -1.94
CA ALA C 356 -14.70 28.89 -3.14
C ALA C 356 -15.94 29.71 -2.78
N THR C 357 -16.60 30.24 -3.81
CA THR C 357 -17.82 31.03 -3.62
C THR C 357 -18.72 30.83 -4.82
N LEU C 358 -20.02 30.71 -4.58
CA LEU C 358 -20.98 30.42 -5.65
C LEU C 358 -21.91 31.59 -5.94
N HIS C 359 -22.37 31.67 -7.18
CA HIS C 359 -23.32 32.69 -7.61
C HIS C 359 -24.44 32.04 -8.39
N SER C 360 -25.62 32.65 -8.38
CA SER C 360 -26.84 31.97 -8.81
C SER C 360 -26.59 31.28 -10.15
N PRO C 361 -27.17 30.08 -10.31
CA PRO C 361 -26.79 29.17 -11.39
C PRO C 361 -27.29 29.61 -12.76
N TYR C 362 -26.59 29.20 -13.80
CA TYR C 362 -27.04 29.41 -15.16
C TYR C 362 -28.09 28.35 -15.43
N THR C 363 -29.32 28.77 -15.65
CA THR C 363 -30.42 27.85 -15.82
C THR C 363 -30.60 27.52 -17.30
N PHE C 364 -30.51 26.25 -17.65
CA PHE C 364 -30.86 25.85 -19.02
C PHE C 364 -32.17 25.06 -19.00
N ASP C 365 -33.26 25.68 -19.46
CA ASP C 365 -34.59 25.08 -19.34
C ASP C 365 -34.85 24.07 -20.45
N ALA C 366 -33.91 24.02 -21.39
CA ALA C 366 -33.95 23.04 -22.46
C ALA C 366 -33.43 21.69 -21.99
N PHE C 367 -32.61 21.73 -20.95
CA PHE C 367 -31.94 20.54 -20.47
C PHE C 367 -32.63 20.03 -19.20
N THR C 368 -33.39 18.94 -19.34
CA THR C 368 -34.21 18.44 -18.26
C THR C 368 -33.89 16.98 -17.98
N ARG C 369 -34.17 16.54 -16.76
CA ARG C 369 -33.96 15.15 -16.40
C ARG C 369 -35.25 14.54 -15.89
N PRO C 370 -35.39 13.23 -16.08
CA PRO C 370 -36.53 12.50 -15.51
C PRO C 370 -36.47 12.47 -13.98
N GLY C 371 -37.58 12.16 -13.33
CA GLY C 371 -37.57 12.00 -11.89
C GLY C 371 -38.83 11.37 -11.37
N SER C 372 -38.87 11.07 -10.08
CA SER C 372 -40.08 10.54 -9.47
C SER C 372 -41.17 11.58 -9.59
N VAL C 373 -42.41 11.10 -9.60
CA VAL C 373 -43.56 11.90 -10.01
C VAL C 373 -43.56 13.33 -9.50
N PRO C 374 -43.25 13.55 -8.21
CA PRO C 374 -43.31 14.92 -7.67
C PRO C 374 -42.37 15.91 -8.37
N CYS C 375 -41.14 15.49 -8.65
CA CYS C 375 -40.15 16.29 -9.38
C CYS C 375 -39.80 15.60 -10.67
N GLN C 376 -40.38 16.08 -11.77
CA GLN C 376 -40.21 15.46 -13.08
C GLN C 376 -39.86 16.54 -14.08
N ALA C 377 -39.43 16.14 -15.26
CA ALA C 377 -38.82 17.08 -16.19
C ALA C 377 -39.71 18.31 -16.29
N SER C 378 -40.99 18.12 -15.99
CA SER C 378 -41.96 19.20 -16.10
C SER C 378 -42.09 20.11 -14.89
N ALA C 379 -41.67 19.67 -13.72
CA ALA C 379 -42.11 20.34 -12.48
C ALA C 379 -41.66 21.79 -12.35
N ARG C 380 -42.62 22.69 -12.14
CA ARG C 380 -42.31 24.10 -11.93
C ARG C 380 -42.24 24.57 -10.47
N CYS C 381 -42.75 23.77 -9.53
CA CYS C 381 -42.78 24.19 -8.13
C CYS C 381 -41.71 23.55 -7.28
N PRO C 382 -41.55 24.08 -6.05
CA PRO C 382 -40.60 23.49 -5.11
C PRO C 382 -41.22 22.22 -4.55
N ASN C 383 -40.43 21.17 -4.39
CA ASN C 383 -40.94 19.99 -3.70
C ASN C 383 -39.84 19.18 -3.06
N SER C 384 -40.15 18.58 -1.93
CA SER C 384 -39.18 17.72 -1.25
C SER C 384 -39.19 16.35 -1.90
N CYS C 385 -38.03 15.91 -2.39
CA CYS C 385 -37.96 14.65 -3.10
C CYS C 385 -36.50 14.36 -3.39
N VAL C 386 -36.20 13.11 -3.70
CA VAL C 386 -34.88 12.72 -4.14
C VAL C 386 -34.93 11.75 -5.33
N THR C 387 -34.48 12.23 -6.49
CA THR C 387 -34.57 11.51 -7.76
C THR C 387 -33.61 12.09 -8.76
N GLY C 388 -33.82 11.78 -10.02
CA GLY C 388 -33.07 12.42 -11.09
C GLY C 388 -31.87 11.62 -11.50
N VAL C 389 -30.84 12.29 -11.98
CA VAL C 389 -29.71 11.61 -12.58
C VAL C 389 -28.63 12.61 -12.92
N TYR C 390 -27.41 12.10 -13.12
CA TYR C 390 -26.29 12.96 -13.43
C TYR C 390 -26.19 13.07 -14.94
N THR C 391 -26.49 14.26 -15.46
CA THR C 391 -26.27 14.54 -16.86
C THR C 391 -25.64 15.92 -16.94
N ASP C 392 -24.38 15.97 -17.35
CA ASP C 392 -23.63 17.22 -17.23
C ASP C 392 -23.56 18.07 -18.50
N PRO C 393 -24.04 19.31 -18.40
CA PRO C 393 -23.84 20.38 -19.38
C PRO C 393 -22.40 20.87 -19.42
N TYR C 394 -21.81 20.91 -20.62
CA TYR C 394 -20.45 21.38 -20.79
C TYR C 394 -20.45 22.71 -21.52
N PRO C 395 -19.83 23.74 -20.94
CA PRO C 395 -19.82 25.09 -21.53
C PRO C 395 -19.28 25.11 -22.96
N LEU C 396 -20.01 25.74 -23.88
CA LEU C 396 -19.69 25.68 -25.31
C LEU C 396 -19.58 27.07 -25.97
N VAL C 397 -20.68 27.81 -25.99
CA VAL C 397 -20.68 29.13 -26.61
C VAL C 397 -20.70 30.26 -25.57
N PHE C 398 -19.96 31.33 -25.85
CA PHE C 398 -19.84 32.46 -24.96
C PHE C 398 -20.05 33.78 -25.70
N TYR C 399 -20.31 34.84 -24.96
CA TYR C 399 -20.50 36.17 -25.55
C TYR C 399 -19.18 36.93 -25.64
N ARG C 400 -19.26 38.19 -26.05
CA ARG C 400 -18.07 39.03 -26.18
C ARG C 400 -17.58 39.50 -24.81
N ASN C 401 -18.48 39.52 -23.83
CA ASN C 401 -18.12 39.93 -22.48
C ASN C 401 -17.65 38.76 -21.61
N HIS C 402 -17.53 37.58 -22.23
CA HIS C 402 -16.97 36.39 -21.58
C HIS C 402 -18.00 35.56 -20.81
N THR C 403 -19.23 36.06 -20.72
CA THR C 403 -20.29 35.32 -20.04
C THR C 403 -20.73 34.11 -20.88
N LEU C 404 -21.35 33.14 -20.23
CA LEU C 404 -21.76 31.91 -20.89
C LEU C 404 -23.06 32.08 -21.67
N ARG C 405 -23.13 31.45 -22.83
CA ARG C 405 -24.29 31.55 -23.70
C ARG C 405 -25.00 30.20 -23.79
N GLY C 406 -24.27 29.18 -24.22
CA GLY C 406 -24.85 27.87 -24.40
C GLY C 406 -23.90 26.73 -24.06
N VAL C 407 -24.48 25.53 -23.91
CA VAL C 407 -23.75 24.37 -23.44
C VAL C 407 -24.16 23.12 -24.23
N PHE C 408 -23.41 22.04 -24.02
CA PHE C 408 -23.67 20.78 -24.69
C PHE C 408 -23.95 19.67 -23.68
N GLY C 409 -24.57 18.58 -24.12
CA GLY C 409 -24.76 17.44 -23.24
C GLY C 409 -25.62 16.33 -23.81
N THR C 410 -25.66 15.21 -23.11
CA THR C 410 -26.60 14.15 -23.38
C THR C 410 -27.63 14.10 -22.27
N MET C 411 -28.90 14.15 -22.63
CA MET C 411 -29.97 14.15 -21.64
C MET C 411 -30.81 12.90 -21.73
N LEU C 412 -31.46 12.55 -20.63
CA LEU C 412 -32.40 11.48 -20.67
C LEU C 412 -33.73 12.12 -21.02
N ASP C 413 -34.25 11.79 -22.19
CA ASP C 413 -35.46 12.46 -22.64
C ASP C 413 -36.66 11.64 -22.18
N ASP C 414 -37.33 12.16 -21.17
CA ASP C 414 -38.53 11.55 -20.64
C ASP C 414 -38.93 12.36 -19.42
N LYS C 415 -40.18 12.25 -19.02
CA LYS C 415 -40.65 12.94 -17.84
C LYS C 415 -40.29 12.20 -16.55
N GLN C 416 -40.58 10.90 -16.52
CA GLN C 416 -40.50 10.16 -15.27
C GLN C 416 -39.16 9.47 -14.99
N ALA C 417 -38.87 8.39 -15.73
CA ALA C 417 -37.69 7.56 -15.45
C ALA C 417 -36.55 7.74 -16.46
N ARG C 418 -35.46 7.03 -16.22
CA ARG C 418 -34.27 7.18 -17.06
C ARG C 418 -34.44 6.39 -18.35
N LEU C 419 -34.49 7.11 -19.47
CA LEU C 419 -34.73 6.49 -20.77
C LEU C 419 -34.29 7.38 -21.92
N ASN C 420 -34.08 6.76 -23.09
CA ASN C 420 -33.78 7.51 -24.31
C ASN C 420 -32.72 8.60 -24.13
N PRO C 421 -31.45 8.21 -24.04
CA PRO C 421 -30.41 9.24 -23.99
C PRO C 421 -30.47 10.06 -25.27
N VAL C 422 -30.08 11.33 -25.20
CA VAL C 422 -29.99 12.18 -26.39
C VAL C 422 -28.96 13.29 -26.22
N SER C 423 -28.34 13.72 -27.32
CA SER C 423 -27.32 14.76 -27.25
C SER C 423 -27.58 15.97 -28.14
N ALA C 424 -27.81 17.12 -27.51
CA ALA C 424 -28.16 18.34 -28.21
C ALA C 424 -27.44 19.56 -27.63
N VAL C 425 -27.71 20.73 -28.19
CA VAL C 425 -27.17 21.98 -27.67
C VAL C 425 -28.30 22.73 -27.00
N PHE C 426 -27.98 23.49 -25.96
CA PHE C 426 -28.99 24.21 -25.20
C PHE C 426 -28.60 25.66 -24.89
N ASP C 427 -29.59 26.54 -24.89
CA ASP C 427 -29.41 27.86 -24.29
C ASP C 427 -30.37 27.95 -23.13
N SER C 428 -30.47 29.14 -22.55
CA SER C 428 -31.29 29.33 -21.36
C SER C 428 -32.70 28.74 -21.52
N ILE C 429 -33.22 28.68 -22.74
CA ILE C 429 -34.63 28.32 -22.96
C ILE C 429 -34.94 27.05 -23.78
N SER C 430 -34.56 27.02 -25.06
CA SER C 430 -34.87 25.86 -25.89
C SER C 430 -33.64 25.08 -26.35
N ARG C 431 -33.86 24.02 -27.12
CA ARG C 431 -32.76 23.14 -27.54
C ARG C 431 -32.82 22.69 -28.99
N SER C 432 -31.65 22.58 -29.60
CA SER C 432 -31.51 22.35 -31.02
C SER C 432 -31.84 20.94 -31.48
N ARG C 433 -31.61 20.69 -32.77
CA ARG C 433 -31.75 19.38 -33.38
C ARG C 433 -30.83 18.40 -32.68
N ILE C 434 -31.38 17.26 -32.30
CA ILE C 434 -30.66 16.30 -31.47
C ILE C 434 -30.09 15.17 -32.30
N THR C 435 -29.40 14.27 -31.62
CA THR C 435 -29.01 13.02 -32.24
C THR C 435 -29.41 11.89 -31.30
N ARG C 436 -30.39 11.09 -31.72
CA ARG C 436 -30.92 10.01 -30.88
C ARG C 436 -29.96 8.82 -30.79
N VAL C 437 -29.61 8.43 -29.57
CA VAL C 437 -28.69 7.32 -29.36
C VAL C 437 -29.38 6.00 -29.65
N SER C 438 -30.70 6.01 -29.63
CA SER C 438 -31.47 4.82 -29.94
C SER C 438 -32.82 5.20 -30.50
N SER C 439 -33.34 4.38 -31.40
CA SER C 439 -34.75 4.41 -31.69
C SER C 439 -35.42 3.70 -30.52
N SER C 440 -36.75 3.61 -30.55
CA SER C 440 -37.49 3.13 -29.39
C SER C 440 -37.09 3.96 -28.16
N SER C 441 -36.97 3.30 -27.02
CA SER C 441 -36.34 3.89 -25.84
C SER C 441 -35.69 2.77 -25.04
N THR C 442 -34.45 2.98 -24.61
CA THR C 442 -33.77 1.94 -23.84
C THR C 442 -33.34 2.51 -22.49
N LYS C 443 -33.07 1.60 -21.54
CA LYS C 443 -32.65 2.01 -20.21
C LYS C 443 -31.36 2.84 -20.31
N ALA C 444 -31.23 3.83 -19.44
CA ALA C 444 -30.04 4.69 -19.46
C ALA C 444 -29.62 5.10 -18.05
N ALA C 445 -28.66 6.02 -17.97
CA ALA C 445 -28.04 6.35 -16.71
C ALA C 445 -27.25 7.64 -16.79
N TYR C 446 -26.40 7.85 -15.79
CA TYR C 446 -25.49 8.99 -15.78
C TYR C 446 -24.80 9.11 -17.13
N THR C 447 -24.65 10.35 -17.59
CA THR C 447 -23.90 10.61 -18.81
C THR C 447 -22.97 11.78 -18.60
N THR C 448 -21.78 11.72 -19.19
CA THR C 448 -20.82 12.79 -19.04
C THR C 448 -20.35 13.31 -20.38
N SER C 449 -20.59 14.60 -20.62
CA SER C 449 -20.26 15.23 -21.89
C SER C 449 -19.05 16.12 -21.72
N THR C 450 -18.21 16.17 -22.74
CA THR C 450 -17.08 17.09 -22.74
C THR C 450 -16.74 17.49 -24.18
N CYS C 451 -16.39 18.76 -24.36
CA CYS C 451 -16.13 19.30 -25.68
C CYS C 451 -14.75 19.92 -25.81
N PHE C 452 -14.05 19.58 -26.89
CA PHE C 452 -12.71 20.09 -27.13
C PHE C 452 -12.60 20.60 -28.58
N LYS C 453 -11.54 21.36 -28.87
CA LYS C 453 -11.29 21.83 -30.23
C LYS C 453 -10.01 21.27 -30.82
N VAL C 454 -10.11 20.81 -32.06
CA VAL C 454 -8.95 20.39 -32.82
C VAL C 454 -8.48 21.60 -33.61
N VAL C 455 -7.33 22.15 -33.22
CA VAL C 455 -6.86 23.42 -33.78
C VAL C 455 -6.43 23.32 -35.24
N LYS C 456 -5.55 22.36 -35.52
CA LYS C 456 -5.00 22.15 -36.86
C LYS C 456 -6.10 22.05 -37.92
N THR C 457 -7.09 21.22 -37.64
CA THR C 457 -8.23 21.07 -38.54
C THR C 457 -9.34 22.04 -38.16
N ASN C 458 -9.11 22.77 -37.06
CA ASN C 458 -10.10 23.68 -36.48
C ASN C 458 -11.50 23.07 -36.37
N LYS C 459 -11.57 21.87 -35.81
CA LYS C 459 -12.82 21.17 -35.66
C LYS C 459 -13.07 20.83 -34.18
N THR C 460 -14.17 21.35 -33.65
CA THR C 460 -14.54 21.12 -32.26
C THR C 460 -15.35 19.85 -32.11
N TYR C 461 -14.93 18.98 -31.20
CA TYR C 461 -15.59 17.69 -30.99
C TYR C 461 -16.17 17.57 -29.57
N CYS C 462 -17.16 16.71 -29.40
CA CYS C 462 -17.74 16.48 -28.08
C CYS C 462 -17.83 14.99 -27.74
N LEU C 463 -17.23 14.64 -26.60
CA LEU C 463 -17.26 13.29 -26.06
C LEU C 463 -18.36 13.18 -25.00
N SER C 464 -19.23 12.19 -25.16
CA SER C 464 -20.25 11.92 -24.16
C SER C 464 -20.23 10.46 -23.74
N ILE C 465 -19.87 10.24 -22.47
CA ILE C 465 -19.82 8.90 -21.90
C ILE C 465 -21.14 8.60 -21.22
N ALA C 466 -21.86 7.61 -21.75
CA ALA C 466 -23.19 7.27 -21.24
C ALA C 466 -23.28 5.82 -20.79
N GLU C 467 -24.18 5.56 -19.84
CA GLU C 467 -24.42 4.21 -19.36
C GLU C 467 -25.73 3.66 -19.94
N ILE C 468 -25.70 2.43 -20.43
CA ILE C 468 -26.86 1.87 -21.13
C ILE C 468 -27.18 0.46 -20.67
N SER C 469 -28.47 0.10 -20.71
CA SER C 469 -28.88 -1.24 -20.30
C SER C 469 -28.10 -2.22 -21.16
N ASN C 470 -27.36 -3.11 -20.50
CA ASN C 470 -26.50 -4.02 -21.25
C ASN C 470 -27.06 -5.43 -21.45
N THR C 471 -28.24 -5.70 -20.93
CA THR C 471 -28.84 -7.03 -21.04
C THR C 471 -27.88 -8.08 -20.52
N LEU C 472 -27.47 -8.99 -21.39
CA LEU C 472 -26.42 -9.95 -21.08
C LEU C 472 -25.19 -9.17 -20.64
N PHE C 473 -24.40 -9.73 -19.72
CA PHE C 473 -23.26 -9.02 -19.14
C PHE C 473 -23.59 -7.87 -18.21
N GLY C 474 -24.62 -8.02 -17.39
CA GLY C 474 -24.77 -7.17 -16.22
C GLY C 474 -25.57 -5.89 -16.32
N GLU C 475 -26.36 -5.75 -17.37
CA GLU C 475 -27.37 -4.69 -17.45
C GLU C 475 -26.84 -3.29 -17.74
N PHE C 476 -25.53 -3.08 -17.55
CA PHE C 476 -24.98 -1.74 -17.68
C PHE C 476 -23.61 -1.74 -18.32
N ARG C 477 -23.39 -0.79 -19.24
CA ARG C 477 -22.12 -0.67 -19.93
C ARG C 477 -21.87 0.80 -20.19
N ILE C 478 -20.62 1.24 -20.01
CA ILE C 478 -20.31 2.65 -20.15
C ILE C 478 -19.69 2.98 -21.49
N VAL C 479 -20.43 3.68 -22.33
CA VAL C 479 -19.96 4.01 -23.68
C VAL C 479 -19.59 5.48 -23.89
N PRO C 480 -18.39 5.71 -24.46
CA PRO C 480 -17.87 7.02 -24.87
C PRO C 480 -18.36 7.41 -26.27
N LEU C 481 -19.53 8.04 -26.33
CA LEU C 481 -20.08 8.52 -27.60
C LEU C 481 -19.30 9.70 -28.18
N LEU C 482 -19.24 9.78 -29.51
CA LEU C 482 -18.48 10.83 -30.18
C LEU C 482 -19.38 11.75 -31.00
N VAL C 483 -19.11 13.06 -30.93
CA VAL C 483 -19.93 14.07 -31.61
C VAL C 483 -19.08 15.29 -32.05
N GLU C 484 -19.37 15.85 -33.22
CA GLU C 484 -18.73 17.09 -33.67
C GLU C 484 -19.71 18.27 -33.71
N ILE C 485 -19.19 19.48 -33.54
CA ILE C 485 -20.00 20.68 -33.63
C ILE C 485 -20.01 21.24 -35.06
N LEU C 486 -21.21 21.53 -35.57
CA LEU C 486 -21.39 21.94 -36.95
C LEU C 486 -22.33 23.13 -37.06
N LYS C 487 -22.36 23.77 -38.22
CA LYS C 487 -23.21 24.95 -38.44
C LYS C 487 -24.47 24.61 -39.24
N ASP C 488 -25.63 24.97 -38.68
CA ASP C 488 -26.92 24.66 -39.30
C ASP C 488 -27.11 25.30 -40.67
N ASP C 489 -26.49 26.46 -40.88
CA ASP C 489 -26.71 27.21 -42.11
C ASP C 489 -26.45 26.33 -43.32
N GLY C 490 -27.45 26.22 -44.20
CA GLY C 490 -27.36 25.33 -45.33
C GLY C 490 -28.71 24.75 -45.71
N VAL C 491 -28.66 23.59 -46.38
CA VAL C 491 -29.85 22.80 -46.61
C VAL C 491 -29.77 21.46 -45.87
N ARG C 498 -30.45 18.32 -42.52
CA ARG C 498 -30.89 17.08 -43.15
C ARG C 498 -30.98 17.21 -44.67
N LEU C 499 -30.31 16.30 -45.37
CA LEU C 499 -30.27 16.28 -46.84
C LEU C 499 -31.33 15.40 -47.48
N SER C 500 -32.27 14.93 -46.66
CA SER C 500 -33.13 13.78 -46.99
C SER C 500 -32.32 12.49 -46.91
N GLN C 501 -31.41 12.43 -45.94
CA GLN C 501 -30.71 11.21 -45.59
C GLN C 501 -30.90 10.98 -44.11
N LEU C 502 -30.29 11.84 -43.30
CA LEU C 502 -30.54 11.89 -41.86
C LEU C 502 -30.36 10.54 -41.15
N ARG C 503 -29.12 10.04 -41.11
CA ARG C 503 -28.84 8.79 -40.44
C ARG C 503 -28.79 9.00 -38.93
N GLU C 504 -28.78 10.26 -38.52
CA GLU C 504 -28.66 10.59 -37.10
C GLU C 504 -30.00 10.46 -36.41
N GLY C 505 -31.04 10.17 -37.17
CA GLY C 505 -32.39 10.19 -36.64
C GLY C 505 -32.59 9.16 -35.56
N TRP C 506 -32.39 7.89 -35.90
CA TRP C 506 -32.61 6.82 -34.94
C TRP C 506 -31.46 5.83 -34.94
N LYS C 507 -31.38 5.04 -33.88
CA LYS C 507 -30.50 3.88 -33.85
C LYS C 507 -31.23 2.65 -33.30
N ASP C 508 -30.97 1.51 -33.91
CA ASP C 508 -31.70 0.29 -33.64
C ASP C 508 -31.47 -0.21 -32.23
N ASP C 509 -32.50 -0.82 -31.64
CA ASP C 509 -32.32 -1.52 -30.38
C ASP C 509 -33.15 -2.80 -30.29
N ILE C 510 -32.50 -3.90 -29.92
CA ILE C 510 -33.16 -5.20 -29.87
C ILE C 510 -33.77 -5.50 -28.50
N VAL C 511 -33.37 -4.73 -27.48
CA VAL C 511 -33.80 -5.00 -26.10
C VAL C 511 -35.30 -5.23 -26.06
N SER C 512 -36.04 -4.18 -26.39
CA SER C 512 -37.50 -4.22 -26.35
C SER C 512 -38.17 -5.13 -27.41
N PRO C 513 -37.92 -4.87 -28.69
CA PRO C 513 -38.59 -5.58 -29.80
C PRO C 513 -37.96 -6.93 -30.21
N ILE C 514 -38.40 -7.37 -31.39
CA ILE C 514 -37.74 -8.38 -32.26
C ILE C 514 -38.09 -9.88 -32.17
N PHE C 515 -38.70 -10.37 -31.10
CA PHE C 515 -39.50 -11.58 -31.28
C PHE C 515 -41.02 -11.40 -31.17
N CYS C 516 -41.46 -10.35 -30.50
CA CYS C 516 -42.85 -10.28 -30.07
C CYS C 516 -43.51 -8.90 -30.12
N ASP C 517 -42.80 -7.87 -29.69
CA ASP C 517 -43.40 -6.51 -29.71
C ASP C 517 -44.24 -6.29 -28.46
N ALA C 518 -44.27 -7.33 -27.62
CA ALA C 518 -45.04 -7.35 -26.39
C ALA C 518 -46.54 -7.20 -26.56
N LYS C 519 -47.15 -6.49 -25.63
CA LYS C 519 -48.60 -6.35 -25.60
C LYS C 519 -48.90 -4.87 -25.67
N ASN C 520 -49.46 -4.44 -26.78
CA ASN C 520 -49.64 -3.02 -27.04
C ASN C 520 -50.52 -2.39 -25.99
N GLN C 521 -51.02 -3.23 -25.09
CA GLN C 521 -51.85 -2.78 -23.99
C GLN C 521 -51.12 -1.71 -23.18
N THR C 522 -49.82 -1.55 -23.41
CA THR C 522 -49.12 -0.38 -22.86
C THR C 522 -48.87 -0.49 -21.35
N GLU C 523 -49.27 -1.59 -20.75
CA GLU C 523 -48.72 -1.99 -19.46
C GLU C 523 -47.22 -2.20 -19.68
N TYR C 524 -46.83 -2.21 -20.96
CA TYR C 524 -45.44 -2.13 -21.40
C TYR C 524 -44.74 -0.94 -20.75
N ARG C 525 -45.33 0.24 -20.90
CA ARG C 525 -44.77 1.45 -20.32
C ARG C 525 -44.65 1.30 -18.82
N ARG C 526 -45.44 0.41 -18.25
CA ARG C 526 -45.33 0.14 -16.83
C ARG C 526 -44.05 -0.61 -16.50
N GLU C 527 -43.76 -1.65 -17.26
CA GLU C 527 -42.55 -2.44 -17.04
C GLU C 527 -41.30 -1.69 -17.53
N LEU C 528 -41.49 -0.88 -18.57
CA LEU C 528 -40.41 -0.07 -19.13
C LEU C 528 -39.99 0.95 -18.10
N GLU C 529 -40.96 1.40 -17.32
CA GLU C 529 -40.70 2.31 -16.22
C GLU C 529 -40.00 1.56 -15.09
N SER C 530 -40.23 0.25 -15.02
CA SER C 530 -39.67 -0.61 -13.99
C SER C 530 -38.27 -1.01 -14.36
N TYR C 531 -37.99 -0.90 -15.65
CA TYR C 531 -36.72 -1.31 -16.19
C TYR C 531 -35.65 -0.30 -15.78
N ALA C 532 -36.09 0.81 -15.21
CA ALA C 532 -35.21 1.86 -14.69
C ALA C 532 -34.70 1.61 -13.25
N ALA C 533 -33.38 1.57 -13.11
CA ALA C 533 -32.74 1.27 -11.82
C ALA C 533 -31.83 2.41 -11.40
N SER C 534 -31.85 2.74 -10.12
CA SER C 534 -31.41 4.05 -9.68
C SER C 534 -31.19 4.08 -8.17
N TRP C 535 -31.04 5.30 -7.64
CA TRP C 535 -30.91 5.57 -6.20
C TRP C 535 -31.94 6.59 -5.80
N GLY D 44 14.75 -6.64 -24.85
CA GLY D 44 14.06 -5.81 -25.84
C GLY D 44 12.57 -6.09 -25.95
N ALA D 45 12.19 -7.34 -25.64
CA ALA D 45 10.79 -7.74 -25.64
C ALA D 45 10.15 -7.59 -24.26
N PRO D 46 8.83 -7.28 -24.23
CA PRO D 46 8.06 -7.04 -23.00
C PRO D 46 7.98 -8.26 -22.09
N ILE D 47 8.08 -9.45 -22.67
CA ILE D 47 7.95 -10.71 -21.93
C ILE D 47 6.62 -10.74 -21.16
N HIS D 48 6.64 -11.26 -19.93
CA HIS D 48 5.44 -11.36 -19.12
C HIS D 48 5.77 -11.07 -17.66
N ASP D 49 4.78 -11.29 -16.78
CA ASP D 49 4.98 -11.03 -15.35
C ASP D 49 5.67 -12.20 -14.63
N PRO D 50 6.11 -11.96 -13.41
CA PRO D 50 6.83 -12.99 -12.65
C PRO D 50 6.14 -14.36 -12.63
N ASP D 51 4.83 -14.38 -12.37
CA ASP D 51 4.12 -15.63 -12.08
C ASP D 51 3.80 -16.50 -13.28
N TYR D 52 3.78 -15.90 -14.46
CA TYR D 52 3.42 -16.63 -15.68
C TYR D 52 4.57 -17.42 -16.27
N ILE D 53 5.76 -16.84 -16.30
CA ILE D 53 6.89 -17.46 -16.97
C ILE D 53 7.12 -18.90 -16.52
N GLY D 54 7.23 -19.79 -17.51
CA GLY D 54 7.40 -21.21 -17.28
C GLY D 54 6.15 -22.04 -17.51
N GLY D 55 4.99 -21.40 -17.41
CA GLY D 55 3.71 -22.07 -17.66
C GLY D 55 3.01 -21.61 -18.93
N ILE D 56 3.71 -20.81 -19.73
CA ILE D 56 3.12 -20.19 -20.90
C ILE D 56 3.49 -20.89 -22.20
N GLY D 57 2.48 -21.40 -22.90
CA GLY D 57 2.68 -22.06 -24.16
C GLY D 57 3.42 -23.38 -24.05
N LYS D 58 3.15 -24.09 -22.96
CA LYS D 58 3.72 -25.42 -22.74
C LYS D 58 2.60 -26.39 -22.46
N GLU D 59 2.90 -27.70 -22.53
CA GLU D 59 1.88 -28.70 -22.24
C GLU D 59 1.32 -28.39 -20.87
N LEU D 60 0.00 -28.20 -20.79
CA LEU D 60 -0.61 -27.77 -19.54
C LEU D 60 -0.85 -28.89 -18.51
N ILE D 61 -1.43 -30.02 -18.96
CA ILE D 61 -1.76 -31.10 -18.06
C ILE D 61 -1.27 -32.47 -18.56
N VAL D 62 -0.38 -33.11 -17.80
CA VAL D 62 0.00 -34.49 -18.11
C VAL D 62 -0.31 -35.43 -16.94
N ASP D 63 -1.34 -36.26 -17.13
CA ASP D 63 -1.66 -37.31 -16.18
C ASP D 63 -2.16 -38.52 -16.97
N ASP D 64 -1.54 -39.68 -16.78
CA ASP D 64 -2.01 -40.88 -17.46
C ASP D 64 -3.00 -41.70 -16.63
N ALA D 65 -3.07 -41.41 -15.33
CA ALA D 65 -4.04 -42.09 -14.46
C ALA D 65 -5.43 -41.45 -14.54
N SER D 66 -5.47 -40.12 -14.57
CA SER D 66 -6.73 -39.38 -14.61
C SER D 66 -7.39 -39.45 -15.99
N ASP D 67 -8.70 -39.19 -16.02
CA ASP D 67 -9.45 -39.12 -17.27
C ASP D 67 -9.57 -37.68 -17.76
N VAL D 68 -9.53 -37.50 -19.07
CA VAL D 68 -9.63 -36.17 -19.67
C VAL D 68 -10.87 -35.40 -19.20
N THR D 69 -11.99 -36.10 -19.09
CA THR D 69 -13.25 -35.47 -18.71
C THR D 69 -13.31 -35.12 -17.22
N SER D 70 -12.34 -35.60 -16.44
CA SER D 70 -12.28 -35.27 -15.03
C SER D 70 -11.85 -33.82 -14.87
N PHE D 71 -11.36 -33.23 -15.95
CA PHE D 71 -11.03 -31.82 -15.96
C PHE D 71 -12.15 -31.01 -16.59
N TYR D 72 -12.64 -30.01 -15.87
CA TYR D 72 -13.75 -29.19 -16.33
C TYR D 72 -13.52 -27.72 -15.98
N PRO D 73 -14.14 -26.82 -16.75
CA PRO D 73 -14.02 -25.37 -16.54
C PRO D 73 -14.86 -24.88 -15.37
N SER D 74 -14.36 -23.87 -14.67
CA SER D 74 -15.13 -23.20 -13.63
C SER D 74 -15.96 -22.12 -14.27
N ALA D 75 -16.74 -21.40 -13.46
CA ALA D 75 -17.47 -20.26 -13.98
C ALA D 75 -16.47 -19.19 -14.41
N PHE D 76 -16.84 -18.41 -15.43
CA PHE D 76 -15.93 -17.41 -15.97
C PHE D 76 -15.49 -16.43 -14.88
N GLN D 77 -14.25 -15.98 -14.95
CA GLN D 77 -13.67 -15.19 -13.89
C GLN D 77 -13.59 -13.72 -14.24
N GLU D 78 -13.71 -12.87 -13.24
CA GLU D 78 -13.70 -11.43 -13.44
C GLU D 78 -12.29 -10.93 -13.72
N HIS D 79 -12.12 -10.27 -14.87
CA HIS D 79 -10.85 -9.67 -15.21
C HIS D 79 -11.03 -8.43 -16.07
N LEU D 80 -9.92 -7.86 -16.55
CA LEU D 80 -9.97 -6.64 -17.31
C LEU D 80 -9.97 -6.90 -18.80
N ASN D 81 -10.71 -6.08 -19.55
CA ASN D 81 -10.92 -6.29 -20.97
C ASN D 81 -9.94 -5.52 -21.85
N PHE D 82 -9.16 -6.25 -22.62
CA PHE D 82 -8.24 -5.63 -23.56
C PHE D 82 -8.92 -5.42 -24.92
N ILE D 83 -10.07 -6.06 -25.10
CA ILE D 83 -10.84 -5.94 -26.34
C ILE D 83 -11.77 -4.74 -26.30
N PRO D 84 -11.51 -3.76 -27.18
CA PRO D 84 -12.34 -2.56 -27.28
C PRO D 84 -13.80 -2.89 -27.56
N ALA D 85 -14.68 -1.94 -27.28
CA ALA D 85 -16.11 -2.14 -27.51
C ALA D 85 -16.61 -1.20 -28.59
N PRO D 86 -17.62 -1.64 -29.35
CA PRO D 86 -18.19 -0.86 -30.45
C PRO D 86 -18.75 0.47 -29.96
N THR D 87 -18.47 1.56 -30.68
CA THR D 87 -19.06 2.85 -30.34
C THR D 87 -20.26 3.11 -31.24
N THR D 88 -20.02 3.24 -32.54
CA THR D 88 -21.13 3.39 -33.46
C THR D 88 -22.11 2.24 -33.28
N GLY D 89 -23.40 2.55 -33.36
CA GLY D 89 -24.44 1.54 -33.37
C GLY D 89 -24.80 1.13 -34.78
N SER D 90 -23.87 1.32 -35.71
CA SER D 90 -24.14 1.04 -37.12
C SER D 90 -23.53 -0.27 -37.60
N GLY D 91 -22.21 -0.27 -37.84
CA GLY D 91 -21.53 -1.44 -38.34
C GLY D 91 -21.11 -2.38 -37.23
N CYS D 92 -20.60 -3.55 -37.60
CA CYS D 92 -20.22 -4.54 -36.60
C CYS D 92 -18.71 -4.66 -36.44
N THR D 93 -18.28 -5.52 -35.51
CA THR D 93 -16.88 -5.88 -35.36
C THR D 93 -16.76 -7.37 -35.06
N ARG D 94 -16.01 -8.08 -35.90
CA ARG D 94 -15.86 -9.52 -35.74
C ARG D 94 -14.48 -10.02 -36.15
N ILE D 95 -14.35 -11.33 -36.24
CA ILE D 95 -13.11 -11.98 -36.68
C ILE D 95 -11.89 -11.66 -35.81
N PRO D 96 -11.88 -12.17 -34.56
CA PRO D 96 -10.74 -12.03 -33.65
C PRO D 96 -9.61 -13.03 -33.99
N SER D 97 -8.35 -12.63 -33.80
CA SER D 97 -7.22 -13.54 -33.98
C SER D 97 -6.29 -13.48 -32.76
N PHE D 98 -5.84 -14.63 -32.28
CA PHE D 98 -5.02 -14.67 -31.07
C PHE D 98 -3.91 -15.72 -31.12
N ASP D 99 -2.71 -15.32 -30.70
CA ASP D 99 -1.57 -16.23 -30.62
C ASP D 99 -0.83 -15.96 -29.33
N MET D 100 -0.59 -16.99 -28.53
CA MET D 100 0.00 -16.80 -27.22
C MET D 100 1.48 -17.16 -27.25
N SER D 101 2.34 -16.14 -27.23
CA SER D 101 3.79 -16.34 -27.25
C SER D 101 4.32 -16.62 -25.86
N ALA D 102 5.47 -17.28 -25.79
CA ALA D 102 6.18 -17.46 -24.53
C ALA D 102 6.49 -16.08 -23.96
N THR D 103 6.61 -15.09 -24.85
CA THR D 103 6.91 -13.72 -24.44
C THR D 103 5.65 -12.85 -24.34
N HIS D 104 5.11 -12.47 -25.49
CA HIS D 104 3.98 -11.55 -25.53
C HIS D 104 2.75 -12.24 -26.10
N TYR D 105 1.68 -11.47 -26.28
CA TYR D 105 0.52 -11.98 -27.00
C TYR D 105 0.10 -10.99 -28.06
N CYS D 106 -0.46 -11.51 -29.14
CA CYS D 106 -0.91 -10.68 -30.25
C CYS D 106 -2.39 -10.94 -30.53
N TYR D 107 -3.15 -9.87 -30.69
CA TYR D 107 -4.56 -10.01 -31.02
C TYR D 107 -5.07 -8.88 -31.93
N THR D 108 -6.02 -9.21 -32.80
CA THR D 108 -6.58 -8.24 -33.71
C THR D 108 -8.00 -8.65 -34.14
N HIS D 109 -8.77 -7.67 -34.58
CA HIS D 109 -10.09 -7.94 -35.12
C HIS D 109 -10.47 -6.91 -36.19
N ASN D 110 -11.47 -7.25 -36.98
CA ASN D 110 -11.89 -6.41 -38.09
C ASN D 110 -13.15 -5.61 -37.73
N VAL D 111 -13.16 -4.35 -38.16
CA VAL D 111 -14.29 -3.47 -37.88
C VAL D 111 -14.95 -3.05 -39.18
N ILE D 112 -16.17 -3.52 -39.43
CA ILE D 112 -16.87 -3.19 -40.68
C ILE D 112 -17.74 -1.95 -40.48
N LEU D 113 -17.34 -0.86 -41.12
CA LEU D 113 -17.87 0.46 -40.80
C LEU D 113 -19.39 0.56 -40.88
N SER D 114 -19.98 0.05 -41.95
CA SER D 114 -21.43 0.08 -42.08
C SER D 114 -21.94 -1.23 -42.64
N GLY D 115 -22.96 -1.79 -41.99
CA GLY D 115 -23.42 -3.12 -42.34
C GLY D 115 -22.39 -4.07 -41.82
N CYS D 116 -22.77 -5.33 -41.64
CA CYS D 116 -21.82 -6.34 -41.20
C CYS D 116 -21.36 -7.17 -42.40
N ARG D 117 -21.79 -6.79 -43.59
CA ARG D 117 -21.48 -7.58 -44.79
C ARG D 117 -19.99 -7.76 -45.02
N ASP D 118 -19.62 -8.96 -45.43
CA ASP D 118 -18.22 -9.36 -45.58
C ASP D 118 -17.39 -8.33 -46.34
N HIS D 119 -17.91 -7.88 -47.48
CA HIS D 119 -17.15 -7.09 -48.44
C HIS D 119 -17.11 -5.59 -48.15
N SER D 120 -17.92 -5.12 -47.21
CA SER D 120 -17.99 -3.69 -46.93
C SER D 120 -16.65 -3.13 -46.46
N HIS D 121 -16.42 -1.85 -46.72
CA HIS D 121 -15.16 -1.19 -46.35
C HIS D 121 -14.88 -1.44 -44.87
N SER D 122 -13.66 -1.86 -44.55
CA SER D 122 -13.33 -2.30 -43.20
C SER D 122 -12.05 -1.71 -42.61
N HIS D 123 -12.03 -1.62 -41.28
CA HIS D 123 -10.84 -1.24 -40.51
C HIS D 123 -10.24 -2.48 -39.86
N GLN D 124 -9.11 -2.29 -39.18
CA GLN D 124 -8.51 -3.37 -38.39
C GLN D 124 -7.86 -2.83 -37.12
N TYR D 125 -8.09 -3.49 -36.00
CA TYR D 125 -7.44 -3.14 -34.74
C TYR D 125 -6.51 -4.25 -34.30
N LEU D 126 -5.21 -4.02 -34.37
CA LEU D 126 -4.24 -5.01 -33.91
C LEU D 126 -3.63 -4.56 -32.58
N ALA D 127 -3.49 -5.49 -31.64
CA ALA D 127 -2.92 -5.15 -30.34
C ALA D 127 -1.97 -6.22 -29.78
N LEU D 128 -0.77 -5.78 -29.40
CA LEU D 128 0.20 -6.66 -28.75
C LEU D 128 0.22 -6.31 -27.28
N GLY D 129 0.40 -7.33 -26.44
CA GLY D 129 0.34 -7.12 -25.00
C GLY D 129 1.05 -8.17 -24.16
N VAL D 130 0.83 -8.09 -22.85
CA VAL D 130 1.51 -8.96 -21.90
C VAL D 130 0.60 -9.32 -20.73
N LEU D 131 0.68 -10.55 -20.28
CA LEU D 131 -0.02 -10.98 -19.07
C LEU D 131 0.52 -10.20 -17.88
N ARG D 132 -0.35 -9.86 -16.94
CA ARG D 132 0.07 -9.16 -15.73
C ARG D 132 -0.81 -9.56 -14.54
N THR D 133 -0.20 -9.65 -13.37
CA THR D 133 -0.94 -9.98 -12.17
C THR D 133 -0.96 -8.77 -11.24
N SER D 134 -2.15 -8.44 -10.75
CA SER D 134 -2.35 -7.23 -9.96
C SER D 134 -1.78 -7.35 -8.55
N ALA D 135 -1.96 -6.31 -7.75
CA ALA D 135 -1.49 -6.32 -6.37
C ALA D 135 -2.13 -7.46 -5.57
N THR D 136 -3.34 -7.83 -5.94
CA THR D 136 -4.06 -8.90 -5.26
C THR D 136 -3.72 -10.24 -5.92
N GLY D 137 -2.95 -10.19 -6.99
CA GLY D 137 -2.54 -11.40 -7.68
C GLY D 137 -3.61 -11.96 -8.57
N ARG D 138 -4.55 -11.12 -9.00
CA ARG D 138 -5.57 -11.51 -9.96
C ARG D 138 -5.06 -11.47 -11.41
N VAL D 139 -5.66 -12.30 -12.26
CA VAL D 139 -5.20 -12.46 -13.65
C VAL D 139 -5.90 -11.54 -14.62
N PHE D 140 -5.13 -10.76 -15.36
CA PHE D 140 -5.67 -9.90 -16.41
C PHE D 140 -4.68 -9.69 -17.56
N PHE D 141 -5.19 -9.64 -18.79
CA PHE D 141 -4.33 -9.39 -19.94
C PHE D 141 -4.09 -7.89 -20.06
N SER D 142 -2.89 -7.50 -20.50
CA SER D 142 -2.57 -6.09 -20.63
C SER D 142 -2.02 -5.76 -22.01
N THR D 143 -2.45 -4.64 -22.55
CA THR D 143 -2.05 -4.20 -23.88
C THR D 143 -1.01 -3.10 -23.80
N LEU D 144 0.21 -3.43 -24.20
CA LEU D 144 1.29 -2.47 -24.19
C LEU D 144 1.21 -1.54 -25.40
N HIS D 145 0.93 -2.11 -26.57
CA HIS D 145 0.81 -1.31 -27.78
C HIS D 145 -0.30 -1.80 -28.70
N SER D 146 -1.12 -0.87 -29.18
CA SER D 146 -2.19 -1.20 -30.10
C SER D 146 -2.03 -0.39 -31.38
N ILE D 147 -2.93 -0.63 -32.34
CA ILE D 147 -2.93 0.12 -33.59
C ILE D 147 -4.31 0.16 -34.23
N ASN D 148 -4.60 1.27 -34.90
CA ASN D 148 -5.85 1.43 -35.61
C ASN D 148 -5.61 1.85 -37.06
N LEU D 149 -6.00 0.98 -38.00
CA LEU D 149 -5.89 1.30 -39.41
C LEU D 149 -7.20 1.83 -39.95
N ASP D 150 -7.24 3.13 -40.22
CA ASP D 150 -8.43 3.77 -40.77
C ASP D 150 -8.41 4.03 -42.28
N ASP D 151 -7.34 3.60 -42.96
CA ASP D 151 -7.14 4.01 -44.35
C ASP D 151 -8.14 3.40 -45.33
N THR D 152 -7.93 3.68 -46.62
CA THR D 152 -8.84 3.27 -47.67
C THR D 152 -8.77 1.77 -47.95
N GLN D 153 -7.56 1.23 -48.01
CA GLN D 153 -7.35 -0.18 -48.33
C GLN D 153 -8.08 -1.11 -47.36
N ASN D 154 -8.55 -2.25 -47.88
CA ASN D 154 -9.37 -3.16 -47.11
C ASN D 154 -8.56 -4.39 -46.68
N ARG D 155 -8.89 -4.93 -45.50
CA ARG D 155 -8.24 -6.13 -44.99
C ARG D 155 -9.28 -7.06 -44.40
N LYS D 156 -9.25 -8.33 -44.81
CA LYS D 156 -10.22 -9.30 -44.32
C LYS D 156 -9.56 -10.65 -44.08
N SER D 157 -10.05 -11.36 -43.07
CA SER D 157 -9.46 -12.63 -42.67
C SER D 157 -7.98 -12.51 -42.28
N CYS D 158 -7.67 -11.44 -41.55
CA CYS D 158 -6.36 -11.19 -40.96
C CYS D 158 -6.08 -12.17 -39.83
N SER D 159 -5.01 -12.93 -39.99
CA SER D 159 -4.60 -13.84 -38.96
C SER D 159 -3.37 -13.25 -38.30
N VAL D 160 -3.18 -13.52 -37.01
CA VAL D 160 -1.99 -13.00 -36.33
C VAL D 160 -1.26 -14.07 -35.53
N SER D 161 0.06 -13.99 -35.55
CA SER D 161 0.91 -14.88 -34.78
C SER D 161 1.90 -14.07 -33.95
N ALA D 162 2.47 -14.70 -32.94
CA ALA D 162 3.45 -14.02 -32.10
C ALA D 162 4.85 -14.46 -32.49
N THR D 163 5.69 -13.48 -32.83
CA THR D 163 7.07 -13.75 -33.20
C THR D 163 8.02 -12.85 -32.41
N PRO D 164 9.29 -13.29 -32.28
CA PRO D 164 10.31 -12.55 -31.53
C PRO D 164 10.49 -11.09 -31.96
N LEU D 165 10.12 -10.74 -33.19
CA LEU D 165 10.28 -9.36 -33.64
C LEU D 165 9.10 -8.46 -33.34
N GLY D 166 7.96 -9.07 -32.99
CA GLY D 166 6.77 -8.29 -32.72
C GLY D 166 5.48 -9.03 -32.98
N CYS D 167 4.44 -8.26 -33.29
CA CYS D 167 3.19 -8.87 -33.73
C CYS D 167 3.12 -8.97 -35.26
N ASP D 168 3.16 -10.21 -35.76
CA ASP D 168 3.03 -10.48 -37.20
C ASP D 168 1.61 -10.87 -37.59
N MET D 169 1.07 -10.22 -38.61
CA MET D 169 -0.23 -10.61 -39.13
C MET D 169 -0.27 -10.61 -40.66
N LEU D 170 -0.92 -11.62 -41.22
CA LEU D 170 -1.05 -11.76 -42.68
C LEU D 170 -2.47 -11.44 -43.13
N CYS D 171 -2.62 -10.30 -43.80
CA CYS D 171 -3.94 -9.84 -44.25
C CYS D 171 -4.07 -9.86 -45.76
N SER D 172 -5.28 -10.19 -46.24
CA SER D 172 -5.60 -10.12 -47.67
C SER D 172 -6.26 -8.79 -47.98
N LYS D 173 -5.78 -8.08 -49.00
CA LYS D 173 -6.38 -6.81 -49.35
C LYS D 173 -7.48 -7.00 -50.39
N VAL D 174 -8.72 -6.70 -50.00
CA VAL D 174 -9.88 -6.89 -50.88
C VAL D 174 -10.43 -5.60 -51.47
N THR D 175 -10.26 -5.45 -52.78
CA THR D 175 -10.91 -4.38 -53.53
C THR D 175 -12.17 -4.89 -54.23
N GLU D 176 -12.46 -6.18 -54.08
CA GLU D 176 -13.69 -6.75 -54.60
C GLU D 176 -14.30 -7.79 -53.67
N THR D 177 -15.46 -8.33 -54.06
CA THR D 177 -16.21 -9.27 -53.24
C THR D 177 -15.74 -10.71 -53.43
N GLU D 178 -16.45 -11.64 -52.82
CA GLU D 178 -16.11 -13.05 -52.89
C GLU D 178 -16.27 -13.63 -54.31
N GLU D 179 -17.44 -13.43 -54.90
CA GLU D 179 -17.72 -13.97 -56.22
C GLU D 179 -16.75 -13.43 -57.27
N GLU D 180 -16.62 -12.11 -57.31
CA GLU D 180 -15.76 -11.44 -58.28
C GLU D 180 -14.31 -11.91 -58.21
N ASP D 181 -13.88 -12.30 -57.01
CA ASP D 181 -12.49 -12.69 -56.78
C ASP D 181 -12.18 -14.09 -57.31
N TYR D 182 -13.14 -15.00 -57.15
CA TYR D 182 -13.05 -16.32 -57.75
C TYR D 182 -13.17 -16.19 -59.27
N ASN D 183 -13.77 -15.09 -59.70
CA ASN D 183 -13.84 -14.75 -61.11
C ASN D 183 -12.54 -14.03 -61.50
N SER D 184 -11.78 -13.65 -60.48
CA SER D 184 -10.52 -12.96 -60.67
C SER D 184 -9.36 -13.94 -60.71
N ALA D 185 -8.77 -14.12 -61.89
CA ALA D 185 -7.63 -15.00 -62.05
C ALA D 185 -6.42 -14.43 -61.33
N VAL D 186 -6.43 -13.12 -61.14
CA VAL D 186 -5.36 -12.43 -60.41
C VAL D 186 -5.50 -12.67 -58.91
N PRO D 187 -4.45 -13.26 -58.31
CA PRO D 187 -4.45 -13.53 -56.87
C PRO D 187 -4.81 -12.28 -56.09
N THR D 188 -5.54 -12.46 -55.00
CA THR D 188 -5.93 -11.34 -54.16
C THR D 188 -4.68 -10.64 -53.65
N SER D 189 -4.67 -9.31 -53.72
CA SER D 189 -3.55 -8.54 -53.22
C SER D 189 -3.37 -8.88 -51.75
N MET D 190 -2.19 -9.35 -51.39
CA MET D 190 -1.94 -9.68 -50.00
C MET D 190 -0.75 -8.88 -49.48
N VAL D 191 -0.73 -8.66 -48.17
CA VAL D 191 0.29 -7.84 -47.56
C VAL D 191 0.83 -8.49 -46.31
N HIS D 192 1.73 -7.80 -45.64
CA HIS D 192 2.41 -8.30 -44.46
C HIS D 192 2.61 -7.11 -43.54
N GLY D 193 2.49 -7.33 -42.23
CA GLY D 193 2.72 -6.25 -41.29
C GLY D 193 3.21 -6.73 -39.93
N ARG D 194 3.93 -5.84 -39.25
CA ARG D 194 4.49 -6.16 -37.94
C ARG D 194 4.24 -5.04 -36.95
N LEU D 195 3.57 -5.37 -35.85
CA LEU D 195 3.45 -4.44 -34.75
C LEU D 195 4.56 -4.73 -33.76
N GLY D 196 5.50 -3.79 -33.64
CA GLY D 196 6.66 -3.98 -32.80
C GLY D 196 6.45 -3.54 -31.37
N PHE D 197 7.46 -3.79 -30.53
CA PHE D 197 7.44 -3.37 -29.14
C PHE D 197 7.72 -1.87 -29.03
N ASP D 198 8.11 -1.29 -30.17
CA ASP D 198 8.29 0.15 -30.31
C ASP D 198 6.95 0.85 -30.58
N GLY D 199 5.95 0.06 -30.96
CA GLY D 199 4.63 0.57 -31.22
C GLY D 199 4.41 0.96 -32.67
N GLN D 200 5.48 1.17 -33.42
CA GLN D 200 5.37 1.60 -34.82
C GLN D 200 5.02 0.47 -35.78
N TYR D 201 4.33 0.81 -36.87
CA TYR D 201 3.81 -0.19 -37.79
C TYR D 201 4.33 -0.04 -39.23
N HIS D 202 4.98 -1.09 -39.71
CA HIS D 202 5.59 -1.11 -41.04
C HIS D 202 5.06 -2.31 -41.81
N GLU D 203 4.70 -2.08 -43.06
CA GLU D 203 4.04 -3.11 -43.88
C GLU D 203 4.69 -3.26 -45.26
N LYS D 204 4.43 -4.38 -45.91
CA LYS D 204 4.96 -4.65 -47.26
C LYS D 204 4.01 -5.55 -48.06
N ASP D 205 3.90 -5.30 -49.36
CA ASP D 205 2.99 -6.08 -50.19
C ASP D 205 3.70 -7.22 -50.91
N LEU D 206 3.38 -8.45 -50.52
CA LEU D 206 4.01 -9.63 -51.12
C LEU D 206 3.61 -9.80 -52.58
N ASP D 207 4.36 -10.63 -53.31
CA ASP D 207 4.05 -10.83 -54.72
C ASP D 207 3.08 -11.99 -54.82
N VAL D 208 1.83 -11.67 -55.17
CA VAL D 208 0.76 -12.64 -55.20
C VAL D 208 0.83 -13.44 -56.48
N THR D 209 1.14 -12.75 -57.58
CA THR D 209 1.21 -13.40 -58.88
C THR D 209 2.18 -14.57 -58.81
N THR D 210 3.42 -14.30 -58.42
CA THR D 210 4.45 -15.32 -58.38
C THR D 210 4.09 -16.44 -57.41
N LEU D 211 3.88 -16.07 -56.16
CA LEU D 211 3.56 -17.03 -55.12
C LEU D 211 2.31 -17.83 -55.49
N PHE D 212 1.25 -17.10 -55.81
CA PHE D 212 -0.09 -17.66 -55.98
C PHE D 212 -0.52 -18.01 -57.40
N GLU D 213 0.42 -17.99 -58.34
CA GLU D 213 0.10 -18.07 -59.77
C GLU D 213 -0.96 -19.14 -60.08
N ASP D 214 -0.99 -20.21 -59.30
CA ASP D 214 -1.98 -21.26 -59.48
C ASP D 214 -3.26 -21.01 -58.68
N TRP D 215 -3.34 -19.86 -58.02
CA TRP D 215 -4.47 -19.53 -57.15
C TRP D 215 -5.36 -18.40 -57.68
N VAL D 216 -6.67 -18.62 -57.63
CA VAL D 216 -7.66 -17.62 -58.04
C VAL D 216 -7.93 -16.58 -56.96
N ALA D 217 -7.98 -17.04 -55.72
CA ALA D 217 -8.24 -16.20 -54.55
C ALA D 217 -7.45 -16.68 -53.35
N ASN D 218 -6.88 -15.76 -52.60
CA ASN D 218 -6.02 -16.11 -51.47
C ASN D 218 -6.32 -15.36 -50.18
N TYR D 219 -6.76 -16.09 -49.16
CA TYR D 219 -7.08 -15.49 -47.87
C TYR D 219 -6.38 -16.24 -46.73
N PRO D 220 -5.97 -15.51 -45.70
CA PRO D 220 -5.36 -16.16 -44.54
C PRO D 220 -6.41 -17.00 -43.83
N GLY D 221 -5.97 -18.01 -43.08
CA GLY D 221 -6.87 -18.92 -42.39
C GLY D 221 -7.58 -18.26 -41.21
N VAL D 222 -7.38 -16.95 -41.07
CA VAL D 222 -8.12 -16.14 -40.12
C VAL D 222 -7.75 -16.40 -38.66
N GLY D 223 -7.04 -17.49 -38.40
CA GLY D 223 -6.72 -17.86 -37.03
C GLY D 223 -5.31 -17.47 -36.65
N GLY D 224 -4.96 -17.67 -35.38
CA GLY D 224 -3.61 -17.40 -34.92
C GLY D 224 -2.59 -18.40 -35.47
N GLY D 225 -1.46 -17.87 -35.92
CA GLY D 225 -0.36 -18.73 -36.34
C GLY D 225 0.59 -18.95 -35.19
N SER D 226 1.82 -19.31 -35.50
CA SER D 226 2.84 -19.47 -34.47
C SER D 226 4.25 -19.38 -35.06
N PHE D 227 5.24 -19.15 -34.21
CA PHE D 227 6.62 -18.96 -34.65
C PHE D 227 7.44 -20.26 -34.61
N ILE D 228 7.82 -20.74 -35.80
CA ILE D 228 8.51 -22.03 -35.92
C ILE D 228 9.85 -21.94 -36.64
N ASP D 229 10.91 -22.34 -35.94
CA ASP D 229 12.27 -22.28 -36.45
C ASP D 229 12.56 -20.97 -37.17
N ASN D 230 12.48 -19.87 -36.42
CA ASN D 230 12.85 -18.53 -36.92
C ASN D 230 12.14 -18.11 -38.20
N ARG D 231 10.98 -18.70 -38.46
CA ARG D 231 10.06 -18.22 -39.48
C ARG D 231 8.63 -18.42 -38.97
N VAL D 232 7.81 -17.39 -39.06
CA VAL D 232 6.42 -17.49 -38.65
C VAL D 232 5.59 -18.18 -39.72
N TRP D 233 4.65 -19.02 -39.29
CA TRP D 233 3.80 -19.77 -40.22
C TRP D 233 2.32 -19.42 -40.03
N PHE D 234 1.64 -19.15 -41.15
CA PHE D 234 0.21 -18.89 -41.12
C PHE D 234 -0.52 -19.88 -42.01
N PRO D 235 -1.71 -20.33 -41.57
CA PRO D 235 -2.55 -21.16 -42.44
C PRO D 235 -3.23 -20.29 -43.48
N VAL D 236 -3.66 -20.90 -44.57
CA VAL D 236 -4.31 -20.16 -45.65
C VAL D 236 -5.27 -21.09 -46.37
N TYR D 237 -6.19 -20.52 -47.14
CA TYR D 237 -7.12 -21.29 -47.96
C TYR D 237 -7.48 -20.48 -49.19
N GLY D 238 -8.04 -21.14 -50.20
CA GLY D 238 -8.43 -20.46 -51.42
C GLY D 238 -8.75 -21.40 -52.55
N GLY D 239 -9.17 -20.85 -53.68
CA GLY D 239 -9.50 -21.65 -54.85
C GLY D 239 -8.35 -21.78 -55.84
N LEU D 240 -8.42 -22.80 -56.68
CA LEU D 240 -7.35 -23.09 -57.64
C LEU D 240 -7.81 -22.92 -59.09
N LYS D 241 -6.96 -22.30 -59.90
CA LYS D 241 -7.24 -22.12 -61.32
C LYS D 241 -7.42 -23.49 -61.99
N PRO D 242 -8.29 -23.57 -63.01
CA PRO D 242 -8.49 -24.81 -63.74
C PRO D 242 -7.23 -25.27 -64.48
N ASN D 243 -6.83 -26.51 -64.24
CA ASN D 243 -5.70 -27.11 -64.94
C ASN D 243 -4.33 -26.49 -64.69
N SER D 244 -4.17 -25.84 -63.53
CA SER D 244 -2.89 -25.27 -63.14
C SER D 244 -1.99 -26.33 -62.49
N PRO D 245 -0.70 -26.03 -62.34
CA PRO D 245 0.26 -26.93 -61.70
C PRO D 245 -0.19 -27.46 -60.34
N SER D 246 -0.78 -26.59 -59.50
CA SER D 246 -1.21 -26.99 -58.16
C SER D 246 -2.55 -27.72 -58.14
N ASP D 247 -3.41 -27.44 -59.12
CA ASP D 247 -4.74 -28.06 -59.20
C ASP D 247 -4.69 -29.52 -59.64
N THR D 248 -3.97 -29.78 -60.73
CA THR D 248 -3.79 -31.14 -61.21
C THR D 248 -2.97 -31.94 -60.21
N ALA D 249 -2.39 -31.24 -59.23
CA ALA D 249 -1.60 -31.87 -58.17
C ALA D 249 -2.51 -32.54 -57.15
N GLN D 250 -3.61 -31.90 -56.81
CA GLN D 250 -4.57 -32.45 -55.85
C GLN D 250 -5.66 -33.23 -56.57
N GLU D 251 -5.54 -33.32 -57.89
CA GLU D 251 -6.55 -34.00 -58.72
C GLU D 251 -6.64 -35.48 -58.39
N GLY D 252 -7.87 -35.93 -58.10
CA GLY D 252 -8.09 -37.31 -57.72
C GLY D 252 -7.88 -37.55 -56.24
N LYS D 253 -7.18 -36.61 -55.60
CA LYS D 253 -6.90 -36.71 -54.17
C LYS D 253 -8.11 -36.34 -53.33
N TYR D 254 -8.35 -37.11 -52.28
CA TYR D 254 -9.42 -36.85 -51.32
C TYR D 254 -9.19 -37.70 -50.06
N VAL D 255 -10.05 -37.54 -49.06
CA VAL D 255 -9.97 -38.34 -47.84
C VAL D 255 -11.30 -38.38 -47.08
N ILE D 256 -11.46 -39.38 -46.20
CA ILE D 256 -12.67 -39.50 -45.37
C ILE D 256 -12.36 -39.89 -43.91
N TYR D 257 -12.99 -39.21 -42.97
CA TYR D 257 -12.84 -39.54 -41.55
C TYR D 257 -14.20 -39.73 -40.91
N LYS D 258 -14.46 -40.94 -40.42
CA LYS D 258 -15.75 -41.25 -39.81
C LYS D 258 -15.88 -40.58 -38.43
N ARG D 259 -17.11 -40.44 -37.96
CA ARG D 259 -17.35 -39.82 -36.66
C ARG D 259 -17.07 -40.78 -35.50
N TYR D 260 -17.93 -41.77 -35.35
CA TYR D 260 -17.90 -42.65 -34.19
C TYR D 260 -18.68 -43.94 -34.45
N ASN D 261 -19.09 -44.58 -33.35
CA ASN D 261 -19.82 -45.83 -33.38
C ASN D 261 -20.78 -45.88 -34.57
N ASP D 262 -21.74 -44.96 -34.63
CA ASP D 262 -22.57 -44.84 -35.81
C ASP D 262 -21.72 -44.55 -37.06
N THR D 263 -21.92 -45.34 -38.12
CA THR D 263 -21.14 -45.16 -39.35
C THR D 263 -22.02 -44.84 -40.56
N CYS D 264 -21.41 -44.26 -41.59
CA CYS D 264 -22.15 -43.85 -42.78
C CYS D 264 -22.79 -45.04 -43.48
N PRO D 265 -24.12 -45.02 -43.60
CA PRO D 265 -24.95 -46.08 -44.20
C PRO D 265 -24.77 -46.23 -45.71
N ASP D 266 -24.18 -45.23 -46.36
CA ASP D 266 -23.94 -45.30 -47.81
C ASP D 266 -22.92 -46.37 -48.18
N GLU D 267 -23.00 -46.87 -49.40
CA GLU D 267 -22.10 -47.92 -49.86
C GLU D 267 -20.67 -47.43 -50.04
N GLN D 268 -19.71 -48.35 -50.04
CA GLN D 268 -18.29 -48.05 -50.13
C GLN D 268 -17.93 -47.09 -51.27
N ASP D 269 -18.44 -47.37 -52.47
CA ASP D 269 -18.14 -46.57 -53.66
C ASP D 269 -18.90 -45.23 -53.63
N TYR D 270 -19.90 -45.13 -52.76
CA TYR D 270 -20.67 -43.90 -52.59
C TYR D 270 -19.97 -42.89 -51.67
N GLN D 271 -19.18 -43.40 -50.72
CA GLN D 271 -18.45 -42.52 -49.80
C GLN D 271 -17.32 -41.80 -50.51
N ILE D 272 -16.73 -42.47 -51.50
CA ILE D 272 -15.64 -41.90 -52.28
C ILE D 272 -16.10 -40.69 -53.10
N ARG D 273 -17.22 -40.82 -53.79
CA ARG D 273 -17.75 -39.76 -54.63
C ARG D 273 -17.96 -38.44 -53.88
N MET D 274 -18.78 -38.48 -52.82
CA MET D 274 -19.12 -37.28 -52.08
C MET D 274 -17.87 -36.60 -51.51
N ALA D 275 -16.93 -37.40 -51.03
CA ALA D 275 -15.69 -36.88 -50.49
C ALA D 275 -14.94 -36.06 -51.53
N LYS D 276 -15.01 -36.49 -52.79
CA LYS D 276 -14.33 -35.83 -53.90
C LYS D 276 -14.94 -34.48 -54.26
N SER D 277 -16.24 -34.46 -54.50
CA SER D 277 -16.92 -33.25 -54.96
C SER D 277 -17.01 -32.19 -53.86
N SER D 278 -16.70 -32.58 -52.63
CA SER D 278 -16.66 -31.65 -51.51
C SER D 278 -15.63 -30.57 -51.81
N TYR D 279 -14.52 -30.98 -52.41
CA TYR D 279 -13.43 -30.08 -52.73
C TYR D 279 -13.83 -29.12 -53.86
N LYS D 280 -15.01 -29.34 -54.44
CA LYS D 280 -15.53 -28.47 -55.50
C LYS D 280 -16.99 -28.06 -55.29
N PRO D 281 -17.26 -27.28 -54.24
CA PRO D 281 -18.64 -26.87 -53.91
C PRO D 281 -19.29 -26.03 -55.00
N GLY D 282 -20.62 -26.07 -55.06
CA GLY D 282 -21.36 -25.34 -56.07
C GLY D 282 -21.27 -23.84 -55.91
N ARG D 283 -21.10 -23.39 -54.67
CA ARG D 283 -21.00 -21.96 -54.37
C ARG D 283 -20.01 -21.27 -55.30
N PHE D 284 -18.87 -21.92 -55.51
CA PHE D 284 -17.83 -21.40 -56.39
C PHE D 284 -17.88 -22.01 -57.78
N GLY D 285 -18.88 -22.83 -58.03
CA GLY D 285 -19.15 -23.35 -59.35
C GLY D 285 -18.08 -24.28 -59.90
N GLY D 286 -17.71 -25.27 -59.10
CA GLY D 286 -16.74 -26.26 -59.53
C GLY D 286 -15.30 -25.81 -59.44
N LYS D 287 -15.00 -24.99 -58.44
CA LYS D 287 -13.62 -24.58 -58.18
C LYS D 287 -13.07 -25.34 -56.97
N ARG D 288 -11.78 -25.66 -57.00
CA ARG D 288 -11.15 -26.45 -55.95
C ARG D 288 -10.59 -25.56 -54.86
N VAL D 289 -11.18 -25.68 -53.67
CA VAL D 289 -10.70 -24.91 -52.52
C VAL D 289 -9.71 -25.78 -51.74
N GLN D 290 -8.45 -25.38 -51.78
CA GLN D 290 -7.38 -26.19 -51.20
C GLN D 290 -6.88 -25.60 -49.89
N GLN D 291 -6.46 -26.47 -48.99
CA GLN D 291 -5.86 -26.03 -47.73
C GLN D 291 -4.41 -25.62 -47.98
N ALA D 292 -4.10 -24.38 -47.65
CA ALA D 292 -2.75 -23.85 -47.86
C ALA D 292 -2.09 -23.46 -46.53
N ILE D 293 -0.76 -23.43 -46.53
CA ILE D 293 0.01 -23.04 -45.36
C ILE D 293 1.15 -22.12 -45.79
N LEU D 294 1.16 -20.89 -45.29
CA LEU D 294 2.20 -19.95 -45.70
C LEU D 294 3.29 -19.81 -44.66
N SER D 295 4.54 -19.89 -45.11
CA SER D 295 5.70 -19.76 -44.23
C SER D 295 6.54 -18.56 -44.64
N ILE D 296 6.55 -17.53 -43.80
CA ILE D 296 7.33 -16.34 -44.09
C ILE D 296 8.42 -16.17 -43.04
N LYS D 297 9.65 -16.02 -43.49
CA LYS D 297 10.76 -15.84 -42.58
C LYS D 297 10.59 -14.55 -41.80
N VAL D 298 10.94 -14.60 -40.52
CA VAL D 298 10.82 -13.43 -39.67
C VAL D 298 12.16 -12.69 -39.63
N SER D 299 12.20 -11.51 -40.25
CA SER D 299 13.43 -10.75 -40.39
C SER D 299 13.11 -9.27 -40.43
N THR D 300 14.13 -8.43 -40.19
CA THR D 300 13.97 -6.99 -40.25
C THR D 300 13.34 -6.57 -41.57
N SER D 301 13.57 -7.37 -42.61
CA SER D 301 12.96 -7.16 -43.92
C SER D 301 11.61 -7.88 -43.97
N LEU D 302 10.55 -7.09 -44.14
CA LEU D 302 9.18 -7.61 -44.11
C LEU D 302 8.87 -8.48 -45.32
N GLY D 303 8.44 -9.71 -45.07
CA GLY D 303 8.05 -10.63 -46.13
C GLY D 303 9.19 -11.26 -46.88
N GLU D 304 10.22 -11.69 -46.15
CA GLU D 304 11.40 -12.29 -46.78
C GLU D 304 11.25 -13.80 -46.96
N ASP D 305 11.38 -14.26 -48.21
CA ASP D 305 11.29 -15.68 -48.54
C ASP D 305 9.95 -16.30 -48.16
N PRO D 306 8.86 -15.80 -48.76
CA PRO D 306 7.54 -16.41 -48.56
C PRO D 306 7.50 -17.79 -49.19
N VAL D 307 7.03 -18.78 -48.44
CA VAL D 307 6.95 -20.13 -48.97
C VAL D 307 5.61 -20.77 -48.65
N LEU D 308 4.88 -21.10 -49.71
CA LEU D 308 3.61 -21.80 -49.56
C LEU D 308 3.87 -23.30 -49.48
N THR D 309 3.14 -23.95 -48.58
CA THR D 309 3.24 -25.39 -48.41
C THR D 309 1.85 -26.00 -48.49
N VAL D 310 1.59 -26.78 -49.53
CA VAL D 310 0.27 -27.38 -49.66
C VAL D 310 0.31 -28.86 -49.32
N PRO D 311 -0.47 -29.26 -48.31
CA PRO D 311 -0.60 -30.66 -47.93
C PRO D 311 -1.43 -31.37 -48.98
N PRO D 312 -1.17 -32.67 -49.17
CA PRO D 312 -1.92 -33.45 -50.17
C PRO D 312 -3.35 -33.67 -49.68
N ASN D 313 -4.30 -33.80 -50.60
CA ASN D 313 -5.70 -33.96 -50.22
C ASN D 313 -6.03 -35.34 -49.66
N THR D 314 -5.07 -36.25 -49.72
CA THR D 314 -5.22 -37.57 -49.11
C THR D 314 -5.17 -37.40 -47.60
N VAL D 315 -4.87 -36.17 -47.18
CA VAL D 315 -4.77 -35.83 -45.76
C VAL D 315 -5.83 -34.80 -45.38
N THR D 316 -5.67 -33.57 -45.88
CA THR D 316 -6.59 -32.47 -45.55
C THR D 316 -7.88 -32.50 -46.34
N LEU D 317 -8.95 -32.04 -45.70
CA LEU D 317 -10.23 -31.92 -46.36
C LEU D 317 -10.24 -30.65 -47.19
N MET D 318 -11.42 -30.26 -47.67
CA MET D 318 -11.56 -29.06 -48.47
C MET D 318 -10.91 -27.86 -47.79
N GLY D 319 -10.18 -27.06 -48.57
CA GLY D 319 -9.50 -25.89 -48.02
C GLY D 319 -10.42 -25.00 -47.21
N ALA D 320 -9.91 -24.46 -46.12
CA ALA D 320 -10.72 -23.58 -45.27
C ALA D 320 -9.86 -22.77 -44.30
N GLU D 321 -10.53 -21.93 -43.50
CA GLU D 321 -9.85 -21.12 -42.50
C GLU D 321 -9.58 -21.89 -41.21
N GLY D 322 -8.51 -21.53 -40.52
CA GLY D 322 -8.11 -22.24 -39.32
C GLY D 322 -6.98 -21.57 -38.56
N ARG D 323 -6.34 -22.33 -37.67
CA ARG D 323 -5.32 -21.80 -36.78
C ARG D 323 -4.19 -22.79 -36.62
N VAL D 324 -2.96 -22.28 -36.56
CA VAL D 324 -1.78 -23.14 -36.35
C VAL D 324 -1.26 -23.01 -34.92
N LEU D 325 -1.11 -24.15 -34.25
CA LEU D 325 -0.71 -24.16 -32.84
C LEU D 325 0.60 -24.90 -32.59
N THR D 326 1.36 -24.43 -31.62
CA THR D 326 2.54 -25.15 -31.17
C THR D 326 2.54 -25.24 -29.64
N VAL D 327 2.43 -26.47 -29.13
CA VAL D 327 2.43 -26.71 -27.70
C VAL D 327 3.67 -27.50 -27.33
N GLY D 328 4.60 -26.86 -26.63
CA GLY D 328 5.89 -27.49 -26.35
C GLY D 328 6.58 -27.86 -27.65
N THR D 329 6.97 -29.12 -27.79
CA THR D 329 7.61 -29.55 -29.02
C THR D 329 6.57 -29.93 -30.09
N SER D 330 5.31 -29.95 -29.70
CA SER D 330 4.22 -30.34 -30.60
C SER D 330 3.74 -29.20 -31.50
N HIS D 331 3.38 -29.53 -32.74
CA HIS D 331 2.82 -28.55 -33.67
C HIS D 331 1.44 -28.96 -34.17
N PHE D 332 0.49 -28.04 -34.17
CA PHE D 332 -0.85 -28.36 -34.65
C PHE D 332 -1.37 -27.37 -35.68
N LEU D 333 -2.16 -27.88 -36.62
CA LEU D 333 -2.89 -27.05 -37.57
C LEU D 333 -4.38 -27.27 -37.38
N TYR D 334 -5.08 -26.27 -36.86
CA TYR D 334 -6.52 -26.42 -36.65
C TYR D 334 -7.32 -26.07 -37.89
N GLN D 335 -8.15 -27.01 -38.34
CA GLN D 335 -9.01 -26.78 -39.50
C GLN D 335 -10.48 -26.59 -39.09
N ARG D 336 -11.10 -25.54 -39.61
CA ARG D 336 -12.51 -25.29 -39.38
C ARG D 336 -13.36 -26.37 -40.04
N GLY D 337 -14.61 -26.49 -39.59
CA GLY D 337 -15.49 -27.56 -40.03
C GLY D 337 -16.25 -27.26 -41.30
N SER D 338 -15.68 -26.37 -42.12
CA SER D 338 -16.35 -25.89 -43.33
C SER D 338 -16.82 -27.04 -44.21
N SER D 339 -16.26 -28.23 -43.97
CA SER D 339 -16.62 -29.44 -44.70
C SER D 339 -17.72 -30.24 -44.01
N TYR D 340 -17.93 -31.46 -44.49
CA TYR D 340 -18.96 -32.36 -43.99
C TYR D 340 -18.63 -32.94 -42.60
N PHE D 341 -17.43 -32.68 -42.10
CA PHE D 341 -16.97 -33.28 -40.85
C PHE D 341 -17.03 -32.31 -39.66
N SER D 342 -17.95 -32.59 -38.73
CA SER D 342 -18.21 -31.72 -37.56
C SER D 342 -17.12 -31.68 -36.48
N PRO D 343 -16.67 -32.85 -35.99
CA PRO D 343 -15.71 -32.90 -34.87
C PRO D 343 -14.46 -32.05 -35.10
N ALA D 344 -14.06 -31.29 -34.07
CA ALA D 344 -12.89 -30.43 -34.16
C ALA D 344 -11.65 -31.22 -34.55
N LEU D 345 -10.87 -30.66 -35.48
CA LEU D 345 -9.70 -31.35 -36.02
C LEU D 345 -8.40 -30.65 -35.67
N LEU D 346 -7.44 -31.43 -35.17
CA LEU D 346 -6.08 -30.93 -34.98
C LEU D 346 -5.10 -31.85 -35.71
N TYR D 347 -4.49 -31.33 -36.77
CA TYR D 347 -3.56 -32.11 -37.57
C TYR D 347 -2.17 -32.00 -36.98
N PRO D 348 -1.68 -33.09 -36.37
CA PRO D 348 -0.28 -33.04 -35.95
C PRO D 348 0.58 -32.75 -37.17
N MET D 349 1.42 -31.73 -37.06
CA MET D 349 2.13 -31.22 -38.21
C MET D 349 3.60 -31.05 -37.87
N THR D 350 4.45 -31.17 -38.89
CA THR D 350 5.89 -30.97 -38.71
C THR D 350 6.45 -30.09 -39.82
N VAL D 351 7.63 -29.52 -39.56
CA VAL D 351 8.27 -28.63 -40.53
C VAL D 351 9.73 -29.00 -40.76
N SER D 352 10.06 -29.27 -42.02
CA SER D 352 11.44 -29.57 -42.40
C SER D 352 11.79 -28.84 -43.70
N ASN D 353 12.85 -28.05 -43.66
CA ASN D 353 13.32 -27.31 -44.82
C ASN D 353 12.26 -26.36 -45.39
N LYS D 354 11.87 -25.37 -44.59
CA LYS D 354 11.01 -24.29 -45.04
C LYS D 354 9.61 -24.74 -45.46
N THR D 355 9.40 -26.05 -45.51
CA THR D 355 8.11 -26.60 -45.89
C THR D 355 7.49 -27.38 -44.74
N ALA D 356 6.16 -27.46 -44.73
CA ALA D 356 5.44 -28.09 -43.64
C ALA D 356 4.82 -29.42 -44.06
N THR D 357 4.80 -30.36 -43.13
CA THR D 357 4.15 -31.66 -43.36
C THR D 357 2.93 -31.82 -42.46
N LEU D 358 1.87 -32.44 -42.99
CA LEU D 358 0.66 -32.71 -42.21
C LEU D 358 0.43 -34.21 -42.04
N HIS D 359 0.07 -34.61 -40.81
CA HIS D 359 -0.16 -36.01 -40.49
C HIS D 359 -1.63 -36.25 -40.15
N SER D 360 -1.96 -37.48 -39.75
CA SER D 360 -3.34 -37.85 -39.42
C SER D 360 -3.93 -36.99 -38.31
N PRO D 361 -5.05 -36.29 -38.62
CA PRO D 361 -5.66 -35.29 -37.73
C PRO D 361 -6.17 -35.87 -36.41
N TYR D 362 -6.00 -35.12 -35.33
CA TYR D 362 -6.60 -35.45 -34.06
C TYR D 362 -8.06 -35.02 -34.07
N THR D 363 -8.97 -35.97 -33.86
CA THR D 363 -10.38 -35.64 -33.83
C THR D 363 -10.94 -35.72 -32.42
N PHE D 364 -11.90 -34.84 -32.14
CA PHE D 364 -12.62 -34.85 -30.89
C PHE D 364 -14.10 -34.89 -31.23
N ASP D 365 -14.79 -35.93 -30.74
CA ASP D 365 -16.16 -36.18 -31.16
C ASP D 365 -17.22 -35.34 -30.44
N ALA D 366 -17.05 -35.10 -29.15
CA ALA D 366 -18.01 -34.32 -28.39
C ALA D 366 -18.00 -32.86 -28.85
N PHE D 367 -16.87 -32.44 -29.40
CA PHE D 367 -16.68 -31.06 -29.81
C PHE D 367 -17.12 -30.97 -31.27
N THR D 368 -18.27 -30.34 -31.51
CA THR D 368 -18.86 -30.28 -32.84
C THR D 368 -19.16 -28.84 -33.19
N ARG D 369 -19.67 -28.60 -34.39
CA ARG D 369 -20.06 -27.26 -34.78
C ARG D 369 -21.30 -27.29 -35.65
N PRO D 370 -22.10 -26.22 -35.61
CA PRO D 370 -23.30 -26.07 -36.45
C PRO D 370 -22.96 -25.83 -37.94
N GLY D 371 -23.91 -26.16 -38.81
CA GLY D 371 -23.68 -26.06 -40.25
C GLY D 371 -24.96 -26.25 -41.04
N SER D 372 -24.82 -26.55 -42.32
CA SER D 372 -25.98 -26.73 -43.18
C SER D 372 -26.72 -28.02 -42.85
N VAL D 373 -27.78 -28.31 -43.61
CA VAL D 373 -28.54 -29.55 -43.44
C VAL D 373 -27.70 -30.78 -43.81
N PRO D 374 -27.05 -30.75 -44.99
CA PRO D 374 -26.17 -31.87 -45.33
C PRO D 374 -25.07 -32.06 -44.30
N CYS D 375 -24.47 -30.96 -43.84
CA CYS D 375 -23.37 -31.02 -42.89
C CYS D 375 -23.70 -30.31 -41.58
N GLN D 376 -23.93 -31.07 -40.52
CA GLN D 376 -24.30 -30.52 -39.23
C GLN D 376 -23.57 -31.26 -38.13
N ALA D 377 -23.94 -30.98 -36.88
CA ALA D 377 -23.30 -31.61 -35.72
C ALA D 377 -23.44 -33.13 -35.74
N SER D 378 -24.53 -33.62 -36.36
CA SER D 378 -24.82 -35.05 -36.40
C SER D 378 -24.44 -35.80 -37.71
N ALA D 379 -23.84 -35.09 -38.68
CA ALA D 379 -23.61 -35.69 -40.00
C ALA D 379 -22.42 -36.64 -40.05
N ARG D 380 -22.69 -37.91 -40.36
CA ARG D 380 -21.67 -38.94 -40.43
C ARG D 380 -21.07 -39.19 -41.82
N CYS D 381 -21.71 -38.68 -42.87
CA CYS D 381 -21.27 -38.97 -44.23
C CYS D 381 -20.53 -37.81 -44.88
N PRO D 382 -19.92 -38.06 -46.04
CA PRO D 382 -19.30 -37.03 -46.89
C PRO D 382 -20.35 -36.28 -47.72
N ASN D 383 -20.11 -34.98 -47.94
CA ASN D 383 -20.93 -34.19 -48.86
C ASN D 383 -20.18 -32.94 -49.32
N SER D 384 -20.66 -32.31 -50.39
CA SER D 384 -20.09 -31.05 -50.83
C SER D 384 -20.95 -29.89 -50.35
N CYS D 385 -20.46 -29.16 -49.35
CA CYS D 385 -21.23 -28.07 -48.76
C CYS D 385 -20.38 -26.92 -48.23
N VAL D 386 -21.06 -25.78 -48.00
CA VAL D 386 -20.44 -24.62 -47.39
C VAL D 386 -21.31 -24.10 -46.25
N THR D 387 -20.81 -24.24 -45.03
CA THR D 387 -21.45 -23.73 -43.82
C THR D 387 -20.46 -23.88 -42.68
N GLY D 388 -20.92 -23.71 -41.44
CA GLY D 388 -20.07 -23.95 -40.30
C GLY D 388 -19.48 -22.68 -39.71
N VAL D 389 -18.39 -22.82 -38.97
CA VAL D 389 -17.87 -21.70 -38.20
C VAL D 389 -16.55 -22.07 -37.51
N TYR D 390 -15.81 -21.06 -37.07
CA TYR D 390 -14.50 -21.28 -36.46
C TYR D 390 -14.58 -21.38 -34.95
N THR D 391 -14.34 -22.58 -34.43
CA THR D 391 -14.15 -22.77 -33.00
C THR D 391 -12.94 -23.68 -32.77
N ASP D 392 -11.86 -23.13 -32.20
CA ASP D 392 -10.62 -23.88 -32.07
C ASP D 392 -10.36 -24.48 -30.68
N PRO D 393 -10.06 -25.78 -30.65
CA PRO D 393 -9.57 -26.41 -29.43
C PRO D 393 -8.12 -26.01 -29.16
N TYR D 394 -7.77 -25.76 -27.92
CA TYR D 394 -6.38 -25.51 -27.56
C TYR D 394 -5.88 -26.66 -26.71
N PRO D 395 -4.81 -27.33 -27.16
CA PRO D 395 -4.26 -28.53 -26.51
C PRO D 395 -3.99 -28.32 -25.03
N LEU D 396 -4.51 -29.26 -24.23
CA LEU D 396 -4.49 -29.12 -22.79
C LEU D 396 -3.89 -30.36 -22.15
N VAL D 397 -4.59 -31.48 -22.30
CA VAL D 397 -4.20 -32.73 -21.66
C VAL D 397 -3.26 -33.57 -22.53
N PHE D 398 -2.24 -34.16 -21.91
CA PHE D 398 -1.24 -34.95 -22.66
C PHE D 398 -0.87 -36.26 -21.96
N TYR D 399 -0.22 -37.14 -22.70
CA TYR D 399 0.26 -38.41 -22.17
C TYR D 399 1.74 -38.35 -21.80
N ARG D 400 2.31 -39.50 -21.43
CA ARG D 400 3.73 -39.56 -21.07
C ARG D 400 4.62 -39.52 -22.31
N ASN D 401 4.27 -40.28 -23.34
CA ASN D 401 5.00 -40.24 -24.59
C ASN D 401 4.85 -38.89 -25.30
N HIS D 402 4.04 -38.01 -24.70
CA HIS D 402 3.85 -36.64 -25.18
C HIS D 402 2.75 -36.49 -26.23
N THR D 403 2.16 -37.61 -26.65
CA THR D 403 1.04 -37.57 -27.58
C THR D 403 -0.18 -36.92 -26.93
N LEU D 404 -1.03 -36.30 -27.76
CA LEU D 404 -2.21 -35.59 -27.27
C LEU D 404 -3.37 -36.54 -26.95
N ARG D 405 -4.18 -36.16 -25.97
CA ARG D 405 -5.34 -36.96 -25.60
C ARG D 405 -6.64 -36.14 -25.59
N GLY D 406 -6.69 -35.08 -24.79
CA GLY D 406 -7.87 -34.24 -24.77
C GLY D 406 -7.59 -32.76 -24.53
N VAL D 407 -8.53 -31.91 -24.94
CA VAL D 407 -8.31 -30.47 -25.01
C VAL D 407 -9.45 -29.69 -24.36
N PHE D 408 -9.39 -28.37 -24.49
CA PHE D 408 -10.46 -27.49 -24.03
C PHE D 408 -11.01 -26.69 -25.19
N GLY D 409 -12.30 -26.37 -25.15
CA GLY D 409 -12.88 -25.52 -26.17
C GLY D 409 -14.19 -24.83 -25.78
N THR D 410 -14.45 -23.71 -26.45
CA THR D 410 -15.71 -23.00 -26.30
C THR D 410 -16.50 -23.26 -27.56
N MET D 411 -17.52 -24.10 -27.44
CA MET D 411 -18.24 -24.60 -28.60
C MET D 411 -19.64 -24.02 -28.68
N LEU D 412 -20.14 -23.87 -29.91
CA LEU D 412 -21.51 -23.44 -30.09
C LEU D 412 -22.31 -24.71 -30.14
N ASP D 413 -23.08 -24.97 -29.09
CA ASP D 413 -23.70 -26.27 -28.93
C ASP D 413 -25.05 -26.23 -29.59
N ASP D 414 -25.15 -26.90 -30.73
CA ASP D 414 -26.38 -26.92 -31.51
C ASP D 414 -26.11 -27.72 -32.78
N LYS D 415 -27.19 -28.23 -33.37
CA LYS D 415 -27.10 -28.99 -34.59
C LYS D 415 -27.10 -28.18 -35.90
N GLN D 416 -27.95 -27.14 -35.98
CA GLN D 416 -28.13 -26.40 -37.23
C GLN D 416 -27.60 -24.96 -37.23
N ALA D 417 -28.32 -24.04 -36.60
CA ALA D 417 -27.90 -22.65 -36.50
C ALA D 417 -26.77 -22.49 -35.48
N ARG D 418 -26.06 -21.36 -35.54
CA ARG D 418 -24.92 -21.17 -34.65
C ARG D 418 -25.40 -20.53 -33.36
N LEU D 419 -25.41 -21.32 -32.29
CA LEU D 419 -26.10 -20.92 -31.07
C LEU D 419 -25.61 -21.60 -29.81
N ASN D 420 -25.91 -20.99 -28.67
CA ASN D 420 -25.62 -21.55 -27.35
C ASN D 420 -24.14 -21.82 -27.06
N PRO D 421 -23.33 -20.75 -27.04
CA PRO D 421 -21.92 -20.95 -26.68
C PRO D 421 -21.83 -21.73 -25.39
N VAL D 422 -20.95 -22.72 -25.36
CA VAL D 422 -20.74 -23.54 -24.18
C VAL D 422 -19.26 -23.88 -24.03
N SER D 423 -18.72 -23.72 -22.84
CA SER D 423 -17.32 -24.05 -22.59
C SER D 423 -17.21 -25.42 -21.94
N ALA D 424 -16.32 -26.26 -22.49
CA ALA D 424 -16.14 -27.61 -21.98
C ALA D 424 -14.76 -28.14 -22.31
N VAL D 425 -14.30 -29.12 -21.54
CA VAL D 425 -13.04 -29.79 -21.81
C VAL D 425 -13.31 -31.09 -22.56
N PHE D 426 -12.48 -31.39 -23.56
CA PHE D 426 -12.74 -32.51 -24.46
C PHE D 426 -11.66 -33.59 -24.44
N ASP D 427 -12.06 -34.80 -24.84
CA ASP D 427 -11.14 -35.88 -25.17
C ASP D 427 -11.55 -36.42 -26.54
N SER D 428 -10.95 -37.53 -26.96
CA SER D 428 -11.29 -38.11 -28.24
C SER D 428 -12.79 -38.43 -28.38
N ILE D 429 -13.41 -38.92 -27.31
CA ILE D 429 -14.79 -39.37 -27.39
C ILE D 429 -15.83 -38.32 -26.94
N SER D 430 -15.91 -38.06 -25.65
CA SER D 430 -16.93 -37.15 -25.12
C SER D 430 -16.32 -35.94 -24.40
N ARG D 431 -17.18 -35.04 -23.93
CA ARG D 431 -16.72 -33.81 -23.27
C ARG D 431 -17.15 -33.70 -21.81
N SER D 432 -16.36 -32.95 -21.04
CA SER D 432 -16.57 -32.83 -19.61
C SER D 432 -17.79 -31.99 -19.30
N ARG D 433 -18.05 -31.79 -18.01
CA ARG D 433 -19.11 -30.90 -17.58
C ARG D 433 -18.84 -29.52 -18.15
N ILE D 434 -19.90 -28.76 -18.42
CA ILE D 434 -19.76 -27.48 -19.11
C ILE D 434 -20.16 -26.28 -18.29
N THR D 435 -19.98 -25.11 -18.89
CA THR D 435 -20.33 -23.84 -18.28
C THR D 435 -21.04 -22.99 -19.33
N ARG D 436 -22.27 -22.59 -19.04
CA ARG D 436 -23.06 -21.88 -20.03
C ARG D 436 -22.83 -20.39 -20.00
N VAL D 437 -22.63 -19.81 -21.18
CA VAL D 437 -22.39 -18.37 -21.28
C VAL D 437 -23.64 -17.62 -20.88
N SER D 438 -24.80 -18.18 -21.21
CA SER D 438 -26.09 -17.62 -20.85
C SER D 438 -27.17 -18.70 -20.83
N SER D 439 -28.30 -18.41 -20.20
CA SER D 439 -29.42 -19.33 -20.23
C SER D 439 -30.04 -19.30 -21.62
N SER D 440 -31.09 -20.11 -21.82
CA SER D 440 -31.76 -20.17 -23.11
C SER D 440 -30.75 -20.44 -24.22
N SER D 441 -30.67 -19.51 -25.16
CA SER D 441 -29.70 -19.56 -26.23
C SER D 441 -29.37 -18.14 -26.67
N THR D 442 -28.11 -17.91 -27.04
CA THR D 442 -27.67 -16.58 -27.40
C THR D 442 -26.94 -16.64 -28.73
N LYS D 443 -26.97 -15.56 -29.49
CA LYS D 443 -26.31 -15.57 -30.79
C LYS D 443 -24.82 -15.83 -30.62
N ALA D 444 -24.30 -16.77 -31.39
CA ALA D 444 -22.91 -17.20 -31.26
C ALA D 444 -22.16 -17.07 -32.58
N ALA D 445 -20.83 -17.05 -32.48
CA ALA D 445 -19.95 -16.82 -33.62
C ALA D 445 -18.56 -17.40 -33.36
N TYR D 446 -17.59 -16.97 -34.18
CA TYR D 446 -16.21 -17.45 -34.08
C TYR D 446 -15.66 -17.42 -32.65
N THR D 447 -15.08 -18.53 -32.21
CA THR D 447 -14.40 -18.61 -30.90
C THR D 447 -12.98 -19.17 -31.01
N THR D 448 -12.03 -18.48 -30.40
CA THR D 448 -10.66 -18.95 -30.33
C THR D 448 -10.20 -19.12 -28.87
N SER D 449 -9.82 -20.33 -28.52
CA SER D 449 -9.45 -20.65 -27.15
C SER D 449 -7.94 -20.76 -26.97
N THR D 450 -7.45 -20.34 -25.82
CA THR D 450 -6.05 -20.46 -25.47
C THR D 450 -5.91 -20.79 -23.98
N CYS D 451 -5.00 -21.70 -23.67
CA CYS D 451 -4.77 -22.09 -22.29
C CYS D 451 -3.34 -21.83 -21.83
N PHE D 452 -3.22 -21.24 -20.65
CA PHE D 452 -1.92 -20.88 -20.09
C PHE D 452 -1.88 -21.28 -18.62
N LYS D 453 -0.67 -21.43 -18.08
CA LYS D 453 -0.49 -21.80 -16.67
C LYS D 453 0.14 -20.68 -15.84
N VAL D 454 -0.26 -20.58 -14.58
CA VAL D 454 0.36 -19.62 -13.67
C VAL D 454 1.28 -20.38 -12.71
N VAL D 455 2.58 -20.23 -12.90
CA VAL D 455 3.56 -21.06 -12.20
C VAL D 455 3.58 -20.86 -10.68
N LYS D 456 3.45 -19.61 -10.25
CA LYS D 456 3.61 -19.28 -8.83
C LYS D 456 2.36 -19.59 -8.01
N THR D 457 1.22 -19.66 -8.66
CA THR D 457 0.01 -20.14 -8.00
C THR D 457 -0.29 -21.60 -8.33
N ASN D 458 0.46 -22.16 -9.26
CA ASN D 458 0.13 -23.49 -9.77
C ASN D 458 -1.36 -23.62 -10.09
N LYS D 459 -1.82 -22.84 -11.07
CA LYS D 459 -3.22 -22.85 -11.48
C LYS D 459 -3.32 -22.66 -13.00
N THR D 460 -4.25 -23.39 -13.64
CA THR D 460 -4.35 -23.41 -15.10
C THR D 460 -5.52 -22.59 -15.63
N TYR D 461 -5.21 -21.66 -16.53
CA TYR D 461 -6.19 -20.73 -17.05
C TYR D 461 -6.39 -20.82 -18.55
N CYS D 462 -7.63 -20.59 -18.99
CA CYS D 462 -7.98 -20.63 -20.41
C CYS D 462 -8.78 -19.40 -20.83
N LEU D 463 -8.38 -18.76 -21.90
CA LEU D 463 -9.08 -17.58 -22.41
C LEU D 463 -9.69 -17.84 -23.78
N SER D 464 -11.02 -17.92 -23.84
CA SER D 464 -11.71 -18.03 -25.12
C SER D 464 -12.16 -16.64 -25.57
N ILE D 465 -11.66 -16.19 -26.72
CA ILE D 465 -12.06 -14.90 -27.29
C ILE D 465 -13.26 -15.15 -28.19
N ALA D 466 -14.40 -14.53 -27.86
CA ALA D 466 -15.65 -14.91 -28.49
C ALA D 466 -16.48 -13.76 -29.06
N GLU D 467 -17.30 -14.08 -30.05
CA GLU D 467 -18.21 -13.12 -30.64
C GLU D 467 -19.65 -13.46 -30.22
N ILE D 468 -20.34 -12.49 -29.61
CA ILE D 468 -21.73 -12.69 -29.19
C ILE D 468 -22.59 -11.48 -29.53
N SER D 469 -23.90 -11.69 -29.59
CA SER D 469 -24.83 -10.64 -30.00
C SER D 469 -24.71 -9.40 -29.12
N ASN D 470 -24.46 -8.27 -29.77
CA ASN D 470 -24.27 -6.99 -29.08
C ASN D 470 -25.53 -6.13 -29.06
N THR D 471 -26.63 -6.64 -29.62
CA THR D 471 -27.86 -5.85 -29.75
C THR D 471 -27.55 -4.44 -30.25
N LEU D 472 -27.99 -3.43 -29.51
CA LEU D 472 -27.67 -2.05 -29.86
C LEU D 472 -26.16 -1.94 -29.98
N PHE D 473 -25.67 -1.08 -30.88
CA PHE D 473 -24.22 -0.98 -31.14
C PHE D 473 -23.60 -1.87 -32.25
N GLY D 474 -24.41 -2.60 -33.00
CA GLY D 474 -23.91 -3.34 -34.15
C GLY D 474 -23.81 -4.86 -34.11
N GLU D 475 -24.50 -5.47 -33.17
CA GLU D 475 -24.86 -6.88 -33.24
C GLU D 475 -23.73 -7.86 -32.95
N PHE D 476 -22.49 -7.38 -33.00
CA PHE D 476 -21.37 -8.24 -32.64
C PHE D 476 -20.32 -7.56 -31.76
N ARG D 477 -20.16 -8.11 -30.56
CA ARG D 477 -19.18 -7.65 -29.61
C ARG D 477 -18.37 -8.85 -29.16
N ILE D 478 -17.08 -8.80 -29.41
CA ILE D 478 -16.19 -9.87 -29.01
C ILE D 478 -15.80 -9.70 -27.55
N VAL D 479 -15.79 -10.83 -26.83
CA VAL D 479 -15.53 -10.81 -25.40
C VAL D 479 -14.36 -11.73 -25.05
N PRO D 480 -13.50 -11.27 -24.13
CA PRO D 480 -12.39 -12.04 -23.55
C PRO D 480 -12.81 -12.83 -22.31
N LEU D 481 -13.40 -14.01 -22.50
CA LEU D 481 -13.79 -14.84 -21.37
C LEU D 481 -12.58 -15.50 -20.69
N LEU D 482 -12.57 -15.50 -19.37
CA LEU D 482 -11.51 -16.15 -18.58
C LEU D 482 -12.07 -17.30 -17.74
N VAL D 483 -11.34 -18.40 -17.64
CA VAL D 483 -11.80 -19.59 -16.92
C VAL D 483 -10.63 -20.39 -16.35
N GLU D 484 -10.86 -21.15 -15.28
CA GLU D 484 -9.84 -22.10 -14.80
C GLU D 484 -10.29 -23.56 -14.88
N ILE D 485 -9.35 -24.43 -15.25
CA ILE D 485 -9.56 -25.87 -15.27
C ILE D 485 -9.47 -26.41 -13.86
N LEU D 486 -10.36 -27.35 -13.52
CA LEU D 486 -10.37 -27.92 -12.18
C LEU D 486 -10.33 -29.44 -12.24
N LYS D 487 -10.35 -30.08 -11.07
CA LYS D 487 -10.35 -31.54 -10.97
C LYS D 487 -11.68 -32.05 -10.44
N ASP D 488 -12.23 -33.07 -11.10
CA ASP D 488 -13.56 -33.57 -10.81
C ASP D 488 -13.62 -34.32 -9.49
N ASP D 489 -12.47 -34.52 -8.86
CA ASP D 489 -12.41 -35.28 -7.61
C ASP D 489 -12.87 -34.44 -6.43
N GLY D 490 -13.93 -34.89 -5.75
CA GLY D 490 -14.47 -34.18 -4.61
C GLY D 490 -15.97 -34.39 -4.43
N VAL D 491 -16.61 -33.49 -3.67
CA VAL D 491 -18.05 -33.53 -3.47
C VAL D 491 -18.74 -32.33 -4.12
N ARG D 498 -21.51 -28.92 -9.34
CA ARG D 498 -22.62 -29.72 -8.81
C ARG D 498 -22.52 -29.85 -7.30
N LEU D 499 -22.09 -28.77 -6.65
CA LEU D 499 -22.00 -28.72 -5.18
C LEU D 499 -23.32 -28.23 -4.63
N SER D 500 -24.29 -28.10 -5.52
CA SER D 500 -25.60 -27.52 -5.24
C SER D 500 -25.61 -26.00 -5.42
N GLN D 501 -24.43 -25.42 -5.59
CA GLN D 501 -24.32 -24.02 -5.98
C GLN D 501 -23.63 -23.94 -7.35
N LEU D 502 -24.40 -23.62 -8.38
CA LEU D 502 -23.84 -23.50 -9.72
C LEU D 502 -24.08 -22.11 -10.32
N ARG D 503 -23.01 -21.33 -10.45
CA ARG D 503 -23.08 -20.07 -11.15
C ARG D 503 -22.75 -20.32 -12.62
N GLU D 504 -22.29 -21.53 -12.91
CA GLU D 504 -21.97 -21.93 -14.27
C GLU D 504 -23.20 -22.56 -14.91
N GLY D 505 -24.25 -22.70 -14.12
CA GLY D 505 -25.46 -23.33 -14.60
C GLY D 505 -25.95 -22.61 -15.84
N TRP D 506 -26.19 -21.31 -15.72
CA TRP D 506 -26.65 -20.52 -16.84
C TRP D 506 -26.18 -19.07 -16.68
N LYS D 507 -26.70 -18.19 -17.54
CA LYS D 507 -26.53 -16.77 -17.37
C LYS D 507 -27.67 -16.05 -18.10
N ASP D 508 -27.87 -14.78 -17.78
CA ASP D 508 -29.09 -14.08 -18.21
C ASP D 508 -29.01 -13.35 -19.56
N ASP D 509 -29.82 -13.81 -20.51
CA ASP D 509 -29.94 -13.12 -21.80
C ASP D 509 -31.28 -12.41 -21.92
N ILE D 510 -31.24 -11.13 -22.22
CA ILE D 510 -32.48 -10.36 -22.34
C ILE D 510 -33.05 -10.30 -23.77
N VAL D 511 -32.28 -10.70 -24.77
CA VAL D 511 -32.73 -10.53 -26.16
C VAL D 511 -33.90 -11.41 -26.56
N SER D 512 -33.88 -12.69 -26.16
CA SER D 512 -35.08 -13.52 -26.28
C SER D 512 -36.25 -13.08 -25.37
N PRO D 513 -36.04 -13.17 -24.05
CA PRO D 513 -37.02 -12.97 -22.97
C PRO D 513 -37.44 -11.51 -22.71
N ILE D 514 -38.07 -11.36 -21.54
CA ILE D 514 -38.12 -10.09 -20.79
C ILE D 514 -39.29 -9.12 -20.98
N PHE D 515 -40.18 -9.37 -21.93
CA PHE D 515 -41.51 -8.74 -21.85
C PHE D 515 -42.62 -9.74 -22.13
N CYS D 516 -42.60 -10.13 -23.40
CA CYS D 516 -43.70 -10.77 -24.11
C CYS D 516 -43.62 -12.28 -24.34
N ASP D 517 -42.53 -12.90 -23.94
CA ASP D 517 -42.39 -14.34 -24.10
C ASP D 517 -42.52 -14.77 -25.57
N ALA D 518 -42.29 -13.84 -26.49
CA ALA D 518 -42.38 -14.15 -27.91
C ALA D 518 -43.68 -14.90 -28.19
N LYS D 519 -43.58 -15.96 -28.99
CA LYS D 519 -44.72 -16.85 -29.22
C LYS D 519 -44.23 -18.30 -29.16
N ASN D 520 -45.01 -19.16 -28.51
CA ASN D 520 -44.49 -20.47 -28.09
C ASN D 520 -44.66 -21.64 -29.06
N GLN D 521 -45.19 -21.37 -30.26
CA GLN D 521 -45.38 -22.44 -31.23
C GLN D 521 -44.05 -22.74 -31.92
N THR D 522 -43.02 -22.01 -31.51
CA THR D 522 -41.64 -22.25 -31.93
C THR D 522 -41.35 -22.00 -33.42
N GLU D 523 -42.01 -20.99 -33.98
CA GLU D 523 -41.51 -20.37 -35.20
C GLU D 523 -40.39 -19.49 -34.70
N TYR D 524 -40.29 -19.45 -33.37
CA TYR D 524 -39.20 -18.82 -32.64
C TYR D 524 -37.89 -19.51 -32.98
N ARG D 525 -37.88 -20.84 -32.86
CA ARG D 525 -36.73 -21.63 -33.30
C ARG D 525 -36.37 -21.19 -34.71
N ARG D 526 -37.40 -21.02 -35.54
CA ARG D 526 -37.20 -20.60 -36.91
C ARG D 526 -36.67 -19.17 -36.98
N GLU D 527 -37.30 -18.27 -36.24
CA GLU D 527 -36.85 -16.88 -36.21
C GLU D 527 -35.48 -16.74 -35.56
N LEU D 528 -35.15 -17.68 -34.68
CA LEU D 528 -33.83 -17.72 -34.08
C LEU D 528 -32.79 -18.12 -35.11
N GLU D 529 -33.07 -19.21 -35.81
CA GLU D 529 -32.14 -19.73 -36.80
C GLU D 529 -31.93 -18.77 -37.96
N SER D 530 -32.86 -17.82 -38.12
CA SER D 530 -32.67 -16.72 -39.05
C SER D 530 -31.83 -15.62 -38.38
N TYR D 531 -31.92 -15.57 -37.06
CA TYR D 531 -31.20 -14.58 -36.27
C TYR D 531 -29.68 -14.79 -36.35
N ALA D 532 -29.27 -15.94 -36.88
CA ALA D 532 -27.87 -16.30 -36.98
C ALA D 532 -27.30 -16.05 -38.39
N ALA D 533 -26.33 -15.14 -38.47
CA ALA D 533 -25.77 -14.71 -39.75
C ALA D 533 -24.30 -15.06 -39.83
N SER D 534 -23.89 -15.70 -40.92
CA SER D 534 -22.51 -16.12 -40.97
C SER D 534 -21.70 -15.66 -42.20
N TRP D 535 -21.79 -16.43 -43.28
CA TRP D 535 -20.86 -16.35 -44.42
C TRP D 535 -21.28 -17.30 -45.54
C1 NAG E . 49.00 12.43 -2.08
C2 NAG E . 49.89 11.74 -3.11
C3 NAG E . 50.65 10.57 -2.52
C4 NAG E . 51.31 10.94 -1.19
C5 NAG E . 50.31 11.62 -0.27
C6 NAG E . 50.98 12.13 1.00
C7 NAG E . 49.64 11.30 -5.48
C8 NAG E . 48.77 10.76 -6.58
N2 NAG E . 49.13 11.30 -4.26
O3 NAG E . 51.65 10.15 -3.43
O4 NAG E . 51.80 9.78 -0.56
O5 NAG E . 49.73 12.74 -0.92
O6 NAG E . 51.95 13.10 0.65
O7 NAG E . 50.77 11.70 -5.74
C1 NAG E . 53.23 9.66 -0.74
C2 NAG E . 53.77 8.71 0.31
C3 NAG E . 55.27 8.55 0.21
C4 NAG E . 55.68 8.26 -1.23
C5 NAG E . 55.02 9.24 -2.20
C6 NAG E . 55.38 8.90 -3.64
C7 NAG E . 52.56 8.53 2.41
C8 NAG E . 52.31 9.09 3.78
N2 NAG E . 53.41 9.19 1.64
O3 NAG E . 55.71 7.50 1.04
O4 NAG E . 57.08 8.36 -1.35
O5 NAG E . 53.62 9.21 -2.03
O6 NAG E . 55.10 7.55 -3.89
O7 NAG E . 51.98 7.51 2.04
C1 NAG F . -22.48 0.11 44.55
C2 NAG F . -22.69 0.66 45.96
C3 NAG F . -21.97 -0.16 47.01
C4 NAG F . -22.22 -1.65 46.81
C5 NAG F . -22.00 -2.05 45.36
C6 NAG F . -22.36 -3.52 45.16
C7 NAG F . -23.03 3.02 46.43
C8 NAG F . -22.44 4.41 46.45
N2 NAG F . -22.23 2.04 46.03
O3 NAG F . -22.41 0.22 48.30
O4 NAG F . -21.36 -2.40 47.65
O5 NAG F . -22.79 -1.26 44.51
O6 NAG F . -23.66 -3.76 45.63
O7 NAG F . -24.19 2.83 46.78
C1 NAG F . -22.02 -2.71 48.89
C2 NAG F . -21.41 -3.97 49.50
C3 NAG F . -22.09 -4.33 50.82
C4 NAG F . -22.21 -3.11 51.72
C5 NAG F . -22.79 -1.93 50.96
C6 NAG F . -22.89 -0.69 51.85
C7 NAG F . -20.43 -5.71 48.13
C8 NAG F . -20.65 -6.84 47.17
N2 NAG F . -21.51 -5.08 48.57
O3 NAG F . -21.33 -5.32 51.48
O4 NAG F . -23.05 -3.42 52.82
O5 NAG F . -21.99 -1.65 49.82
O6 NAG F . -22.03 -0.84 52.95
O7 NAG F . -19.28 -5.39 48.46
C1 NAG G . -22.76 39.85 -21.25
C2 NAG G . -23.44 40.58 -20.10
C3 NAG G . -24.86 40.11 -19.85
C4 NAG G . -25.64 39.98 -21.16
C5 NAG G . -24.84 39.25 -22.23
C6 NAG G . -25.59 39.29 -23.55
C7 NAG G . -22.50 41.42 -18.02
C8 NAG G . -21.82 41.09 -16.72
N2 NAG G . -22.67 40.41 -18.88
O3 NAG G . -25.52 41.02 -19.00
O4 NAG G . -26.84 39.28 -20.93
O5 NAG G . -23.57 39.87 -22.40
O6 NAG G . -25.91 40.62 -23.88
O7 NAG G . -22.88 42.57 -18.25
C1 NAG G . -27.92 40.22 -20.76
C2 NAG G . -29.25 39.51 -20.99
C3 NAG G . -30.41 40.48 -20.85
C4 NAG G . -30.29 41.29 -19.57
C5 NAG G . -28.89 41.86 -19.40
C6 NAG G . -28.75 42.59 -18.08
C7 NAG G . -29.27 37.57 -22.45
C8 NAG G . -29.40 37.05 -23.85
N2 NAG G . -29.26 38.89 -22.30
O3 NAG G . -31.63 39.76 -20.85
O4 NAG G . -31.24 42.33 -19.58
O5 NAG G . -27.93 40.84 -19.49
O6 NAG G . -28.98 41.69 -17.02
O7 NAG G . -29.17 36.79 -21.50
C1 NAG H . 1.33 -42.98 -26.06
C2 NAG H . 1.04 -43.60 -27.41
C3 NAG H . -0.46 -43.82 -27.62
C4 NAG H . -1.09 -44.49 -26.40
C5 NAG H . -0.66 -43.81 -25.11
C6 NAG H . -1.19 -44.58 -23.91
C7 NAG H . 2.52 -43.16 -29.29
C8 NAG H . 2.97 -42.19 -30.34
N2 NAG H . 1.57 -42.75 -28.46
O3 NAG H . -0.65 -44.62 -28.77
O4 NAG H . -2.49 -44.45 -26.52
O5 NAG H . 0.75 -43.75 -25.03
O6 NAG H . -0.81 -45.93 -24.03
O7 NAG H . 3.03 -44.28 -29.22
C1 NAG H . -2.97 -45.65 -27.15
C2 NAG H . -4.45 -45.80 -26.85
C3 NAG H . -5.02 -47.05 -27.50
C4 NAG H . -4.58 -47.15 -28.96
C5 NAG H . -3.09 -46.92 -29.11
C6 NAG H . -2.66 -46.96 -30.57
C7 NAG H . -5.18 -44.78 -24.78
C8 NAG H . -5.41 -44.96 -23.30
N2 NAG H . -4.67 -45.84 -25.42
O3 NAG H . -6.42 -47.04 -27.44
O4 NAG H . -4.91 -48.44 -29.46
O5 NAG H . -2.73 -45.68 -28.54
O6 NAG H . -3.44 -46.04 -31.30
O7 NAG H . -5.47 -43.73 -25.33
C1 NAG I . 58.65 -4.58 11.85
C2 NAG I . 59.46 -3.33 12.17
C3 NAG I . 60.94 -3.68 12.37
C4 NAG I . 61.09 -4.84 13.34
C5 NAG I . 60.20 -6.00 12.93
C6 NAG I . 60.30 -7.14 13.95
C7 NAG I . 58.69 -1.20 11.31
C8 NAG I . 58.92 -0.11 10.31
N2 NAG I . 59.32 -2.35 11.11
O3 NAG I . 61.62 -2.55 12.87
O4 NAG I . 62.43 -5.26 13.37
O5 NAG I . 58.86 -5.58 12.82
O6 NAG I . 59.46 -8.20 13.54
O7 NAG I . 57.94 -1.01 12.28
C1 NAG J . 27.14 6.46 -20.54
C2 NAG J . 25.96 6.73 -21.46
C3 NAG J . 26.39 6.69 -22.92
C4 NAG J . 27.62 7.55 -23.14
C5 NAG J . 28.70 7.20 -22.13
C6 NAG J . 29.90 8.13 -22.29
C7 NAG J . 23.62 6.11 -21.22
C8 NAG J . 22.63 4.98 -21.10
N2 NAG J . 24.91 5.76 -21.23
O3 NAG J . 25.34 7.17 -23.72
O4 NAG J . 28.10 7.33 -24.45
O5 NAG J . 28.22 7.32 -20.81
O6 NAG J . 29.44 9.46 -22.14
O7 NAG J . 23.24 7.27 -21.31
C1 NAG K . -8.04 -14.90 58.70
C2 NAG K . -8.87 -15.89 57.91
C3 NAG K . -8.66 -17.33 58.39
C4 NAG K . -7.18 -17.64 58.45
C5 NAG K . -6.41 -16.56 59.23
C6 NAG K . -4.92 -16.84 59.18
C7 NAG K . -10.98 -15.24 56.90
C8 NAG K . -12.42 -14.85 57.10
N2 NAG K . -10.28 -15.55 57.98
O3 NAG K . -9.30 -18.23 57.52
O4 NAG K . -6.98 -18.89 59.06
O5 NAG K . -6.67 -15.28 58.68
O6 NAG K . -4.23 -15.79 59.82
O7 NAG K . -10.50 -15.26 55.76
C1 NAG L . -16.63 29.36 47.45
C2 NAG L . -17.90 30.06 46.98
C3 NAG L . -17.95 31.48 47.50
C4 NAG L . -17.67 31.51 49.00
C5 NAG L . -16.41 30.74 49.34
C6 NAG L . -16.18 30.69 50.84
C7 NAG L . -19.05 29.70 44.87
C8 NAG L . -18.98 29.70 43.38
N2 NAG L . -17.96 30.07 45.53
O3 NAG L . -19.22 32.02 47.25
O4 NAG L . -17.53 32.85 49.43
O5 NAG L . -16.52 29.42 48.85
O6 NAG L . -17.33 30.15 51.46
O7 NAG L . -20.09 29.34 45.44
C1 NAG M . -8.68 32.31 4.64
C2 NAG M . -8.81 33.77 5.05
C3 NAG M . -8.66 33.95 6.55
C4 NAG M . -9.53 32.95 7.31
C5 NAG M . -9.26 31.54 6.80
C6 NAG M . -10.12 30.52 7.53
C7 NAG M . -8.17 35.60 3.59
C8 NAG M . -7.06 36.29 2.86
N2 NAG M . -7.82 34.58 4.37
O3 NAG M . -9.03 35.25 6.92
O4 NAG M . -9.25 33.02 8.68
O5 NAG M . -9.50 31.47 5.41
O6 NAG M . -11.48 30.85 7.39
O7 NAG M . -9.33 35.98 3.45
C1 NAG N . -23.53 -47.87 -31.02
C2 NAG N . -24.17 -47.39 -29.72
C3 NAG N . -25.19 -48.37 -29.18
C4 NAG N . -26.15 -48.76 -30.29
C5 NAG N . -25.40 -49.30 -31.49
C6 NAG N . -26.37 -49.63 -32.61
C7 NAG N . -23.36 -46.23 -27.75
C8 NAG N . -22.33 -46.18 -26.65
N2 NAG N . -23.16 -47.13 -28.71
O3 NAG N . -25.89 -47.77 -28.13
O4 NAG N . -27.07 -49.74 -29.82
O5 NAG N . -24.50 -48.31 -31.95
O6 NAG N . -27.29 -48.55 -32.74
O7 NAG N . -24.32 -45.46 -27.74
C1 NAG O . 15.87 -27.53 -48.82
C2 NAG O . 17.27 -28.06 -49.08
C3 NAG O . 18.02 -27.16 -50.07
C4 NAG O . 17.16 -26.86 -51.29
C5 NAG O . 15.77 -26.36 -50.86
C6 NAG O . 14.88 -26.12 -52.07
C7 NAG O . 18.38 -29.32 -47.33
C8 NAG O . 19.09 -29.28 -46.01
N2 NAG O . 18.01 -28.15 -47.84
O3 NAG O . 19.21 -27.80 -50.47
O4 NAG O . 17.78 -25.88 -52.08
O5 NAG O . 15.16 -27.30 -50.02
O6 NAG O . 14.19 -27.30 -52.39
O7 NAG O . 18.17 -30.39 -47.89
#